data_6WB6
#
_entry.id   6WB6
#
_cell.length_a   64.493
_cell.length_b   139.062
_cell.length_c   146.696
_cell.angle_alpha   90.000
_cell.angle_beta   90.000
_cell.angle_gamma   90.000
#
_symmetry.space_group_name_H-M   'P 21 21 21'
#
loop_
_entity.id
_entity.type
_entity.pdbx_description
1 polymer Transferrin
2 branched 2-acetamido-2-deoxy-beta-D-glucopyranose-(1-4)-2-acetamido-2-deoxy-beta-D-glucopyranose
3 non-polymer 'FE (III) ION'
4 non-polymer 'CARBONATE ION'
5 non-polymer 'TETRAETHYLENE GLYCOL'
6 water water
#
_entity_poly.entity_id   1
_entity_poly.type   'polypeptide(L)'
_entity_poly.pdbx_seq_one_letter_code
;AKSSYKLCVPAAYMKDCEQMLEVPTKSKVALECVPARDRVECLSFVQQRQADFVPVDPEDMYVASKIPNQDFVVFQEYRT
DEEPDAPFRYEAVIVVHKDLPINNLDQLKGLRSCHTGVNRNVGYKIPLTMLMKRAVFPKMNDHSISPKENELKALSTFFA
KSCIVGKWSPDPKTNSAWKSQYSHLCSMCEHPERCDYPDNYSGYEGALRCLAHNNGEVAFTKVIFTRKFFGLPVGTTPAS
PSNENPEEFRYLCVDGSKAPITGKACSWAARPWQGLIGHNDVLAKLAPLREKVKQLADSGAADKPEWFTKVLGLSEKIHH
VADNIPIKPIDYLNKANYTEVIERGHGAPELVVRLCVTSNVALSKCRAMSVFAFSRDIRPILDCVQENSEDACLKSVQDN
GSDLASVDDMRVAAAAKKYNLHPVFHEVYGELKTPNYAVAVVKKGTAYNKIDDLRGKKSCHSSYSTFSGLHAPLFYLINK
RAIQSDHCVKNLGEFFSGGSCLPGVDKPENNPSGDDVSKLKKQCGSDSSAWKCLEEDRGDVAFVSSADLSHFDANQYELL
CLNRDAGGRDVLSSFATCNVAMAPSRTWVAAKDFLSDVSIAHTPLSLAQMLATRPDLFNIYGEFLKNNNVIFNNAAKGLA
TTEKLDFEKFKTIHDVISSCGLA
;
_entity_poly.pdbx_strand_id   A,B
#
# COMPACT_ATOMS: atom_id res chain seq x y z
N SER A 3 0.11 -16.93 -31.31
CA SER A 3 1.53 -17.19 -31.52
C SER A 3 2.42 -16.16 -30.83
N SER A 4 2.09 -15.84 -29.58
CA SER A 4 2.96 -15.01 -28.78
C SER A 4 3.55 -15.84 -27.64
N TYR A 5 4.54 -15.25 -26.96
CA TYR A 5 5.02 -15.77 -25.68
C TYR A 5 4.13 -15.21 -24.58
N LYS A 6 3.39 -16.08 -23.92
CA LYS A 6 2.39 -15.67 -22.96
C LYS A 6 3.04 -15.62 -21.60
N LEU A 7 3.01 -14.45 -20.99
CA LEU A 7 3.59 -14.25 -19.67
C LEU A 7 2.47 -14.20 -18.66
N CYS A 8 2.49 -15.11 -17.68
CA CYS A 8 1.47 -15.06 -16.67
C CYS A 8 1.85 -14.02 -15.64
N VAL A 9 0.83 -13.40 -15.05
CA VAL A 9 1.04 -12.22 -14.22
C VAL A 9 -0.11 -12.20 -13.22
N PRO A 10 0.16 -12.08 -11.93
CA PRO A 10 -0.92 -11.85 -10.97
C PRO A 10 -1.84 -10.74 -11.47
N ALA A 11 -3.15 -11.02 -11.39
CA ALA A 11 -4.18 -10.10 -11.88
C ALA A 11 -3.95 -8.67 -11.41
N ALA A 12 -3.54 -8.49 -10.16
CA ALA A 12 -3.33 -7.15 -9.64
C ALA A 12 -2.33 -6.35 -10.46
N TYR A 13 -1.47 -7.00 -11.23
CA TYR A 13 -0.38 -6.33 -11.92
C TYR A 13 -0.57 -6.33 -13.44
N MET A 14 -1.77 -6.65 -13.89
CA MET A 14 -2.05 -6.67 -15.33
C MET A 14 -1.69 -5.34 -15.99
N LYS A 15 -2.16 -4.24 -15.42
CA LYS A 15 -1.84 -2.95 -16.04
C LYS A 15 -0.34 -2.74 -16.10
N ASP A 16 0.41 -3.27 -15.14
CA ASP A 16 1.86 -3.09 -15.19
C ASP A 16 2.47 -3.92 -16.30
N CYS A 17 1.91 -5.10 -16.53
CA CYS A 17 2.43 -5.92 -17.62
C CYS A 17 2.14 -5.26 -18.96
N GLU A 18 1.05 -4.50 -19.05
CA GLU A 18 0.69 -3.85 -20.30
C GLU A 18 1.64 -2.71 -20.60
N GLN A 19 1.93 -1.88 -19.60
CA GLN A 19 2.95 -0.85 -19.77
C GLN A 19 4.27 -1.47 -20.19
N MET A 20 4.60 -2.64 -19.62
CA MET A 20 5.81 -3.33 -20.03
C MET A 20 5.77 -3.69 -21.51
N LEU A 21 4.61 -4.15 -21.98
CA LEU A 21 4.51 -4.52 -23.38
C LEU A 21 4.70 -3.33 -24.30
N GLU A 22 4.68 -2.10 -23.79
CA GLU A 22 4.92 -0.91 -24.57
C GLU A 22 6.38 -0.45 -24.52
N VAL A 23 7.19 -1.04 -23.65
CA VAL A 23 8.63 -0.72 -23.60
C VAL A 23 9.23 -1.05 -24.95
N PRO A 24 9.84 -0.09 -25.65
CA PRO A 24 10.54 -0.44 -26.89
C PRO A 24 11.75 -1.32 -26.61
N THR A 25 11.99 -2.27 -27.53
CA THR A 25 13.12 -3.16 -27.44
C THR A 25 13.54 -3.54 -28.84
N LYS A 26 14.81 -3.92 -28.98
CA LYS A 26 15.31 -4.43 -30.24
C LYS A 26 14.56 -5.69 -30.64
N SER A 27 14.29 -6.56 -29.68
CA SER A 27 13.55 -7.78 -29.97
C SER A 27 12.11 -7.41 -30.33
N LYS A 28 11.59 -8.02 -31.39
CA LYS A 28 10.22 -7.80 -31.83
C LYS A 28 9.31 -8.94 -31.41
N VAL A 29 9.84 -9.90 -30.65
CA VAL A 29 9.04 -10.92 -29.97
C VAL A 29 7.76 -10.26 -29.44
N ALA A 30 6.61 -10.85 -29.75
CA ALA A 30 5.34 -10.44 -29.15
C ALA A 30 5.13 -11.18 -27.83
N LEU A 31 5.01 -10.43 -26.74
CA LEU A 31 4.59 -10.96 -25.45
C LEU A 31 3.13 -10.59 -25.19
N GLU A 32 2.41 -11.49 -24.53
CA GLU A 32 1.08 -11.16 -24.06
C GLU A 32 1.01 -11.42 -22.57
N CYS A 33 0.19 -10.62 -21.92
CA CYS A 33 -0.08 -10.74 -20.50
C CYS A 33 -1.27 -11.67 -20.32
N VAL A 34 -1.10 -12.74 -19.54
CA VAL A 34 -2.18 -13.63 -19.12
C VAL A 34 -2.38 -13.43 -17.62
N PRO A 35 -3.52 -12.91 -17.17
CA PRO A 35 -3.70 -12.75 -15.72
C PRO A 35 -3.91 -14.08 -15.03
N ALA A 36 -3.44 -14.17 -13.80
CA ALA A 36 -3.80 -15.27 -12.94
C ALA A 36 -4.15 -14.72 -11.56
N ARG A 37 -4.72 -15.59 -10.73
CA ARG A 37 -5.05 -15.22 -9.37
C ARG A 37 -3.79 -14.88 -8.59
N ASP A 38 -2.72 -15.59 -8.86
CA ASP A 38 -1.44 -15.40 -8.19
C ASP A 38 -0.44 -16.30 -8.88
N ARG A 39 0.82 -16.23 -8.43
CA ARG A 39 1.85 -17.05 -9.04
C ARG A 39 1.53 -18.53 -8.95
N VAL A 40 0.97 -19.00 -7.83
CA VAL A 40 0.65 -20.43 -7.73
C VAL A 40 -0.26 -20.83 -8.88
N GLU A 41 -1.36 -20.10 -9.10
CA GLU A 41 -2.19 -20.37 -10.25
C GLU A 41 -1.42 -20.27 -11.57
N CYS A 42 -0.49 -19.29 -11.67
CA CYS A 42 0.25 -19.11 -12.92
C CYS A 42 0.94 -20.39 -13.34
N LEU A 43 1.52 -21.12 -12.39
CA LEU A 43 2.21 -22.36 -12.73
C LEU A 43 1.24 -23.35 -13.38
N SER A 44 -0.01 -23.40 -12.87
CA SER A 44 -1.01 -24.27 -13.48
C SER A 44 -1.29 -23.85 -14.92
N PHE A 45 -1.46 -22.54 -15.14
CA PHE A 45 -1.68 -22.03 -16.49
C PHE A 45 -0.48 -22.30 -17.38
N VAL A 46 0.73 -22.33 -16.83
CA VAL A 46 1.89 -22.62 -17.66
C VAL A 46 1.86 -24.08 -18.07
N GLN A 47 1.63 -24.97 -17.10
CA GLN A 47 1.52 -26.39 -17.44
C GLN A 47 0.42 -26.60 -18.46
N GLN A 48 -0.71 -25.93 -18.28
CA GLN A 48 -1.88 -26.05 -19.16
C GLN A 48 -1.73 -25.27 -20.46
N ARG A 49 -0.62 -24.57 -20.68
CA ARG A 49 -0.36 -23.80 -21.88
C ARG A 49 -1.29 -22.62 -22.09
N GLN A 50 -2.04 -22.17 -21.08
CA GLN A 50 -2.67 -20.85 -21.20
C GLN A 50 -1.67 -19.73 -21.00
N ALA A 51 -0.48 -20.04 -20.55
CA ALA A 51 0.63 -19.12 -20.52
C ALA A 51 1.84 -19.93 -20.90
N ASP A 52 2.92 -19.24 -21.22
CA ASP A 52 4.13 -19.91 -21.63
C ASP A 52 5.25 -19.84 -20.61
N PHE A 53 5.25 -18.81 -19.76
CA PHE A 53 6.29 -18.70 -18.73
C PHE A 53 5.86 -17.73 -17.66
N VAL A 54 6.59 -17.78 -16.55
CA VAL A 54 6.30 -16.99 -15.37
C VAL A 54 7.55 -16.91 -14.52
N PRO A 55 7.80 -15.79 -13.85
CA PRO A 55 8.92 -15.71 -12.90
C PRO A 55 8.65 -16.54 -11.66
N VAL A 56 9.70 -17.15 -11.14
CA VAL A 56 9.58 -18.08 -10.01
C VAL A 56 10.75 -17.85 -9.06
N ASP A 57 10.47 -17.90 -7.76
CA ASP A 57 11.50 -18.20 -6.78
C ASP A 57 11.74 -19.71 -6.78
N PRO A 58 12.87 -20.16 -6.21
CA PRO A 58 13.10 -21.61 -6.07
C PRO A 58 11.96 -22.35 -5.36
N GLU A 59 11.38 -21.72 -4.35
CA GLU A 59 10.19 -22.28 -3.71
C GLU A 59 9.06 -22.51 -4.72
N ASP A 60 8.92 -21.62 -5.72
CA ASP A 60 7.86 -21.78 -6.72
C ASP A 60 8.17 -22.92 -7.69
N MET A 61 9.44 -23.06 -8.07
CA MET A 61 9.86 -24.19 -8.89
C MET A 61 9.48 -25.50 -8.23
N TYR A 62 9.70 -25.56 -6.91
CA TYR A 62 9.30 -26.74 -6.17
C TYR A 62 7.80 -26.97 -6.28
N VAL A 63 6.99 -25.93 -6.05
CA VAL A 63 5.55 -26.08 -6.27
C VAL A 63 5.30 -26.60 -7.67
N ALA A 64 6.08 -26.10 -8.62
CA ALA A 64 5.83 -26.40 -10.01
C ALA A 64 6.21 -27.84 -10.32
N SER A 65 7.28 -28.33 -9.69
CA SER A 65 7.76 -29.67 -9.91
C SER A 65 6.82 -30.73 -9.38
N LYS A 66 5.82 -30.33 -8.58
CA LYS A 66 4.87 -31.28 -8.01
C LYS A 66 3.56 -31.33 -8.78
N ILE A 67 3.41 -30.52 -9.82
CA ILE A 67 2.15 -30.57 -10.56
C ILE A 67 2.06 -31.90 -11.30
N PRO A 68 0.95 -32.62 -11.22
CA PRO A 68 0.90 -33.93 -11.87
C PRO A 68 1.24 -33.80 -13.35
N ASN A 69 2.16 -34.64 -13.79
CA ASN A 69 2.59 -34.73 -15.19
C ASN A 69 3.36 -33.50 -15.66
N GLN A 70 3.91 -32.70 -14.76
CA GLN A 70 4.48 -31.43 -15.19
C GLN A 70 5.65 -31.66 -16.14
N ASP A 71 5.84 -30.72 -17.07
CA ASP A 71 6.98 -30.71 -17.97
C ASP A 71 7.61 -29.31 -18.01
N PHE A 72 7.65 -28.66 -16.84
CA PHE A 72 8.27 -27.36 -16.70
C PHE A 72 9.75 -27.42 -17.06
N VAL A 73 10.30 -26.24 -17.37
CA VAL A 73 11.73 -26.11 -17.60
C VAL A 73 12.15 -24.75 -17.07
N VAL A 74 13.14 -24.72 -16.19
CA VAL A 74 13.76 -23.47 -15.79
C VAL A 74 14.75 -23.10 -16.88
N PHE A 75 14.40 -22.10 -17.70
CA PHE A 75 15.21 -21.71 -18.84
C PHE A 75 15.90 -20.37 -18.64
N GLN A 76 15.74 -19.73 -17.49
CA GLN A 76 16.32 -18.41 -17.27
C GLN A 76 16.63 -18.22 -15.79
N GLU A 77 17.84 -17.75 -15.50
CA GLU A 77 18.25 -17.40 -14.14
C GLU A 77 18.42 -15.89 -14.04
N TYR A 78 17.89 -15.33 -12.95
CA TYR A 78 18.15 -13.95 -12.56
C TYR A 78 19.32 -13.93 -11.57
N ARG A 79 20.39 -13.24 -11.94
CA ARG A 79 21.60 -13.19 -11.14
C ARG A 79 21.92 -11.74 -10.80
N THR A 80 23.04 -11.53 -10.09
CA THR A 80 23.48 -10.19 -9.77
C THR A 80 24.55 -9.77 -10.77
N ASP A 81 24.72 -8.46 -10.92
CA ASP A 81 25.84 -7.94 -11.70
C ASP A 81 27.15 -8.18 -10.97
N GLU A 82 27.11 -8.29 -9.64
CA GLU A 82 28.28 -8.62 -8.86
C GLU A 82 28.72 -10.05 -9.11
N GLU A 83 27.78 -10.97 -9.28
CA GLU A 83 28.09 -12.39 -9.49
C GLU A 83 27.35 -12.95 -10.71
N PRO A 84 27.59 -12.38 -11.89
CA PRO A 84 26.82 -12.80 -13.08
C PRO A 84 27.08 -14.25 -13.47
N ASP A 85 28.21 -14.81 -13.08
CA ASP A 85 28.60 -16.16 -13.46
C ASP A 85 28.48 -17.18 -12.35
N ALA A 86 28.06 -16.79 -11.16
CA ALA A 86 27.91 -17.75 -10.08
C ALA A 86 26.67 -18.62 -10.30
N PRO A 87 26.78 -19.93 -10.11
CA PRO A 87 25.62 -20.81 -10.36
C PRO A 87 24.46 -20.60 -9.41
N PHE A 88 24.72 -20.06 -8.22
CA PHE A 88 23.74 -19.94 -7.16
C PHE A 88 23.68 -18.51 -6.63
N ARG A 89 22.50 -18.13 -6.15
CA ARG A 89 22.35 -16.84 -5.51
C ARG A 89 23.36 -16.69 -4.38
N TYR A 90 23.49 -17.69 -3.53
CA TYR A 90 24.50 -17.65 -2.44
C TYR A 90 24.72 -19.03 -1.85
N GLU A 91 25.95 -19.29 -1.55
CA GLU A 91 26.37 -20.53 -0.93
C GLU A 91 26.41 -20.35 0.58
N ALA A 92 25.88 -21.36 1.28
CA ALA A 92 25.85 -21.39 2.72
C ALA A 92 27.17 -21.95 3.21
N VAL A 93 27.75 -21.33 4.23
CA VAL A 93 29.03 -21.78 4.73
C VAL A 93 28.97 -21.82 6.24
N ILE A 94 29.91 -22.57 6.80
CA ILE A 94 30.17 -22.67 8.23
C ILE A 94 31.55 -22.06 8.47
N VAL A 95 31.64 -21.06 9.34
CA VAL A 95 32.89 -20.34 9.57
C VAL A 95 33.29 -20.48 11.04
N VAL A 96 34.54 -20.90 11.26
CA VAL A 96 35.09 -21.15 12.59
C VAL A 96 36.44 -20.44 12.71
N HIS A 97 36.91 -20.33 13.96
CA HIS A 97 38.28 -19.88 14.21
C HIS A 97 39.23 -20.99 13.78
N LYS A 98 40.38 -20.59 13.22
CA LYS A 98 41.29 -21.61 12.66
C LYS A 98 41.71 -22.65 13.69
N ASP A 99 41.85 -22.25 14.94
CA ASP A 99 42.30 -23.12 16.02
C ASP A 99 41.17 -23.88 16.70
N LEU A 100 39.93 -23.73 16.27
CA LEU A 100 38.86 -24.54 16.87
C LEU A 100 39.19 -26.02 16.73
N PRO A 101 39.31 -26.76 17.83
CA PRO A 101 39.53 -28.20 17.72
C PRO A 101 38.29 -28.87 17.19
N ILE A 102 38.32 -29.24 15.91
CA ILE A 102 37.15 -29.85 15.28
C ILE A 102 37.63 -30.61 14.06
N ASN A 103 37.08 -31.80 13.88
CA ASN A 103 37.39 -32.61 12.70
C ASN A 103 36.17 -33.36 12.19
N ASN A 104 34.97 -32.98 12.63
CA ASN A 104 33.72 -33.65 12.28
C ASN A 104 32.57 -32.72 12.63
N LEU A 105 31.52 -32.70 11.80
CA LEU A 105 30.43 -31.77 12.11
C LEU A 105 29.64 -32.18 13.35
N ASP A 106 29.80 -33.42 13.82
CA ASP A 106 29.20 -33.77 15.11
C ASP A 106 29.74 -32.88 16.22
N GLN A 107 30.95 -32.37 16.06
CA GLN A 107 31.59 -31.55 17.07
C GLN A 107 31.12 -30.11 17.04
N LEU A 108 30.13 -29.79 16.22
CA LEU A 108 29.48 -28.49 16.37
C LEU A 108 28.66 -28.45 17.64
N LYS A 109 28.40 -29.62 18.23
CA LYS A 109 27.61 -29.71 19.45
C LYS A 109 28.33 -28.99 20.57
N GLY A 110 27.56 -28.26 21.38
CA GLY A 110 28.11 -27.56 22.50
C GLY A 110 28.79 -26.26 22.16
N LEU A 111 28.85 -25.88 20.88
CA LEU A 111 29.52 -24.64 20.51
C LEU A 111 28.58 -23.46 20.70
N ARG A 112 29.18 -22.28 20.86
CA ARG A 112 28.46 -21.03 20.78
C ARG A 112 28.34 -20.62 19.31
N SER A 113 27.09 -20.56 18.82
CA SER A 113 26.77 -20.49 17.39
C SER A 113 26.21 -19.13 17.01
N CYS A 114 26.62 -18.64 15.83
CA CYS A 114 26.26 -17.33 15.34
C CYS A 114 25.46 -17.47 14.06
N HIS A 115 24.22 -17.03 14.10
CA HIS A 115 23.26 -17.26 13.05
C HIS A 115 22.84 -15.93 12.46
N THR A 116 22.44 -15.94 11.20
CA THR A 116 21.90 -14.73 10.59
C THR A 116 20.62 -14.33 11.28
N GLY A 117 19.69 -15.27 11.38
CA GLY A 117 18.42 -15.00 12.03
C GLY A 117 17.46 -16.11 11.71
N VAL A 118 16.34 -16.10 12.42
CA VAL A 118 15.39 -17.20 12.29
C VAL A 118 14.79 -17.25 10.89
N ASN A 119 14.56 -18.46 10.42
CA ASN A 119 13.85 -18.77 9.20
C ASN A 119 14.61 -18.35 7.97
N ARG A 120 15.88 -18.04 8.11
CA ARG A 120 16.69 -17.65 6.95
C ARG A 120 17.46 -18.85 6.42
N ASN A 121 17.98 -18.71 5.20
CA ASN A 121 18.54 -19.88 4.52
C ASN A 121 19.88 -20.36 5.07
N VAL A 122 20.94 -19.56 4.96
CA VAL A 122 22.26 -20.08 5.33
C VAL A 122 22.39 -20.15 6.83
N GLY A 123 21.69 -19.28 7.54
CA GLY A 123 21.87 -19.22 8.97
C GLY A 123 20.89 -20.01 9.78
N TYR A 124 19.94 -20.69 9.15
CA TYR A 124 18.95 -21.43 9.93
C TYR A 124 18.37 -22.67 9.23
N LYS A 125 17.67 -22.47 8.11
CA LYS A 125 17.03 -23.57 7.41
C LYS A 125 18.04 -24.57 6.89
N ILE A 126 19.13 -24.10 6.31
CA ILE A 126 20.14 -25.01 5.79
C ILE A 126 20.79 -25.72 6.99
N PRO A 127 21.32 -25.01 7.97
CA PRO A 127 21.91 -25.73 9.11
C PRO A 127 20.97 -26.75 9.70
N LEU A 128 19.69 -26.40 9.86
CA LEU A 128 18.77 -27.38 10.41
C LEU A 128 18.63 -28.57 9.48
N THR A 129 18.59 -28.32 8.16
CA THR A 129 18.40 -29.40 7.20
C THR A 129 19.55 -30.40 7.26
N MET A 130 20.79 -29.90 7.40
CA MET A 130 21.96 -30.78 7.35
C MET A 130 22.24 -31.43 8.70
N LEU A 131 22.24 -30.65 9.77
CA LEU A 131 22.54 -31.19 11.09
C LEU A 131 21.55 -32.26 11.51
N MET A 132 20.27 -32.07 11.20
CA MET A 132 19.26 -33.01 11.61
C MET A 132 19.50 -34.41 11.03
N LYS A 133 20.33 -34.51 10.00
CA LYS A 133 20.74 -35.81 9.52
C LYS A 133 21.75 -36.49 10.41
N ARG A 134 22.12 -35.87 11.54
CA ARG A 134 23.22 -36.37 12.34
C ARG A 134 22.66 -36.87 13.66
N ALA A 135 23.05 -38.09 14.04
CA ALA A 135 22.49 -38.68 15.25
C ALA A 135 22.72 -37.81 16.47
N VAL A 136 23.82 -37.06 16.49
CA VAL A 136 24.13 -36.26 17.67
C VAL A 136 23.12 -35.12 17.84
N PHE A 137 22.46 -34.73 16.77
CA PHE A 137 21.53 -33.59 16.81
C PHE A 137 20.21 -33.99 17.46
N PRO A 138 19.67 -33.16 18.37
CA PRO A 138 18.40 -33.54 19.02
C PRO A 138 17.31 -33.80 18.00
N LYS A 139 16.43 -34.73 18.36
CA LYS A 139 15.25 -35.02 17.57
C LYS A 139 14.22 -33.93 17.76
N MET A 140 13.31 -33.84 16.80
CA MET A 140 12.39 -32.71 16.74
C MET A 140 10.94 -33.16 16.55
N ASN A 141 10.60 -34.38 16.96
CA ASN A 141 9.26 -34.92 16.81
C ASN A 141 8.56 -35.09 18.15
N ASP A 142 8.96 -34.32 19.15
CA ASP A 142 8.19 -34.18 20.39
C ASP A 142 6.87 -33.55 20.01
N HIS A 143 5.77 -34.30 20.11
CA HIS A 143 4.50 -33.76 19.66
C HIS A 143 3.70 -33.09 20.77
N SER A 144 4.28 -32.96 21.98
CA SER A 144 3.64 -32.07 22.94
C SER A 144 3.77 -30.61 22.52
N ILE A 145 4.69 -30.29 21.61
CA ILE A 145 4.88 -28.92 21.16
C ILE A 145 4.86 -28.87 19.63
N SER A 146 4.85 -27.65 19.10
CA SER A 146 4.79 -27.44 17.67
C SER A 146 6.13 -27.72 16.99
N PRO A 147 6.11 -27.94 15.67
CA PRO A 147 7.37 -28.06 14.93
C PRO A 147 8.33 -26.87 15.11
N LYS A 148 7.82 -25.63 15.14
CA LYS A 148 8.73 -24.51 15.32
C LYS A 148 9.40 -24.61 16.68
N GLU A 149 8.64 -24.94 17.72
CA GLU A 149 9.27 -25.09 19.03
C GLU A 149 10.24 -26.26 19.05
N ASN A 150 9.94 -27.34 18.33
CA ASN A 150 10.87 -28.46 18.31
C ASN A 150 12.26 -28.02 17.79
N GLU A 151 12.30 -27.18 16.77
CA GLU A 151 13.55 -26.70 16.18
C GLU A 151 14.33 -25.86 17.16
N LEU A 152 13.63 -24.92 17.80
CA LEU A 152 14.26 -24.02 18.74
C LEU A 152 14.76 -24.79 19.96
N LYS A 153 14.00 -25.79 20.42
CA LYS A 153 14.48 -26.63 21.50
C LYS A 153 15.71 -27.38 21.05
N ALA A 154 15.66 -27.93 19.84
CA ALA A 154 16.79 -28.66 19.29
C ALA A 154 18.03 -27.76 19.24
N LEU A 155 17.89 -26.57 18.69
CA LEU A 155 19.05 -25.70 18.62
C LEU A 155 19.57 -25.34 20.02
N SER A 156 18.67 -24.96 20.95
CA SER A 156 19.12 -24.51 22.27
C SER A 156 19.70 -25.62 23.12
N THR A 157 19.41 -26.88 22.76
CA THR A 157 19.98 -28.06 23.39
C THR A 157 21.27 -28.52 22.72
N PHE A 158 21.50 -28.20 21.45
CA PHE A 158 22.68 -28.66 20.75
C PHE A 158 23.82 -27.66 20.90
N PHE A 159 23.54 -26.40 20.67
CA PHE A 159 24.51 -25.34 20.88
C PHE A 159 24.44 -24.89 22.32
N ALA A 160 25.60 -24.49 22.84
CA ALA A 160 25.67 -23.95 24.20
C ALA A 160 24.94 -22.63 24.27
N LYS A 161 25.24 -21.75 23.33
CA LYS A 161 24.59 -20.47 23.21
C LYS A 161 24.49 -20.17 21.73
N SER A 162 23.58 -19.29 21.36
CA SER A 162 23.49 -18.87 19.98
C SER A 162 23.05 -17.42 19.91
N CYS A 163 23.03 -16.89 18.68
CA CYS A 163 22.28 -15.68 18.39
C CYS A 163 21.35 -15.97 17.23
N ILE A 164 20.05 -16.06 17.50
CA ILE A 164 19.08 -16.33 16.45
C ILE A 164 17.90 -15.38 16.60
N VAL A 165 18.04 -14.18 16.05
CA VAL A 165 17.07 -13.11 16.24
C VAL A 165 15.89 -13.26 15.30
N GLY A 166 14.86 -12.48 15.54
CA GLY A 166 13.75 -12.37 14.61
C GLY A 166 12.48 -12.90 15.22
N LYS A 167 11.47 -13.03 14.37
CA LYS A 167 10.14 -13.47 14.79
C LYS A 167 10.09 -14.99 14.72
N TRP A 168 10.31 -15.64 15.86
CA TRP A 168 10.26 -17.09 15.94
C TRP A 168 8.84 -17.61 15.77
N SER A 169 7.87 -16.88 16.29
CA SER A 169 6.47 -17.13 16.05
C SER A 169 5.81 -15.90 15.47
N PRO A 170 4.88 -16.07 14.52
CA PRO A 170 4.05 -14.92 14.12
C PRO A 170 3.12 -14.44 15.20
N ASP A 171 2.94 -15.19 16.28
CA ASP A 171 2.08 -14.73 17.36
C ASP A 171 2.94 -14.02 18.37
N PRO A 172 2.73 -12.71 18.59
CA PRO A 172 3.64 -11.96 19.47
C PRO A 172 3.81 -12.57 20.84
N LYS A 173 2.73 -13.00 21.49
CA LYS A 173 2.86 -13.56 22.84
C LYS A 173 3.61 -14.87 22.83
N THR A 174 3.44 -15.67 21.77
CA THR A 174 4.17 -16.93 21.71
C THR A 174 5.64 -16.67 21.52
N ASN A 175 5.96 -15.70 20.67
CA ASN A 175 7.33 -15.32 20.38
C ASN A 175 8.04 -14.85 21.64
N SER A 176 7.39 -14.02 22.44
CA SER A 176 7.98 -13.55 23.68
C SER A 176 8.22 -14.71 24.63
N ALA A 177 7.18 -15.53 24.86
CA ALA A 177 7.34 -16.67 25.75
C ALA A 177 8.47 -17.58 25.31
N TRP A 178 8.61 -17.77 24.01
CA TRP A 178 9.66 -18.66 23.52
C TRP A 178 11.03 -18.01 23.68
N LYS A 179 11.10 -16.69 23.51
CA LYS A 179 12.36 -16.00 23.69
C LYS A 179 12.83 -16.10 25.13
N SER A 180 11.88 -16.13 26.09
CA SER A 180 12.21 -16.41 27.48
C SER A 180 12.68 -17.83 27.67
N GLN A 181 11.88 -18.82 27.23
CA GLN A 181 12.17 -20.22 27.58
C GLN A 181 13.46 -20.73 26.94
N TYR A 182 13.82 -20.21 25.76
CA TYR A 182 15.01 -20.63 25.01
C TYR A 182 15.95 -19.44 24.85
N SER A 183 16.10 -18.67 25.92
CA SER A 183 16.92 -17.47 25.91
C SER A 183 18.35 -17.73 25.44
N HIS A 184 18.85 -18.94 25.65
CA HIS A 184 20.19 -19.29 25.20
C HIS A 184 20.38 -18.99 23.70
N LEU A 185 19.29 -19.03 22.94
CA LEU A 185 19.37 -18.76 21.51
C LEU A 185 19.61 -17.29 21.19
N CYS A 186 19.58 -16.43 22.22
CA CYS A 186 19.76 -14.99 22.09
C CYS A 186 20.97 -14.45 22.85
N SER A 187 21.72 -15.32 23.54
CA SER A 187 22.77 -14.89 24.48
C SER A 187 24.01 -14.39 23.77
N MET A 188 24.24 -14.80 22.53
CA MET A 188 25.32 -14.31 21.71
C MET A 188 24.98 -13.01 20.97
N CYS A 189 23.74 -12.56 21.04
CA CYS A 189 23.34 -11.37 20.28
C CYS A 189 23.81 -10.08 20.95
N GLU A 190 23.79 -9.01 20.15
CA GLU A 190 24.17 -7.72 20.68
C GLU A 190 23.23 -7.30 21.80
N HIS A 191 21.93 -7.56 21.62
CA HIS A 191 20.94 -7.23 22.65
C HIS A 191 20.09 -8.46 22.92
N PRO A 192 20.49 -9.28 23.91
CA PRO A 192 19.81 -10.58 24.09
C PRO A 192 18.38 -10.49 24.54
N GLU A 193 18.02 -9.53 25.38
CA GLU A 193 16.64 -9.43 25.84
C GLU A 193 15.68 -9.20 24.67
N ARG A 194 16.14 -8.51 23.64
CA ARG A 194 15.32 -8.14 22.48
C ARG A 194 15.35 -9.19 21.38
N CYS A 195 16.54 -9.72 21.08
CA CYS A 195 16.68 -10.85 20.16
C CYS A 195 15.95 -10.56 18.86
N ASP A 196 16.00 -9.31 18.42
CA ASP A 196 15.35 -8.92 17.17
C ASP A 196 16.31 -8.07 16.35
N TYR A 197 15.99 -7.90 15.07
CA TYR A 197 16.64 -6.89 14.27
C TYR A 197 16.27 -5.50 14.79
N PRO A 198 17.16 -4.51 14.63
CA PRO A 198 18.58 -4.58 14.26
C PRO A 198 19.40 -5.13 15.40
N ASP A 199 20.42 -5.92 15.08
CA ASP A 199 21.31 -6.46 16.11
C ASP A 199 22.66 -6.64 15.45
N ASN A 200 23.66 -5.93 15.97
CA ASN A 200 24.96 -5.95 15.34
C ASN A 200 25.55 -7.35 15.20
N TYR A 201 25.00 -8.36 15.87
CA TYR A 201 25.53 -9.71 15.81
C TYR A 201 24.61 -10.68 15.05
N SER A 202 23.71 -10.15 14.23
CA SER A 202 22.78 -10.95 13.45
C SER A 202 22.98 -10.63 11.98
N GLY A 203 22.34 -11.38 11.13
CA GLY A 203 22.50 -11.16 9.71
C GLY A 203 23.81 -11.74 9.22
N TYR A 204 24.04 -11.66 7.91
CA TYR A 204 25.22 -12.27 7.27
C TYR A 204 26.52 -11.72 7.83
N GLU A 205 26.62 -10.43 8.03
CA GLU A 205 27.83 -9.83 8.54
C GLU A 205 27.90 -9.90 10.06
N GLY A 206 26.78 -9.65 10.74
CA GLY A 206 26.76 -9.72 12.18
C GLY A 206 27.10 -11.09 12.71
N ALA A 207 26.77 -12.14 11.98
CA ALA A 207 27.18 -13.46 12.43
C ALA A 207 28.70 -13.58 12.46
N LEU A 208 29.39 -13.01 11.49
CA LEU A 208 30.84 -13.06 11.54
C LEU A 208 31.37 -12.16 12.65
N ARG A 209 30.71 -11.04 12.92
CA ARG A 209 31.09 -10.23 14.09
C ARG A 209 30.82 -10.98 15.39
N CYS A 210 29.70 -11.68 15.45
CA CYS A 210 29.46 -12.55 16.59
C CYS A 210 30.63 -13.52 16.77
N LEU A 211 31.11 -14.08 15.66
CA LEU A 211 32.20 -15.04 15.71
C LEU A 211 33.54 -14.37 16.04
N ALA A 212 33.83 -13.23 15.40
CA ALA A 212 35.16 -12.64 15.51
C ALA A 212 35.31 -11.73 16.72
N HIS A 213 34.20 -11.14 17.19
CA HIS A 213 34.20 -10.11 18.20
C HIS A 213 33.38 -10.46 19.45
N ASN A 214 32.46 -11.43 19.38
CA ASN A 214 31.72 -11.83 20.56
C ASN A 214 32.00 -13.28 20.93
N ASN A 215 33.19 -13.76 20.59
CA ASN A 215 33.66 -15.05 21.11
C ASN A 215 32.70 -16.18 20.76
N GLY A 216 31.94 -16.03 19.68
CA GLY A 216 31.25 -17.16 19.09
C GLY A 216 32.24 -18.16 18.55
N GLU A 217 31.78 -19.41 18.38
CA GLU A 217 32.67 -20.46 17.94
C GLU A 217 32.34 -21.04 16.58
N VAL A 218 31.16 -20.75 16.05
CA VAL A 218 30.80 -21.13 14.70
C VAL A 218 29.82 -20.09 14.19
N ALA A 219 29.93 -19.75 12.91
CA ALA A 219 29.05 -18.77 12.26
C ALA A 219 28.47 -19.46 11.04
N PHE A 220 27.16 -19.36 10.87
CA PHE A 220 26.48 -19.83 9.68
C PHE A 220 26.13 -18.61 8.83
N THR A 221 26.75 -18.49 7.67
CA THR A 221 26.50 -17.33 6.84
C THR A 221 26.73 -17.73 5.37
N LYS A 222 27.00 -16.74 4.52
CA LYS A 222 27.22 -17.02 3.11
C LYS A 222 28.56 -16.42 2.68
N VAL A 223 29.03 -16.89 1.53
CA VAL A 223 30.40 -16.67 1.12
C VAL A 223 30.66 -15.19 0.92
N ILE A 224 29.75 -14.51 0.25
CA ILE A 224 30.03 -13.17 -0.21
C ILE A 224 30.24 -12.25 0.98
N PHE A 225 29.45 -12.42 2.04
CA PHE A 225 29.69 -11.63 3.25
C PHE A 225 30.90 -12.14 3.99
N THR A 226 31.27 -13.41 3.82
CA THR A 226 32.48 -13.89 4.47
C THR A 226 33.71 -13.30 3.78
N ARG A 227 33.72 -13.33 2.45
CA ARG A 227 34.83 -12.77 1.71
C ARG A 227 34.98 -11.27 1.96
N LYS A 228 33.88 -10.52 1.94
CA LYS A 228 33.98 -9.08 2.13
C LYS A 228 34.37 -8.73 3.56
N PHE A 229 33.96 -9.54 4.53
CA PHE A 229 34.33 -9.30 5.91
C PHE A 229 35.85 -9.23 6.02
N PHE A 230 36.55 -10.00 5.20
CA PHE A 230 38.01 -10.04 5.20
C PHE A 230 38.61 -9.24 4.07
N GLY A 231 37.85 -8.31 3.51
CA GLY A 231 38.37 -7.46 2.44
C GLY A 231 38.66 -8.20 1.16
N LEU A 232 38.16 -9.41 1.02
CA LEU A 232 38.53 -10.19 -0.15
C LEU A 232 37.63 -9.86 -1.33
N PRO A 233 38.14 -10.04 -2.55
CA PRO A 233 37.30 -9.79 -3.72
C PRO A 233 36.28 -10.91 -3.90
N VAL A 234 35.14 -10.54 -4.49
CA VAL A 234 34.11 -11.51 -4.82
C VAL A 234 33.38 -11.02 -6.07
N GLY A 235 33.28 -11.89 -7.07
CA GLY A 235 32.61 -11.50 -8.30
C GLY A 235 33.28 -10.27 -8.91
N THR A 236 32.48 -9.29 -9.29
CA THR A 236 32.99 -8.03 -9.83
C THR A 236 33.52 -7.10 -8.74
N THR A 237 33.36 -7.46 -7.50
CA THR A 237 33.78 -6.57 -6.44
C THR A 237 35.24 -6.83 -6.11
N PRO A 238 36.06 -5.79 -6.10
CA PRO A 238 37.49 -5.96 -5.87
C PRO A 238 37.80 -6.07 -4.38
N ALA A 239 39.07 -6.33 -4.10
CA ALA A 239 39.53 -6.36 -2.73
C ALA A 239 39.25 -5.03 -2.06
N SER A 240 39.05 -5.09 -0.75
CA SER A 240 38.68 -3.96 0.09
C SER A 240 39.55 -3.94 1.33
N PRO A 241 39.84 -2.77 1.87
CA PRO A 241 40.56 -2.74 3.15
C PRO A 241 39.73 -3.37 4.25
N SER A 242 40.34 -4.31 4.96
CA SER A 242 39.67 -4.91 6.11
C SER A 242 40.65 -5.04 7.27
N ASN A 243 40.16 -4.74 8.47
CA ASN A 243 40.85 -5.02 9.73
C ASN A 243 40.82 -6.49 10.11
N GLU A 244 39.98 -7.28 9.47
CA GLU A 244 39.85 -8.69 9.79
C GLU A 244 40.81 -9.50 8.95
N ASN A 245 41.45 -10.49 9.58
CA ASN A 245 42.46 -11.33 8.95
C ASN A 245 41.88 -12.70 8.65
N PRO A 246 41.73 -13.08 7.37
CA PRO A 246 41.10 -14.38 7.05
C PRO A 246 41.89 -15.57 7.50
N GLU A 247 43.22 -15.44 7.65
CA GLU A 247 44.05 -16.56 8.06
C GLU A 247 43.67 -17.07 9.44
N GLU A 248 43.08 -16.21 10.26
CA GLU A 248 42.63 -16.62 11.58
C GLU A 248 41.34 -17.43 11.55
N PHE A 249 40.70 -17.57 10.39
CA PHE A 249 39.41 -18.21 10.27
C PHE A 249 39.45 -19.22 9.14
N ARG A 250 38.44 -20.09 9.15
CA ARG A 250 38.36 -21.17 8.18
C ARG A 250 36.90 -21.51 7.93
N TYR A 251 36.61 -21.96 6.71
CA TYR A 251 35.36 -22.66 6.51
C TYR A 251 35.51 -24.04 7.13
N LEU A 252 34.44 -24.53 7.71
CA LEU A 252 34.35 -25.92 8.11
C LEU A 252 33.54 -26.66 7.05
N CYS A 253 34.14 -27.70 6.46
CA CYS A 253 33.54 -28.46 5.38
C CYS A 253 32.78 -29.68 5.92
N VAL A 254 31.83 -30.18 5.12
CA VAL A 254 31.09 -31.37 5.55
C VAL A 254 32.06 -32.51 5.86
N ASP A 255 33.16 -32.59 5.13
CA ASP A 255 34.33 -33.42 5.44
C ASP A 255 34.63 -33.52 6.94
N GLY A 256 34.32 -32.47 7.68
CA GLY A 256 34.93 -32.22 8.95
C GLY A 256 36.25 -31.50 8.84
N SER A 257 36.77 -31.29 7.63
CA SER A 257 38.02 -30.60 7.39
C SER A 257 37.80 -29.09 7.40
N LYS A 258 38.91 -28.36 7.46
CA LYS A 258 38.91 -26.92 7.32
C LYS A 258 39.47 -26.56 5.95
N ALA A 259 38.99 -25.45 5.41
CA ALA A 259 39.47 -24.90 4.15
C ALA A 259 39.69 -23.41 4.34
N PRO A 260 40.70 -22.83 3.71
CA PRO A 260 40.92 -21.40 3.87
C PRO A 260 39.78 -20.59 3.27
N ILE A 261 39.50 -19.47 3.94
CA ILE A 261 38.62 -18.45 3.39
C ILE A 261 39.14 -17.93 2.06
N THR A 262 40.46 -17.85 1.92
CA THR A 262 41.03 -17.31 0.69
C THR A 262 40.87 -18.25 -0.49
N GLY A 263 40.43 -19.47 -0.27
CA GLY A 263 40.21 -20.42 -1.35
C GLY A 263 38.74 -20.53 -1.71
N LYS A 264 38.46 -21.43 -2.62
CA LYS A 264 37.08 -21.75 -2.95
C LYS A 264 36.40 -22.34 -1.72
N ALA A 265 35.24 -21.77 -1.36
CA ALA A 265 34.54 -22.21 -0.16
C ALA A 265 33.99 -23.62 -0.33
N CYS A 266 34.03 -24.40 0.75
CA CYS A 266 33.24 -25.62 0.84
C CYS A 266 31.92 -25.27 1.47
N SER A 267 30.83 -25.73 0.85
CA SER A 267 29.48 -25.27 1.14
C SER A 267 28.55 -26.47 1.08
N TRP A 268 27.73 -26.66 2.11
CA TRP A 268 26.84 -27.81 2.11
C TRP A 268 25.55 -27.58 1.34
N ALA A 269 25.17 -26.33 1.09
CA ALA A 269 24.02 -26.05 0.24
C ALA A 269 24.08 -24.61 -0.22
N ALA A 270 23.31 -24.31 -1.27
CA ALA A 270 23.21 -22.96 -1.79
C ALA A 270 21.75 -22.58 -1.98
N ARG A 271 21.45 -21.31 -1.86
CA ARG A 271 20.16 -20.82 -2.31
C ARG A 271 20.23 -20.60 -3.82
N PRO A 272 19.41 -21.28 -4.61
CA PRO A 272 19.47 -21.07 -6.06
C PRO A 272 18.93 -19.71 -6.41
N TRP A 273 19.38 -19.20 -7.56
CA TRP A 273 18.83 -17.98 -8.13
C TRP A 273 17.37 -18.16 -8.47
N GLN A 274 16.65 -17.05 -8.42
CA GLN A 274 15.33 -16.99 -9.02
C GLN A 274 15.48 -16.94 -10.54
N GLY A 275 14.35 -17.07 -11.23
CA GLY A 275 14.37 -16.94 -12.68
C GLY A 275 13.00 -17.12 -13.31
N LEU A 276 12.97 -17.68 -14.51
CA LEU A 276 11.74 -17.88 -15.25
C LEU A 276 11.56 -19.38 -15.50
N ILE A 277 10.33 -19.82 -15.36
CA ILE A 277 9.93 -21.20 -15.62
C ILE A 277 8.92 -21.18 -16.76
N GLY A 278 8.99 -22.18 -17.64
CA GLY A 278 8.00 -22.32 -18.68
C GLY A 278 7.76 -23.77 -19.02
N HIS A 279 6.71 -24.01 -19.81
CA HIS A 279 6.46 -25.37 -20.23
C HIS A 279 7.48 -25.79 -21.27
N ASN A 280 7.57 -27.10 -21.45
CA ASN A 280 8.64 -27.67 -22.26
C ASN A 280 8.56 -27.20 -23.71
N ASP A 281 7.36 -26.87 -24.19
CA ASP A 281 7.25 -26.38 -25.57
C ASP A 281 7.85 -24.99 -25.77
N VAL A 282 8.33 -24.35 -24.70
CA VAL A 282 9.04 -23.09 -24.87
C VAL A 282 10.42 -23.34 -25.44
N LEU A 283 11.00 -24.50 -25.17
CA LEU A 283 12.27 -24.84 -25.78
C LEU A 283 12.12 -24.81 -27.30
N ALA A 284 13.25 -24.71 -27.99
CA ALA A 284 13.26 -24.52 -29.44
C ALA A 284 12.83 -23.09 -29.77
N LYS A 285 11.73 -22.63 -29.18
CA LYS A 285 11.34 -21.23 -29.28
C LYS A 285 12.04 -20.38 -28.21
N LEU A 286 13.26 -20.73 -27.84
CA LEU A 286 13.83 -20.27 -26.58
C LEU A 286 14.74 -19.06 -26.72
N ALA A 287 15.60 -19.00 -27.73
CA ALA A 287 16.52 -17.87 -27.85
C ALA A 287 15.81 -16.53 -27.98
N PRO A 288 14.77 -16.37 -28.82
CA PRO A 288 14.18 -15.02 -28.98
C PRO A 288 13.59 -14.47 -27.71
N LEU A 289 12.92 -15.33 -26.92
CA LEU A 289 12.39 -14.88 -25.65
C LEU A 289 13.49 -14.41 -24.71
N ARG A 290 14.59 -15.16 -24.64
CA ARG A 290 15.65 -14.82 -23.69
C ARG A 290 16.24 -13.45 -23.99
N GLU A 291 16.33 -13.13 -25.28
CA GLU A 291 16.80 -11.82 -25.73
C GLU A 291 15.81 -10.74 -25.35
N LYS A 292 14.52 -11.04 -25.43
CA LYS A 292 13.49 -10.07 -25.04
C LYS A 292 13.56 -9.77 -23.54
N VAL A 293 13.55 -10.80 -22.70
CA VAL A 293 13.62 -10.58 -21.26
C VAL A 293 14.90 -9.83 -20.90
N LYS A 294 16.04 -10.27 -21.45
CA LYS A 294 17.29 -9.56 -21.17
C LYS A 294 17.18 -8.08 -21.51
N GLN A 295 16.47 -7.75 -22.60
CA GLN A 295 16.38 -6.35 -23.01
C GLN A 295 15.48 -5.55 -22.08
N LEU A 296 14.35 -6.13 -21.67
CA LEU A 296 13.50 -5.48 -20.68
C LEU A 296 14.23 -5.28 -19.36
N ALA A 297 15.03 -6.28 -18.95
CA ALA A 297 15.81 -6.16 -17.72
C ALA A 297 16.77 -4.99 -17.81
N ASP A 298 17.48 -4.89 -18.92
CA ASP A 298 18.53 -3.89 -19.02
C ASP A 298 17.97 -2.49 -19.22
N SER A 299 16.71 -2.35 -19.62
CA SER A 299 16.12 -1.02 -19.79
C SER A 299 15.30 -0.57 -18.59
N GLY A 300 14.74 -1.51 -17.83
CA GLY A 300 14.12 -1.18 -16.56
C GLY A 300 15.10 -1.00 -15.42
N ALA A 301 16.39 -1.32 -15.66
CA ALA A 301 17.43 -1.08 -14.67
C ALA A 301 17.44 0.35 -14.16
N ALA A 302 17.07 1.30 -15.01
CA ALA A 302 17.15 2.73 -14.69
C ALA A 302 15.93 3.14 -13.88
N ASP A 303 16.06 3.10 -12.54
CA ASP A 303 15.00 3.55 -11.63
C ASP A 303 13.90 2.51 -11.37
N LYS A 304 13.59 1.63 -12.35
CA LYS A 304 12.87 0.38 -12.04
C LYS A 304 11.35 0.54 -11.93
N PRO A 305 10.64 0.54 -13.06
CA PRO A 305 9.17 0.55 -13.02
C PRO A 305 8.59 -0.67 -12.31
N GLU A 306 7.30 -0.58 -12.02
CA GLU A 306 6.64 -1.64 -11.28
C GLU A 306 6.77 -2.98 -11.98
N TRP A 307 6.64 -3.02 -13.31
CA TRP A 307 6.69 -4.30 -13.99
C TRP A 307 8.03 -4.98 -13.83
N PHE A 308 9.07 -4.22 -13.49
CA PHE A 308 10.39 -4.79 -13.30
C PHE A 308 10.38 -5.86 -12.24
N THR A 309 9.77 -5.55 -11.09
CA THR A 309 9.67 -6.48 -9.97
C THR A 309 8.35 -7.22 -9.93
N LYS A 310 7.24 -6.53 -10.14
CA LYS A 310 5.93 -7.15 -9.97
C LYS A 310 5.56 -8.09 -11.11
N VAL A 311 6.09 -7.84 -12.31
CA VAL A 311 5.75 -8.62 -13.49
C VAL A 311 6.90 -9.54 -13.88
N LEU A 312 8.08 -8.98 -14.08
CA LEU A 312 9.20 -9.81 -14.53
C LEU A 312 9.89 -10.56 -13.39
N GLY A 313 9.62 -10.19 -12.14
CA GLY A 313 10.28 -10.87 -11.04
C GLY A 313 11.77 -10.57 -10.98
N LEU A 314 12.18 -9.37 -11.38
CA LEU A 314 13.53 -8.88 -11.16
C LEU A 314 13.55 -8.09 -9.86
N SER A 315 14.72 -7.56 -9.50
CA SER A 315 14.84 -6.69 -8.34
C SER A 315 15.97 -5.71 -8.62
N GLU A 316 16.11 -4.71 -7.74
CA GLU A 316 17.23 -3.77 -7.90
C GLU A 316 18.56 -4.50 -7.84
N LYS A 317 18.71 -5.41 -6.88
CA LYS A 317 19.96 -6.12 -6.67
C LYS A 317 20.15 -7.28 -7.64
N ILE A 318 19.06 -7.82 -8.18
CA ILE A 318 19.09 -9.09 -8.92
C ILE A 318 18.36 -8.85 -10.24
N HIS A 319 19.11 -8.48 -11.28
CA HIS A 319 18.51 -8.37 -12.61
C HIS A 319 19.48 -8.65 -13.74
N HIS A 320 20.56 -9.39 -13.49
CA HIS A 320 21.40 -9.88 -14.57
C HIS A 320 20.78 -11.17 -15.08
N VAL A 321 20.19 -11.11 -16.26
CA VAL A 321 19.55 -12.28 -16.84
C VAL A 321 20.65 -13.14 -17.46
N ALA A 322 20.76 -14.39 -17.01
CA ALA A 322 21.72 -15.34 -17.54
C ALA A 322 20.99 -16.53 -18.15
N ASP A 323 21.34 -16.89 -19.39
CA ASP A 323 20.78 -18.09 -19.99
C ASP A 323 21.54 -19.28 -19.41
N ASN A 324 20.81 -20.31 -19.02
CA ASN A 324 21.39 -21.52 -18.49
C ASN A 324 21.21 -22.64 -19.49
N ILE A 325 21.76 -23.79 -19.15
CA ILE A 325 21.46 -25.01 -19.86
C ILE A 325 20.08 -25.41 -19.33
N PRO A 326 19.00 -25.21 -20.11
CA PRO A 326 17.64 -25.45 -19.56
C PRO A 326 17.61 -26.70 -18.71
N ILE A 327 16.88 -26.65 -17.60
CA ILE A 327 16.94 -27.71 -16.60
C ILE A 327 15.58 -27.86 -15.96
N LYS A 328 15.19 -29.10 -15.70
CA LYS A 328 13.96 -29.32 -14.96
C LYS A 328 14.06 -28.66 -13.59
N PRO A 329 12.93 -28.27 -12.99
CA PRO A 329 13.03 -27.52 -11.74
C PRO A 329 13.64 -28.31 -10.61
N ILE A 330 13.24 -29.57 -10.44
CA ILE A 330 13.77 -30.31 -9.31
C ILE A 330 15.26 -30.61 -9.52
N ASP A 331 15.70 -30.77 -10.76
CA ASP A 331 17.14 -30.91 -11.00
C ASP A 331 17.85 -29.61 -10.74
N TYR A 332 17.18 -28.49 -11.05
CA TYR A 332 17.70 -27.18 -10.69
C TYR A 332 17.87 -27.07 -9.19
N LEU A 333 16.84 -27.47 -8.42
CA LEU A 333 16.91 -27.37 -6.97
C LEU A 333 17.90 -28.38 -6.42
N ASN A 334 17.89 -29.60 -6.96
CA ASN A 334 18.79 -30.64 -6.49
C ASN A 334 20.24 -30.17 -6.51
N LYS A 335 20.67 -29.51 -7.58
CA LYS A 335 22.10 -29.29 -7.68
C LYS A 335 22.58 -28.22 -6.71
N ALA A 336 21.65 -27.59 -5.99
CA ALA A 336 21.98 -26.68 -4.93
C ALA A 336 21.90 -27.35 -3.57
N ASN A 337 21.53 -28.62 -3.54
CA ASN A 337 21.07 -29.31 -2.32
C ASN A 337 19.88 -28.61 -1.69
N TYR A 338 19.07 -27.93 -2.50
CA TYR A 338 18.04 -27.08 -1.93
C TYR A 338 16.69 -27.76 -1.87
N THR A 339 16.49 -28.87 -2.58
CA THR A 339 15.23 -29.59 -2.41
C THR A 339 15.12 -30.12 -0.99
N GLU A 340 16.24 -30.65 -0.46
CA GLU A 340 16.33 -31.07 0.94
C GLU A 340 15.83 -29.98 1.88
N VAL A 341 16.30 -28.75 1.66
CA VAL A 341 15.91 -27.61 2.48
C VAL A 341 14.42 -27.36 2.36
N ILE A 342 13.92 -27.31 1.12
CA ILE A 342 12.50 -27.02 0.95
C ILE A 342 11.67 -28.11 1.63
N GLU A 343 12.09 -29.35 1.52
CA GLU A 343 11.32 -30.47 2.08
C GLU A 343 11.69 -30.77 3.53
N ARG A 344 12.52 -29.93 4.15
CA ARG A 344 12.87 -30.15 5.55
C ARG A 344 11.63 -30.42 6.38
N GLY A 345 11.76 -31.41 7.26
CA GLY A 345 10.75 -31.72 8.24
C GLY A 345 11.36 -31.87 9.62
N HIS A 346 10.68 -32.62 10.47
CA HIS A 346 11.09 -32.77 11.86
C HIS A 346 11.12 -34.23 12.28
N GLY A 347 11.19 -35.15 11.33
CA GLY A 347 11.13 -36.55 11.66
C GLY A 347 9.71 -37.07 11.71
N ALA A 348 9.54 -38.33 11.32
CA ALA A 348 8.23 -38.95 11.36
C ALA A 348 7.73 -39.06 12.81
N PRO A 349 6.43 -38.90 13.04
CA PRO A 349 5.43 -38.51 12.03
C PRO A 349 5.44 -37.00 11.80
N GLU A 350 5.60 -36.53 10.56
CA GLU A 350 5.53 -35.09 10.31
C GLU A 350 4.17 -34.55 10.75
N LEU A 351 4.18 -33.47 11.50
CA LEU A 351 2.91 -32.98 12.06
C LEU A 351 2.07 -32.36 10.96
N VAL A 352 0.77 -32.61 11.02
CA VAL A 352 -0.16 -32.11 10.01
C VAL A 352 -1.28 -31.40 10.76
N VAL A 353 -1.67 -30.24 10.26
CA VAL A 353 -2.84 -29.53 10.75
C VAL A 353 -3.91 -29.63 9.68
N ARG A 354 -5.07 -30.17 10.07
CA ARG A 354 -6.16 -30.46 9.13
C ARG A 354 -7.21 -29.38 9.30
N LEU A 355 -7.35 -28.54 8.28
CA LEU A 355 -8.38 -27.52 8.27
C LEU A 355 -9.62 -28.10 7.62
N CYS A 356 -10.77 -27.92 8.27
CA CYS A 356 -12.02 -28.42 7.71
C CYS A 356 -12.63 -27.32 6.85
N VAL A 357 -12.98 -27.68 5.61
CA VAL A 357 -13.60 -26.77 4.66
C VAL A 357 -14.97 -27.32 4.29
N THR A 358 -15.84 -26.43 3.80
CA THR A 358 -17.23 -26.76 3.55
C THR A 358 -17.63 -26.72 2.09
N SER A 359 -16.68 -26.67 1.15
CA SER A 359 -17.06 -26.68 -0.25
C SER A 359 -15.89 -27.15 -1.09
N ASN A 360 -16.21 -27.57 -2.33
CA ASN A 360 -15.19 -28.02 -3.26
C ASN A 360 -14.22 -26.88 -3.62
N VAL A 361 -14.74 -25.67 -3.83
CA VAL A 361 -13.84 -24.57 -4.11
C VAL A 361 -12.94 -24.32 -2.91
N ALA A 362 -13.50 -24.29 -1.72
CA ALA A 362 -12.67 -24.10 -0.52
C ALA A 362 -11.66 -25.22 -0.37
N LEU A 363 -12.07 -26.48 -0.63
CA LEU A 363 -11.10 -27.56 -0.67
C LEU A 363 -9.96 -27.26 -1.64
N SER A 364 -10.28 -26.77 -2.83
CA SER A 364 -9.21 -26.52 -3.79
C SER A 364 -8.35 -25.34 -3.35
N LYS A 365 -8.94 -24.34 -2.71
CA LYS A 365 -8.14 -23.22 -2.21
C LYS A 365 -7.25 -23.67 -1.09
N CYS A 366 -7.77 -24.54 -0.21
CA CYS A 366 -6.97 -25.06 0.89
C CYS A 366 -5.79 -25.90 0.37
N ARG A 367 -6.01 -26.65 -0.72
CA ARG A 367 -4.94 -27.47 -1.26
C ARG A 367 -3.87 -26.62 -1.94
N ALA A 368 -4.27 -25.57 -2.66
CA ALA A 368 -3.27 -24.69 -3.28
C ALA A 368 -2.51 -23.93 -2.19
N MET A 369 -3.23 -23.52 -1.15
CA MET A 369 -2.58 -22.88 0.00
C MET A 369 -1.64 -23.85 0.70
N SER A 370 -2.01 -25.11 0.82
CA SER A 370 -1.13 -26.07 1.50
C SER A 370 0.18 -26.24 0.76
N VAL A 371 0.11 -26.42 -0.56
CA VAL A 371 1.33 -26.64 -1.32
C VAL A 371 2.21 -25.40 -1.28
N PHE A 372 1.60 -24.22 -1.29
CA PHE A 372 2.41 -23.01 -1.17
C PHE A 372 3.08 -22.94 0.20
N ALA A 373 2.29 -23.09 1.27
CA ALA A 373 2.85 -23.01 2.62
C ALA A 373 4.01 -23.98 2.78
N PHE A 374 3.85 -25.21 2.31
CA PHE A 374 4.91 -26.19 2.45
C PHE A 374 6.16 -25.75 1.70
N SER A 375 6.00 -25.33 0.44
CA SER A 375 7.15 -24.87 -0.33
C SER A 375 7.83 -23.67 0.31
N ARG A 376 7.15 -22.96 1.20
CA ARG A 376 7.68 -21.76 1.84
C ARG A 376 8.12 -22.02 3.28
N ASP A 377 8.38 -23.28 3.63
CA ASP A 377 8.99 -23.68 4.89
C ASP A 377 8.10 -23.41 6.09
N ILE A 378 6.79 -23.37 5.89
CA ILE A 378 5.84 -23.21 7.00
C ILE A 378 5.40 -24.60 7.42
N ARG A 379 5.46 -24.86 8.74
CA ARG A 379 5.25 -26.19 9.32
C ARG A 379 4.49 -25.95 10.62
N PRO A 380 3.44 -26.72 10.90
CA PRO A 380 2.89 -27.93 10.29
C PRO A 380 2.35 -27.84 8.86
N ILE A 381 2.49 -28.98 8.18
CA ILE A 381 1.89 -29.15 6.86
C ILE A 381 0.39 -28.99 6.98
N LEU A 382 -0.19 -28.28 6.03
CA LEU A 382 -1.62 -28.06 6.03
C LEU A 382 -2.30 -29.18 5.26
N ASP A 383 -3.23 -29.85 5.90
CA ASP A 383 -4.08 -30.77 5.18
C ASP A 383 -5.49 -30.20 5.12
N CYS A 384 -6.26 -30.69 4.16
CA CYS A 384 -7.57 -30.16 3.83
C CYS A 384 -8.59 -31.29 3.91
N VAL A 385 -9.65 -31.07 4.67
CA VAL A 385 -10.69 -32.06 4.89
C VAL A 385 -12.05 -31.41 4.70
N GLN A 386 -12.93 -32.08 3.97
CA GLN A 386 -14.15 -31.45 3.47
C GLN A 386 -15.38 -32.11 4.05
N GLU A 387 -16.21 -31.32 4.71
CA GLU A 387 -17.53 -31.74 5.12
C GLU A 387 -18.51 -30.84 4.38
N ASN A 388 -19.80 -31.14 4.49
CA ASN A 388 -20.78 -30.46 3.65
C ASN A 388 -21.48 -29.32 4.36
N SER A 389 -21.08 -29.00 5.59
CA SER A 389 -21.60 -27.82 6.25
C SER A 389 -20.63 -27.36 7.33
N GLU A 390 -20.92 -26.18 7.87
CA GLU A 390 -20.18 -25.68 9.02
C GLU A 390 -20.40 -26.58 10.23
N ASP A 391 -21.67 -26.95 10.50
CA ASP A 391 -21.94 -27.82 11.65
C ASP A 391 -21.22 -29.14 11.51
N ALA A 392 -21.11 -29.66 10.29
CA ALA A 392 -20.39 -30.92 10.10
C ALA A 392 -18.88 -30.72 10.24
N CYS A 393 -18.36 -29.54 9.89
CA CYS A 393 -16.95 -29.27 10.15
C CYS A 393 -16.71 -29.17 11.65
N LEU A 394 -17.62 -28.53 12.38
CA LEU A 394 -17.46 -28.42 13.81
C LEU A 394 -17.52 -29.78 14.48
N LYS A 395 -18.51 -30.59 14.14
CA LYS A 395 -18.53 -31.96 14.64
C LYS A 395 -17.21 -32.64 14.33
N SER A 396 -16.68 -32.42 13.13
CA SER A 396 -15.48 -33.15 12.76
C SER A 396 -14.30 -32.72 13.61
N VAL A 397 -14.20 -31.43 13.93
CA VAL A 397 -13.13 -31.01 14.85
C VAL A 397 -13.29 -31.72 16.19
N GLN A 398 -14.51 -31.77 16.71
CA GLN A 398 -14.75 -32.50 17.96
C GLN A 398 -14.28 -33.95 17.87
N ASP A 399 -14.72 -34.66 16.82
CA ASP A 399 -14.41 -36.06 16.59
C ASP A 399 -12.95 -36.28 16.30
N ASN A 400 -12.20 -35.20 16.13
CA ASN A 400 -10.82 -35.27 15.64
C ASN A 400 -10.73 -35.78 14.20
N GLY A 401 -11.79 -35.60 13.42
CA GLY A 401 -11.62 -35.71 11.98
C GLY A 401 -10.90 -34.53 11.39
N SER A 402 -10.87 -33.42 12.11
CA SER A 402 -10.17 -32.21 11.72
C SER A 402 -9.54 -31.61 12.97
N ASP A 403 -8.63 -30.68 12.76
CA ASP A 403 -8.02 -29.93 13.84
C ASP A 403 -8.57 -28.52 13.96
N LEU A 404 -9.13 -27.95 12.91
CA LEU A 404 -9.78 -26.66 13.08
C LEU A 404 -10.80 -26.42 11.98
N ALA A 405 -11.68 -25.48 12.26
CA ALA A 405 -12.76 -25.12 11.38
C ALA A 405 -13.18 -23.72 11.79
N SER A 406 -13.74 -23.00 10.84
CA SER A 406 -14.17 -21.63 11.05
C SER A 406 -15.66 -21.59 11.35
N VAL A 407 -16.06 -20.49 11.97
CA VAL A 407 -17.43 -20.22 12.35
C VAL A 407 -17.56 -18.71 12.39
N ASP A 408 -18.70 -18.20 11.97
CA ASP A 408 -18.82 -16.76 11.77
C ASP A 408 -19.72 -16.16 12.85
N ASP A 409 -19.52 -14.86 13.06
CA ASP A 409 -20.45 -14.03 13.82
C ASP A 409 -20.73 -14.73 15.15
N MET A 410 -21.98 -14.87 15.57
CA MET A 410 -22.31 -15.28 16.92
C MET A 410 -22.41 -16.79 17.10
N ARG A 411 -21.89 -17.58 16.16
CA ARG A 411 -21.93 -19.02 16.29
C ARG A 411 -20.72 -19.59 17.01
N VAL A 412 -19.75 -18.75 17.41
CA VAL A 412 -18.57 -19.24 18.09
C VAL A 412 -18.91 -19.75 19.50
N ALA A 413 -19.75 -19.02 20.23
CA ALA A 413 -20.13 -19.48 21.55
C ALA A 413 -21.01 -20.72 21.45
N ALA A 414 -21.98 -20.70 20.55
CA ALA A 414 -22.79 -21.89 20.27
C ALA A 414 -21.90 -23.08 19.96
N ALA A 415 -20.93 -22.91 19.08
CA ALA A 415 -20.08 -24.03 18.69
C ALA A 415 -19.27 -24.56 19.86
N ALA A 416 -18.95 -23.70 20.83
CA ALA A 416 -18.23 -24.18 22.01
C ALA A 416 -19.16 -24.90 22.99
N LYS A 417 -20.37 -24.39 23.21
CA LYS A 417 -21.30 -25.11 24.06
C LYS A 417 -21.57 -26.49 23.49
N LYS A 418 -21.66 -26.59 22.17
CA LYS A 418 -22.21 -27.78 21.54
C LYS A 418 -21.15 -28.82 21.27
N TYR A 419 -19.97 -28.39 20.84
CA TYR A 419 -18.89 -29.31 20.45
C TYR A 419 -17.66 -29.20 21.31
N ASN A 420 -17.76 -28.50 22.42
CA ASN A 420 -16.62 -28.30 23.32
C ASN A 420 -15.36 -27.88 22.56
N LEU A 421 -15.55 -26.98 21.59
CA LEU A 421 -14.44 -26.37 20.87
C LEU A 421 -14.16 -24.99 21.46
N HIS A 422 -13.04 -24.41 21.04
CA HIS A 422 -12.64 -23.11 21.54
C HIS A 422 -11.90 -22.34 20.45
N PRO A 423 -11.99 -21.03 20.44
CA PRO A 423 -11.37 -20.26 19.34
C PRO A 423 -9.87 -20.25 19.48
N VAL A 424 -9.19 -20.32 18.34
CA VAL A 424 -7.73 -20.29 18.29
C VAL A 424 -7.22 -19.00 17.69
N PHE A 425 -7.81 -18.57 16.58
CA PHE A 425 -7.46 -17.30 15.95
C PHE A 425 -8.66 -16.85 15.13
N HIS A 426 -8.68 -15.55 14.85
CA HIS A 426 -9.80 -14.89 14.21
C HIS A 426 -9.27 -13.91 13.17
N GLU A 427 -10.19 -13.44 12.32
CA GLU A 427 -9.90 -12.43 11.32
C GLU A 427 -9.82 -11.05 11.94
N VAL A 428 -8.91 -10.25 11.42
CA VAL A 428 -8.89 -8.84 11.74
C VAL A 428 -9.05 -8.05 10.45
N TYR A 429 -9.52 -6.81 10.60
CA TYR A 429 -9.96 -6.03 9.46
C TYR A 429 -9.41 -4.61 9.53
N GLY A 430 -9.60 -3.88 8.45
CA GLY A 430 -9.18 -2.49 8.40
C GLY A 430 -7.68 -2.30 8.30
N GLU A 431 -7.27 -1.03 8.15
CA GLU A 431 -5.86 -0.69 8.16
C GLU A 431 -5.24 -0.86 9.55
N LEU A 432 -6.06 -0.81 10.60
CA LEU A 432 -5.63 -1.02 11.96
C LEU A 432 -5.59 -2.50 12.36
N LYS A 433 -5.95 -3.41 11.45
CA LYS A 433 -5.89 -4.85 11.69
C LYS A 433 -6.51 -5.18 13.06
N THR A 434 -7.83 -5.15 13.10
CA THR A 434 -8.63 -5.09 14.31
C THR A 434 -9.94 -5.84 14.02
N PRO A 435 -10.50 -6.61 14.95
CA PRO A 435 -11.85 -7.13 14.71
C PRO A 435 -12.83 -5.98 14.59
N ASN A 436 -14.02 -6.25 14.04
CA ASN A 436 -15.08 -5.26 14.12
C ASN A 436 -15.51 -5.08 15.56
N TYR A 437 -16.03 -3.90 15.87
CA TYR A 437 -16.64 -3.62 17.16
C TYR A 437 -18.08 -3.18 16.99
N ALA A 438 -18.94 -3.66 17.88
CA ALA A 438 -20.25 -3.06 18.03
C ALA A 438 -20.10 -1.73 18.77
N VAL A 439 -20.60 -0.66 18.17
CA VAL A 439 -20.43 0.66 18.76
C VAL A 439 -21.78 1.32 18.90
N ALA A 440 -21.77 2.46 19.57
CA ALA A 440 -22.95 3.28 19.85
C ALA A 440 -22.68 4.67 19.29
N VAL A 441 -23.37 5.00 18.20
CA VAL A 441 -23.15 6.25 17.49
C VAL A 441 -24.16 7.27 18.00
N VAL A 442 -23.67 8.47 18.35
CA VAL A 442 -24.48 9.59 18.80
C VAL A 442 -24.12 10.83 17.99
N LYS A 443 -25.06 11.78 17.91
CA LYS A 443 -24.74 13.08 17.34
C LYS A 443 -23.83 13.84 18.28
N LYS A 444 -22.96 14.66 17.70
CA LYS A 444 -22.10 15.46 18.55
C LYS A 444 -22.94 16.39 19.41
N GLY A 445 -22.55 16.52 20.68
CA GLY A 445 -23.20 17.48 21.55
C GLY A 445 -24.49 17.05 22.18
N THR A 446 -25.00 15.86 21.88
CA THR A 446 -26.20 15.42 22.59
C THR A 446 -25.81 15.01 24.01
N ALA A 447 -26.82 14.84 24.85
CA ALA A 447 -26.66 14.83 26.30
C ALA A 447 -26.39 13.46 26.91
N TYR A 448 -25.94 12.48 26.12
CA TYR A 448 -25.75 11.11 26.60
C TYR A 448 -24.27 10.81 26.75
N ASN A 449 -23.84 10.46 27.98
CA ASN A 449 -22.47 10.05 28.24
C ASN A 449 -22.36 8.69 28.92
N LYS A 450 -23.47 8.04 29.22
CA LYS A 450 -23.49 6.75 29.89
C LYS A 450 -24.90 6.17 29.71
N ILE A 451 -25.06 4.90 30.07
CA ILE A 451 -26.21 4.16 29.57
C ILE A 451 -27.50 4.63 30.24
N ASP A 452 -27.46 4.99 31.53
CA ASP A 452 -28.72 5.42 32.15
C ASP A 452 -29.22 6.74 31.57
N ASP A 453 -28.34 7.56 30.98
CA ASP A 453 -28.78 8.79 30.33
C ASP A 453 -29.65 8.53 29.11
N LEU A 454 -29.60 7.32 28.55
CA LEU A 454 -30.45 6.98 27.42
C LEU A 454 -31.75 6.29 27.82
N ARG A 455 -31.99 6.11 29.12
CA ARG A 455 -33.25 5.52 29.55
CA ARG A 455 -33.25 5.52 29.54
C ARG A 455 -34.41 6.45 29.18
N GLY A 456 -35.50 5.85 28.70
CA GLY A 456 -36.64 6.59 28.23
C GLY A 456 -36.51 7.12 26.80
N LYS A 457 -35.32 7.05 26.23
CA LYS A 457 -35.04 7.68 24.95
C LYS A 457 -35.40 6.71 23.81
N LYS A 458 -34.84 6.95 22.63
CA LYS A 458 -35.13 6.19 21.42
C LYS A 458 -33.82 5.65 20.87
N SER A 459 -33.87 4.49 20.23
CA SER A 459 -32.66 3.92 19.68
C SER A 459 -32.86 3.43 18.26
N CYS A 460 -31.77 3.48 17.50
CA CYS A 460 -31.70 2.96 16.14
C CYS A 460 -30.73 1.80 16.17
N HIS A 461 -31.01 0.76 15.41
CA HIS A 461 -30.18 -0.43 15.44
C HIS A 461 -29.91 -0.91 14.03
N SER A 462 -28.75 -1.54 13.84
CA SER A 462 -28.62 -2.52 12.79
C SER A 462 -29.65 -3.63 12.98
N SER A 463 -29.74 -4.49 11.98
CA SER A 463 -30.80 -5.50 11.94
C SER A 463 -30.69 -6.45 13.13
N TYR A 464 -31.85 -6.81 13.66
CA TYR A 464 -31.99 -7.79 14.73
C TYR A 464 -31.11 -9.03 14.52
N SER A 465 -30.80 -9.36 13.27
CA SER A 465 -29.95 -10.51 13.01
C SER A 465 -28.46 -10.20 13.19
N THR A 466 -28.10 -9.00 13.62
CA THR A 466 -26.69 -8.64 13.76
C THR A 466 -26.25 -8.66 15.22
N PHE A 467 -24.95 -8.89 15.39
CA PHE A 467 -24.35 -8.77 16.71
C PHE A 467 -24.49 -7.34 17.24
N SER A 468 -24.02 -6.36 16.47
CA SER A 468 -23.97 -4.99 16.97
C SER A 468 -25.37 -4.41 17.16
N GLY A 469 -26.34 -4.91 16.43
CA GLY A 469 -27.66 -4.33 16.45
C GLY A 469 -28.48 -4.87 17.60
N LEU A 470 -28.32 -6.15 17.89
CA LEU A 470 -29.17 -6.83 18.87
C LEU A 470 -28.35 -7.34 20.04
N HIS A 471 -27.45 -8.29 19.81
CA HIS A 471 -26.71 -8.93 20.88
C HIS A 471 -26.05 -7.90 21.79
N ALA A 472 -25.20 -7.05 21.23
CA ALA A 472 -24.35 -6.22 22.07
C ALA A 472 -25.15 -5.25 22.93
N PRO A 473 -26.12 -4.49 22.40
CA PRO A 473 -26.94 -3.64 23.29
C PRO A 473 -27.78 -4.44 24.27
N LEU A 474 -28.31 -5.58 23.88
CA LEU A 474 -29.09 -6.39 24.82
C LEU A 474 -28.20 -6.91 25.94
N PHE A 475 -27.04 -7.47 25.57
CA PHE A 475 -26.13 -7.91 26.62
C PHE A 475 -25.65 -6.77 27.46
N TYR A 476 -25.35 -5.63 26.82
CA TYR A 476 -24.80 -4.53 27.59
C TYR A 476 -25.78 -4.07 28.65
N LEU A 477 -27.06 -3.98 28.29
CA LEU A 477 -28.05 -3.53 29.26
C LEU A 477 -28.29 -4.60 30.33
N ILE A 478 -28.57 -5.83 29.91
CA ILE A 478 -28.76 -6.93 30.86
C ILE A 478 -27.58 -7.02 31.82
N ASN A 479 -26.36 -6.92 31.29
CA ASN A 479 -25.17 -7.08 32.12
C ASN A 479 -25.09 -6.01 33.21
N LYS A 480 -25.41 -4.76 32.87
CA LYS A 480 -25.45 -3.70 33.86
C LYS A 480 -26.78 -3.66 34.61
N ARG A 481 -27.59 -4.71 34.47
CA ARG A 481 -28.87 -4.85 35.15
C ARG A 481 -29.82 -3.68 34.88
N ALA A 482 -29.57 -2.91 33.83
CA ALA A 482 -30.52 -1.85 33.46
C ALA A 482 -31.84 -2.40 32.95
N ILE A 483 -31.90 -3.68 32.61
CA ILE A 483 -33.15 -4.33 32.25
C ILE A 483 -33.08 -5.77 32.75
N GLN A 484 -34.21 -6.31 33.14
CA GLN A 484 -34.24 -7.69 33.54
C GLN A 484 -33.93 -8.58 32.34
N SER A 485 -33.57 -9.82 32.63
CA SER A 485 -33.22 -10.79 31.61
C SER A 485 -34.37 -11.71 31.24
N ASP A 486 -35.54 -11.54 31.86
CA ASP A 486 -36.77 -12.13 31.36
C ASP A 486 -37.38 -11.16 30.35
N HIS A 487 -37.95 -11.70 29.27
CA HIS A 487 -38.54 -10.89 28.23
C HIS A 487 -37.58 -9.77 27.82
N CYS A 488 -36.43 -10.19 27.28
CA CYS A 488 -35.35 -9.26 27.03
C CYS A 488 -35.69 -8.27 25.92
N VAL A 489 -36.16 -8.78 24.79
CA VAL A 489 -36.49 -7.89 23.69
C VAL A 489 -37.56 -6.90 24.13
N LYS A 490 -38.64 -7.40 24.75
CA LYS A 490 -39.63 -6.47 25.29
C LYS A 490 -38.97 -5.49 26.25
N ASN A 491 -38.13 -5.98 27.11
CA ASN A 491 -37.55 -5.10 28.12
C ASN A 491 -36.61 -4.11 27.47
N LEU A 492 -35.85 -4.52 26.45
CA LEU A 492 -35.09 -3.53 25.69
C LEU A 492 -36.02 -2.42 25.27
N GLY A 493 -37.17 -2.79 24.69
CA GLY A 493 -38.14 -1.79 24.27
C GLY A 493 -38.57 -0.91 25.42
N GLU A 494 -38.69 -1.50 26.62
CA GLU A 494 -39.10 -0.69 27.77
C GLU A 494 -37.98 0.22 28.25
N PHE A 495 -36.71 -0.12 28.00
CA PHE A 495 -35.66 0.84 28.32
C PHE A 495 -35.69 2.03 27.36
N PHE A 496 -35.66 1.77 26.05
CA PHE A 496 -35.81 2.84 25.06
C PHE A 496 -37.30 3.07 24.82
N SER A 497 -37.96 3.51 25.90
CA SER A 497 -39.42 3.63 25.92
C SER A 497 -39.95 4.64 24.92
N GLY A 498 -39.09 5.51 24.38
CA GLY A 498 -39.48 6.39 23.29
C GLY A 498 -39.62 5.69 21.96
N GLY A 499 -39.26 4.43 21.88
CA GLY A 499 -39.38 3.68 20.66
C GLY A 499 -38.04 3.45 19.98
N SER A 500 -38.01 2.44 19.10
CA SER A 500 -36.78 1.97 18.51
C SER A 500 -37.04 1.43 17.11
N CYS A 501 -35.97 1.40 16.32
CA CYS A 501 -35.96 0.75 15.03
C CYS A 501 -34.93 -0.37 15.08
N LEU A 502 -35.42 -1.60 15.18
CA LEU A 502 -34.59 -2.80 15.20
C LEU A 502 -35.12 -3.71 14.09
N PRO A 503 -34.66 -3.50 12.87
CA PRO A 503 -35.26 -4.19 11.71
C PRO A 503 -35.34 -5.70 11.90
N GLY A 504 -36.52 -6.25 11.64
CA GLY A 504 -36.71 -7.67 11.73
C GLY A 504 -37.12 -8.19 13.09
N VAL A 505 -37.25 -7.31 14.08
CA VAL A 505 -37.65 -7.77 15.41
C VAL A 505 -39.01 -8.44 15.37
N ASP A 506 -39.76 -8.25 14.26
CA ASP A 506 -41.09 -8.79 14.04
C ASP A 506 -41.08 -10.27 13.67
N LYS A 507 -40.38 -10.61 12.58
CA LYS A 507 -40.52 -11.90 11.90
C LYS A 507 -40.90 -13.08 12.80
N ASP A 515 -43.03 -12.20 22.36
CA ASP A 515 -43.56 -11.23 23.32
C ASP A 515 -43.92 -9.92 22.60
N ASP A 516 -44.32 -8.92 23.39
CA ASP A 516 -44.75 -7.62 22.87
C ASP A 516 -43.51 -6.80 22.50
N VAL A 517 -43.06 -6.93 21.25
CA VAL A 517 -41.86 -6.25 20.79
C VAL A 517 -42.19 -5.13 19.81
N SER A 518 -43.45 -4.65 19.81
CA SER A 518 -43.89 -3.61 18.88
C SER A 518 -43.13 -2.30 19.06
N LYS A 519 -42.66 -2.00 20.27
CA LYS A 519 -41.91 -0.77 20.49
C LYS A 519 -40.60 -0.74 19.72
N LEU A 520 -40.04 -1.91 19.41
CA LEU A 520 -38.72 -2.03 18.80
C LEU A 520 -38.73 -1.87 17.29
N LYS A 521 -39.89 -1.68 16.68
CA LYS A 521 -39.97 -1.28 15.27
C LYS A 521 -40.69 0.05 15.13
N LYS A 522 -40.94 0.73 16.26
CA LYS A 522 -41.80 1.90 16.22
C LYS A 522 -41.16 3.05 15.45
N GLN A 523 -39.84 3.19 15.52
CA GLN A 523 -39.14 4.35 14.95
C GLN A 523 -38.59 4.08 13.56
N CYS A 524 -38.92 2.95 12.96
CA CYS A 524 -38.32 2.62 11.68
C CYS A 524 -38.79 3.57 10.59
N GLY A 525 -39.91 4.25 10.82
CA GLY A 525 -40.44 5.25 9.91
C GLY A 525 -40.31 4.86 8.45
N SER A 526 -39.88 5.82 7.64
CA SER A 526 -39.79 5.68 6.20
C SER A 526 -38.54 4.93 5.73
N ASP A 527 -37.68 4.49 6.65
CA ASP A 527 -36.33 4.09 6.27
C ASP A 527 -35.63 3.57 7.51
N SER A 528 -35.52 2.26 7.63
CA SER A 528 -35.06 1.66 8.87
C SER A 528 -33.54 1.70 9.06
N SER A 529 -32.79 2.33 8.16
CA SER A 529 -31.35 2.31 8.30
C SER A 529 -30.96 3.10 9.54
N ALA A 530 -29.94 2.63 10.25
CA ALA A 530 -29.58 3.24 11.51
C ALA A 530 -29.04 4.66 11.29
N TRP A 531 -28.35 4.88 10.17
CA TRP A 531 -27.82 6.21 9.91
C TRP A 531 -28.93 7.19 9.51
N LYS A 532 -29.95 6.74 8.77
CA LYS A 532 -31.08 7.64 8.51
C LYS A 532 -31.89 7.85 9.78
N CYS A 533 -32.04 6.79 10.57
CA CYS A 533 -32.81 6.87 11.80
C CYS A 533 -32.15 7.81 12.79
N LEU A 534 -30.82 7.79 12.87
CA LEU A 534 -30.13 8.73 13.75
C LEU A 534 -30.23 10.15 13.22
N GLU A 535 -29.84 10.35 11.96
CA GLU A 535 -29.95 11.64 11.28
C GLU A 535 -31.30 12.32 11.50
N GLU A 536 -32.42 11.57 11.40
CA GLU A 536 -33.76 12.13 11.52
C GLU A 536 -34.29 12.18 12.96
N ASP A 537 -33.41 12.01 13.94
CA ASP A 537 -33.75 12.07 15.37
C ASP A 537 -34.90 11.11 15.72
N ARG A 538 -35.09 10.07 14.92
CA ARG A 538 -36.00 9.00 15.31
C ARG A 538 -35.37 8.10 16.35
N GLY A 539 -34.05 8.18 16.51
CA GLY A 539 -33.39 7.59 17.65
C GLY A 539 -32.29 8.53 18.11
N ASP A 540 -31.93 8.40 19.38
CA ASP A 540 -30.89 9.22 20.02
C ASP A 540 -29.54 8.53 20.07
N VAL A 541 -29.46 7.30 19.59
CA VAL A 541 -28.23 6.52 19.59
C VAL A 541 -28.42 5.40 18.58
N ALA A 542 -27.37 5.11 17.80
CA ALA A 542 -27.43 4.04 16.81
C ALA A 542 -26.45 2.93 17.18
N PHE A 543 -26.97 1.74 17.48
CA PHE A 543 -26.13 0.55 17.72
C PHE A 543 -25.88 -0.11 16.37
N VAL A 544 -24.69 0.12 15.84
CA VAL A 544 -24.28 -0.37 14.53
C VAL A 544 -22.93 -1.03 14.72
N SER A 545 -22.43 -1.64 13.66
CA SER A 545 -21.08 -2.16 13.67
C SER A 545 -20.12 -1.05 13.31
N SER A 546 -18.90 -1.16 13.81
CA SER A 546 -17.85 -0.23 13.38
C SER A 546 -17.62 -0.31 11.87
N ALA A 547 -17.87 -1.49 11.28
CA ALA A 547 -17.71 -1.65 9.83
C ALA A 547 -18.64 -0.73 9.02
N ASP A 548 -19.72 -0.24 9.62
CA ASP A 548 -20.70 0.58 8.93
C ASP A 548 -20.58 2.05 9.25
N LEU A 549 -19.47 2.47 9.87
CA LEU A 549 -19.35 3.87 10.29
C LEU A 549 -19.15 4.85 9.13
N SER A 550 -18.86 4.35 7.91
CA SER A 550 -18.76 5.23 6.72
C SER A 550 -20.07 5.91 6.41
N HIS A 551 -21.19 5.33 6.83
CA HIS A 551 -22.49 5.95 6.66
C HIS A 551 -22.75 7.10 7.64
N PHE A 552 -21.75 7.52 8.43
CA PHE A 552 -21.93 8.57 9.43
C PHE A 552 -20.87 9.65 9.23
N ASP A 553 -21.32 10.89 9.13
CA ASP A 553 -20.42 12.03 8.90
C ASP A 553 -19.54 12.27 10.13
N ALA A 554 -18.23 12.15 9.95
CA ALA A 554 -17.29 12.26 11.08
C ALA A 554 -17.38 13.60 11.80
N ASN A 555 -17.72 14.66 11.08
CA ASN A 555 -17.84 15.98 11.70
C ASN A 555 -19.10 16.13 12.54
N GLN A 556 -20.12 15.31 12.33
CA GLN A 556 -21.39 15.47 13.05
C GLN A 556 -21.65 14.39 14.08
N TYR A 557 -20.97 13.24 14.02
CA TYR A 557 -21.27 12.08 14.83
C TYR A 557 -20.06 11.66 15.65
N GLU A 558 -20.35 11.02 16.78
CA GLU A 558 -19.34 10.56 17.72
C GLU A 558 -19.71 9.17 18.16
N LEU A 559 -18.77 8.51 18.84
CA LEU A 559 -19.04 7.25 19.50
C LEU A 559 -19.25 7.49 20.99
N LEU A 560 -20.25 6.82 21.54
CA LEU A 560 -20.52 6.80 22.97
C LEU A 560 -19.78 5.62 23.56
N CYS A 561 -18.78 5.90 24.42
CA CYS A 561 -17.86 4.89 24.95
C CYS A 561 -18.48 4.11 26.12
N LEU A 562 -19.57 3.40 25.81
CA LEU A 562 -20.20 2.62 26.85
C LEU A 562 -19.24 1.60 27.50
N ASN A 563 -18.13 1.28 26.83
CA ASN A 563 -17.17 0.37 27.44
C ASN A 563 -16.35 1.02 28.53
N ARG A 564 -16.16 2.34 28.50
CA ARG A 564 -15.25 2.96 29.45
C ARG A 564 -15.92 3.20 30.79
N ASP A 565 -15.17 2.97 31.87
CA ASP A 565 -15.64 3.31 33.20
C ASP A 565 -16.16 4.74 33.24
N ALA A 566 -15.41 5.66 32.64
CA ALA A 566 -15.78 7.08 32.62
C ALA A 566 -16.93 7.41 31.68
N GLY A 567 -17.37 6.46 30.84
CA GLY A 567 -18.37 6.85 29.84
C GLY A 567 -17.83 7.92 28.92
N GLY A 568 -18.72 8.80 28.47
CA GLY A 568 -18.30 9.84 27.55
C GLY A 568 -18.23 9.36 26.11
N ARG A 569 -17.48 10.12 25.31
CA ARG A 569 -17.55 10.06 23.86
C ARG A 569 -16.16 10.09 23.26
N ASP A 570 -16.01 9.46 22.10
CA ASP A 570 -14.75 9.56 21.36
C ASP A 570 -15.07 9.52 19.86
N VAL A 571 -14.06 9.86 19.04
CA VAL A 571 -14.29 9.99 17.60
C VAL A 571 -14.68 8.66 16.96
N LEU A 572 -15.23 8.76 15.74
CA LEU A 572 -15.67 7.58 14.99
C LEU A 572 -14.55 6.57 14.81
N SER A 573 -13.31 7.03 14.67
CA SER A 573 -12.21 6.13 14.36
C SER A 573 -11.63 5.41 15.57
N SER A 574 -12.10 5.74 16.77
CA SER A 574 -11.55 5.16 17.99
C SER A 574 -12.40 4.00 18.50
N PHE A 575 -13.33 3.50 17.68
CA PHE A 575 -14.22 2.41 18.07
C PHE A 575 -13.52 1.31 18.85
N ALA A 576 -12.26 0.98 18.53
CA ALA A 576 -11.59 -0.10 19.25
C ALA A 576 -11.50 0.14 20.75
N THR A 577 -11.68 1.38 21.23
CA THR A 577 -11.69 1.63 22.67
C THR A 577 -12.92 2.42 23.12
N CYS A 578 -13.86 2.69 22.22
CA CYS A 578 -15.07 3.47 22.50
C CYS A 578 -16.20 2.71 21.81
N ASN A 579 -16.84 1.81 22.54
CA ASN A 579 -17.66 0.78 21.92
C ASN A 579 -18.60 0.19 22.95
N VAL A 580 -19.42 -0.75 22.49
CA VAL A 580 -20.24 -1.56 23.35
C VAL A 580 -19.59 -2.92 23.59
N ALA A 581 -19.25 -3.62 22.51
CA ALA A 581 -18.57 -4.89 22.61
C ALA A 581 -17.73 -5.08 21.36
N MET A 582 -16.65 -5.83 21.52
CA MET A 582 -15.96 -6.36 20.36
C MET A 582 -16.85 -7.36 19.65
N ALA A 583 -16.78 -7.37 18.34
CA ALA A 583 -17.66 -8.19 17.53
C ALA A 583 -16.96 -9.49 17.17
N PRO A 584 -17.59 -10.64 17.29
CA PRO A 584 -16.95 -11.86 16.81
C PRO A 584 -16.75 -11.79 15.31
N SER A 585 -15.50 -11.94 14.89
CA SER A 585 -15.15 -12.03 13.48
C SER A 585 -15.01 -13.49 13.12
N ARG A 586 -15.03 -13.80 11.83
CA ARG A 586 -14.80 -15.18 11.44
C ARG A 586 -13.66 -15.75 12.28
N THR A 587 -13.93 -16.89 12.90
CA THR A 587 -13.07 -17.48 13.93
C THR A 587 -12.84 -18.95 13.63
N TRP A 588 -11.60 -19.40 13.80
CA TRP A 588 -11.27 -20.81 13.66
C TRP A 588 -11.21 -21.45 15.03
N VAL A 589 -11.89 -22.57 15.19
CA VAL A 589 -12.03 -23.21 16.49
C VAL A 589 -11.41 -24.59 16.42
N ALA A 590 -10.96 -25.07 17.57
CA ALA A 590 -10.28 -26.34 17.69
C ALA A 590 -10.78 -27.09 18.92
N ALA A 591 -10.52 -28.39 18.94
CA ALA A 591 -10.91 -29.19 20.07
C ALA A 591 -9.89 -29.02 21.19
N LYS A 592 -10.18 -29.68 22.31
CA LYS A 592 -9.43 -29.54 23.55
C LYS A 592 -8.20 -30.45 23.64
N ASP A 593 -8.27 -31.67 23.09
CA ASP A 593 -7.38 -32.74 23.55
C ASP A 593 -6.29 -33.12 22.56
N PHE A 594 -6.00 -32.29 21.58
CA PHE A 594 -5.05 -32.67 20.55
C PHE A 594 -4.04 -31.57 20.31
N LEU A 595 -3.98 -31.00 19.12
CA LEU A 595 -2.92 -30.04 18.81
C LEU A 595 -3.05 -28.82 19.73
N SER A 596 -1.90 -28.31 20.19
CA SER A 596 -1.91 -27.08 20.98
C SER A 596 -2.40 -25.92 20.12
N ASP A 597 -2.85 -24.85 20.79
CA ASP A 597 -3.26 -23.65 20.06
C ASP A 597 -2.10 -23.08 19.25
N VAL A 598 -0.88 -23.15 19.79
CA VAL A 598 0.30 -22.70 19.05
C VAL A 598 0.46 -23.52 17.77
N SER A 599 0.40 -24.84 17.89
CA SER A 599 0.54 -25.69 16.71
C SER A 599 -0.54 -25.42 15.68
N ILE A 600 -1.75 -25.04 16.11
CA ILE A 600 -2.86 -24.84 15.20
C ILE A 600 -2.80 -23.47 14.55
N ALA A 601 -2.50 -22.46 15.35
CA ALA A 601 -2.43 -21.11 14.82
C ALA A 601 -1.21 -20.90 13.94
N HIS A 602 -0.15 -21.67 14.15
CA HIS A 602 1.14 -21.28 13.59
C HIS A 602 1.04 -21.14 12.07
N THR A 603 0.66 -22.22 11.38
CA THR A 603 0.72 -22.18 9.93
C THR A 603 -0.19 -21.12 9.32
N PRO A 604 -1.46 -21.00 9.71
CA PRO A 604 -2.26 -19.90 9.14
C PRO A 604 -1.72 -18.53 9.46
N LEU A 605 -1.17 -18.29 10.67
CA LEU A 605 -0.68 -16.94 10.96
C LEU A 605 0.65 -16.70 10.27
N SER A 606 1.42 -17.76 10.01
CA SER A 606 2.63 -17.58 9.21
C SER A 606 2.27 -17.27 7.77
N LEU A 607 1.23 -17.91 7.25
CA LEU A 607 0.72 -17.56 5.93
C LEU A 607 0.28 -16.11 5.89
N ALA A 608 -0.59 -15.71 6.80
CA ALA A 608 -1.14 -14.37 6.76
C ALA A 608 -0.04 -13.32 6.80
N GLN A 609 1.01 -13.59 7.56
CA GLN A 609 2.03 -12.57 7.70
C GLN A 609 3.01 -12.59 6.53
N MET A 610 3.35 -13.78 6.03
CA MET A 610 4.14 -13.88 4.82
C MET A 610 3.45 -13.26 3.61
N LEU A 611 2.13 -13.36 3.52
CA LEU A 611 1.41 -12.95 2.32
C LEU A 611 0.79 -11.57 2.44
N ALA A 612 0.98 -10.89 3.57
CA ALA A 612 0.32 -9.60 3.75
C ALA A 612 0.80 -8.61 2.70
N THR A 613 2.09 -8.65 2.37
CA THR A 613 2.68 -7.81 1.35
C THR A 613 2.94 -8.56 0.03
N ARG A 614 2.69 -9.86 -0.03
CA ARG A 614 2.92 -10.62 -1.26
C ARG A 614 1.69 -11.39 -1.68
N PRO A 615 0.54 -10.71 -1.84
CA PRO A 615 -0.63 -11.38 -2.38
C PRO A 615 -0.43 -11.88 -3.79
N ASP A 616 0.62 -11.41 -4.48
CA ASP A 616 0.87 -11.88 -5.84
C ASP A 616 1.38 -13.31 -5.85
N LEU A 617 2.01 -13.75 -4.76
CA LEU A 617 2.49 -15.12 -4.66
C LEU A 617 1.33 -16.09 -4.43
N PHE A 618 0.51 -15.77 -3.45
CA PHE A 618 -0.71 -16.52 -3.18
C PHE A 618 -1.69 -15.51 -2.62
N ASN A 619 -2.86 -15.44 -3.25
CA ASN A 619 -3.83 -14.42 -2.93
C ASN A 619 -4.74 -15.01 -1.86
N ILE A 620 -4.24 -14.98 -0.62
CA ILE A 620 -4.91 -15.66 0.47
C ILE A 620 -6.29 -15.07 0.71
N TYR A 621 -6.45 -13.75 0.56
CA TYR A 621 -7.73 -13.11 0.79
C TYR A 621 -8.47 -12.72 -0.49
N GLY A 622 -8.00 -13.14 -1.66
CA GLY A 622 -8.59 -12.69 -2.91
C GLY A 622 -9.70 -13.62 -3.41
N GLU A 623 -10.32 -13.20 -4.51
CA GLU A 623 -11.27 -14.05 -5.24
C GLU A 623 -10.61 -15.36 -5.64
N PHE A 624 -11.37 -16.45 -5.58
CA PHE A 624 -10.84 -17.75 -5.96
C PHE A 624 -11.84 -18.40 -6.90
N LEU A 625 -11.45 -18.60 -8.15
CA LEU A 625 -12.37 -19.01 -9.22
C LEU A 625 -13.70 -18.26 -9.11
N LYS A 626 -13.60 -16.94 -9.17
CA LYS A 626 -14.77 -16.05 -9.15
C LYS A 626 -15.66 -16.25 -7.92
N ASN A 627 -15.12 -16.85 -6.86
CA ASN A 627 -15.81 -16.93 -5.58
C ASN A 627 -15.09 -16.09 -4.54
N ASN A 628 -15.86 -15.36 -3.75
CA ASN A 628 -15.29 -14.53 -2.71
C ASN A 628 -15.44 -15.20 -1.37
N ASN A 629 -14.59 -14.77 -0.43
CA ASN A 629 -14.74 -15.14 0.96
C ASN A 629 -14.55 -16.63 1.14
N VAL A 630 -13.77 -17.23 0.26
CA VAL A 630 -13.43 -18.64 0.37
C VAL A 630 -12.40 -18.80 1.49
N ILE A 631 -12.75 -19.57 2.52
CA ILE A 631 -11.92 -19.80 3.71
C ILE A 631 -11.78 -18.53 4.52
N PHE A 632 -11.27 -17.47 3.91
CA PHE A 632 -11.18 -16.17 4.57
C PHE A 632 -12.09 -15.19 3.86
N ASN A 633 -12.59 -14.21 4.60
CA ASN A 633 -13.31 -13.14 3.94
C ASN A 633 -12.32 -12.25 3.20
N ASN A 634 -12.72 -11.83 1.99
CA ASN A 634 -11.87 -10.92 1.21
C ASN A 634 -11.50 -9.67 2.00
N ALA A 635 -12.32 -9.28 2.98
CA ALA A 635 -12.01 -8.10 3.78
C ALA A 635 -10.94 -8.35 4.84
N ALA A 636 -10.60 -9.61 5.11
CA ALA A 636 -9.62 -9.87 6.14
C ALA A 636 -8.30 -9.22 5.78
N LYS A 637 -7.70 -8.57 6.77
CA LYS A 637 -6.40 -7.95 6.64
C LYS A 637 -5.35 -8.66 7.47
N GLY A 638 -5.73 -9.73 8.14
CA GLY A 638 -4.77 -10.49 8.92
C GLY A 638 -5.48 -11.49 9.81
N LEU A 639 -4.66 -12.19 10.56
CA LEU A 639 -5.13 -13.18 11.52
C LEU A 639 -4.48 -12.88 12.85
N ALA A 640 -5.25 -13.00 13.93
CA ALA A 640 -4.73 -12.92 15.30
C ALA A 640 -5.33 -14.02 16.15
N THR A 641 -4.51 -14.53 17.08
CA THR A 641 -5.00 -15.47 18.08
C THR A 641 -6.08 -14.82 18.93
N THR A 642 -7.07 -15.63 19.30
CA THR A 642 -8.20 -15.16 20.08
C THR A 642 -7.83 -15.16 21.55
N GLU A 643 -7.92 -14.00 22.20
CA GLU A 643 -7.69 -13.93 23.64
C GLU A 643 -8.76 -14.73 24.38
N LYS A 644 -8.32 -15.50 25.37
CA LYS A 644 -9.25 -16.23 26.22
C LYS A 644 -10.32 -15.31 26.80
N LEU A 645 -9.95 -14.12 27.23
CA LEU A 645 -10.97 -13.24 27.81
C LEU A 645 -12.01 -12.82 26.77
N ASP A 646 -11.58 -12.59 25.52
CA ASP A 646 -12.55 -12.31 24.46
C ASP A 646 -13.43 -13.53 24.20
N PHE A 647 -12.83 -14.71 24.13
CA PHE A 647 -13.61 -15.95 24.09
C PHE A 647 -14.64 -15.96 25.22
N GLU A 648 -14.17 -15.74 26.45
CA GLU A 648 -15.05 -15.88 27.59
C GLU A 648 -16.15 -14.83 27.57
N LYS A 649 -15.83 -13.61 27.15
CA LYS A 649 -16.87 -12.61 26.98
C LYS A 649 -17.88 -13.04 25.91
N PHE A 650 -17.40 -13.60 24.79
CA PHE A 650 -18.34 -14.05 23.76
C PHE A 650 -19.26 -15.14 24.30
N LYS A 651 -18.74 -16.01 25.17
CA LYS A 651 -19.58 -17.04 25.77
C LYS A 651 -20.61 -16.44 26.71
N THR A 652 -20.24 -15.41 27.46
CA THR A 652 -21.22 -14.82 28.36
C THR A 652 -22.32 -14.15 27.58
N ILE A 653 -21.96 -13.41 26.52
CA ILE A 653 -22.96 -12.77 25.68
C ILE A 653 -23.94 -13.79 25.14
N HIS A 654 -23.43 -14.86 24.53
CA HIS A 654 -24.28 -15.94 24.05
C HIS A 654 -25.14 -16.52 25.17
N ASP A 655 -24.57 -16.69 26.37
CA ASP A 655 -25.35 -17.26 27.46
C ASP A 655 -26.54 -16.38 27.79
N VAL A 656 -26.32 -15.06 27.84
CA VAL A 656 -27.44 -14.15 28.11
C VAL A 656 -28.48 -14.25 27.00
N ILE A 657 -28.03 -14.40 25.75
CA ILE A 657 -28.94 -14.43 24.62
C ILE A 657 -29.65 -15.77 24.54
N SER A 658 -28.99 -16.85 24.92
CA SER A 658 -29.67 -18.14 25.03
C SER A 658 -30.69 -18.11 26.15
N SER A 659 -30.38 -17.42 27.24
CA SER A 659 -31.36 -17.24 28.31
C SER A 659 -32.63 -16.58 27.78
N CYS A 660 -32.49 -15.42 27.14
CA CYS A 660 -33.61 -14.76 26.48
C CYS A 660 -34.26 -15.62 25.41
N GLY A 661 -33.69 -16.79 25.09
CA GLY A 661 -34.22 -17.61 24.03
C GLY A 661 -34.09 -17.00 22.65
N LEU A 662 -33.01 -16.25 22.40
CA LEU A 662 -32.84 -15.54 21.14
C LEU A 662 -31.64 -16.07 20.33
N TYR B 5 14.86 14.01 23.59
CA TYR B 5 14.65 14.66 22.30
C TYR B 5 13.40 14.14 21.58
N LYS B 6 12.53 15.05 21.15
CA LYS B 6 11.25 14.72 20.55
C LYS B 6 11.37 14.70 19.03
N LEU B 7 11.27 13.51 18.45
CA LEU B 7 11.20 13.33 17.01
C LEU B 7 9.74 13.37 16.61
N CYS B 8 9.40 14.26 15.68
CA CYS B 8 8.06 14.36 15.16
C CYS B 8 7.89 13.35 14.04
N VAL B 9 6.75 12.68 14.03
CA VAL B 9 6.55 11.63 13.03
C VAL B 9 5.14 11.77 12.48
N PRO B 10 4.92 11.63 11.18
CA PRO B 10 3.54 11.54 10.70
C PRO B 10 2.84 10.39 11.41
N ALA B 11 1.66 10.70 11.96
CA ALA B 11 0.87 9.79 12.78
C ALA B 11 0.87 8.35 12.27
N ALA B 12 0.76 8.16 10.95
CA ALA B 12 0.58 6.81 10.42
C ALA B 12 1.83 5.94 10.57
N TYR B 13 2.96 6.53 10.98
CA TYR B 13 4.16 5.79 11.28
C TYR B 13 4.53 5.94 12.75
N MET B 14 3.58 6.38 13.57
CA MET B 14 3.79 6.40 14.99
C MET B 14 4.22 5.03 15.48
N LYS B 15 3.47 4.00 15.06
CA LYS B 15 3.81 2.63 15.44
C LYS B 15 5.24 2.31 15.06
N ASP B 16 5.65 2.67 13.84
CA ASP B 16 7.03 2.45 13.42
C ASP B 16 8.01 3.25 14.26
N CYS B 17 7.64 4.47 14.64
CA CYS B 17 8.54 5.27 15.47
C CYS B 17 8.73 4.60 16.83
N GLU B 18 7.66 4.05 17.39
CA GLU B 18 7.73 3.36 18.66
C GLU B 18 8.68 2.15 18.60
N GLN B 19 8.56 1.35 17.54
CA GLN B 19 9.48 0.22 17.38
C GLN B 19 10.92 0.69 17.28
N MET B 20 11.15 1.82 16.59
CA MET B 20 12.49 2.38 16.55
C MET B 20 12.99 2.69 17.95
N LEU B 21 12.08 3.14 18.83
CA LEU B 21 12.49 3.46 20.19
C LEU B 21 13.08 2.24 20.88
N GLU B 22 12.54 1.06 20.59
CA GLU B 22 13.09 -0.15 21.18
C GLU B 22 14.49 -0.44 20.67
N VAL B 23 14.79 -0.05 19.43
CA VAL B 23 16.07 -0.41 18.81
C VAL B 23 17.17 -0.04 19.79
N PRO B 24 17.98 -0.98 20.25
CA PRO B 24 19.01 -0.63 21.22
C PRO B 24 20.23 0.00 20.56
N THR B 25 20.81 0.97 21.25
CA THR B 25 21.92 1.73 20.71
C THR B 25 22.98 1.89 21.79
N LYS B 26 24.22 2.14 21.34
CA LYS B 26 25.29 2.45 22.27
C LYS B 26 24.98 3.71 23.07
N SER B 27 24.21 4.63 22.50
CA SER B 27 23.91 5.91 23.12
C SER B 27 22.69 5.80 24.03
N LYS B 28 22.79 6.35 25.23
CA LYS B 28 21.68 6.40 26.17
C LYS B 28 20.70 7.54 25.85
N VAL B 29 20.85 8.20 24.70
CA VAL B 29 19.96 9.30 24.33
C VAL B 29 18.55 8.75 24.17
N ALA B 30 17.60 9.32 24.91
CA ALA B 30 16.22 8.83 24.93
C ALA B 30 15.40 9.67 23.98
N LEU B 31 14.94 9.07 22.89
CA LEU B 31 14.05 9.74 21.96
C LEU B 31 12.60 9.62 22.39
N GLU B 32 11.77 10.50 21.86
CA GLU B 32 10.34 10.46 22.04
C GLU B 32 9.67 10.60 20.68
N CYS B 33 8.54 9.92 20.52
CA CYS B 33 7.80 9.92 19.27
C CYS B 33 6.58 10.82 19.42
N VAL B 34 6.61 11.95 18.72
CA VAL B 34 5.54 12.96 18.75
C VAL B 34 4.75 12.85 17.44
N PRO B 35 3.50 12.39 17.46
CA PRO B 35 2.73 12.31 16.22
C PRO B 35 2.14 13.64 15.79
N ALA B 36 2.14 13.85 14.48
CA ALA B 36 1.47 14.99 13.87
C ALA B 36 0.82 14.47 12.60
N ARG B 37 0.03 15.35 11.97
CA ARG B 37 -0.79 14.95 10.83
C ARG B 37 0.07 14.51 9.66
N ASP B 38 1.17 15.20 9.43
CA ASP B 38 2.05 14.97 8.30
C ASP B 38 3.29 15.83 8.53
N ARG B 39 4.24 15.77 7.61
CA ARG B 39 5.49 16.49 7.86
C ARG B 39 5.22 17.98 8.00
N VAL B 40 4.35 18.55 7.15
CA VAL B 40 4.12 20.00 7.19
C VAL B 40 3.73 20.45 8.60
N GLU B 41 2.88 19.67 9.29
CA GLU B 41 2.55 20.04 10.68
C GLU B 41 3.76 19.84 11.60
N CYS B 42 4.53 18.76 11.36
CA CYS B 42 5.73 18.53 12.16
C CYS B 42 6.63 19.76 12.20
N LEU B 43 6.80 20.42 11.04
CA LEU B 43 7.54 21.66 11.03
C LEU B 43 6.97 22.65 12.04
N SER B 44 5.65 22.75 12.11
CA SER B 44 5.01 23.63 13.09
C SER B 44 5.21 23.11 14.51
N PHE B 45 5.08 21.78 14.69
CA PHE B 45 5.37 21.20 16.00
C PHE B 45 6.82 21.46 16.40
N VAL B 46 7.75 21.40 15.45
CA VAL B 46 9.15 21.62 15.81
C VAL B 46 9.35 23.07 16.25
N GLN B 47 8.70 24.01 15.58
CA GLN B 47 8.89 25.41 15.89
C GLN B 47 8.23 25.79 17.22
N GLN B 48 7.09 25.21 17.54
CA GLN B 48 6.46 25.45 18.83
C GLN B 48 6.90 24.45 19.88
N ARG B 49 8.12 23.94 19.74
CA ARG B 49 8.74 23.04 20.71
C ARG B 49 7.86 21.88 21.13
N GLN B 50 6.76 21.62 20.41
CA GLN B 50 6.02 20.39 20.63
C GLN B 50 6.78 19.18 20.12
N ALA B 51 7.69 19.38 19.17
CA ALA B 51 8.69 18.39 18.84
C ALA B 51 10.02 19.11 18.79
N ASP B 52 11.09 18.31 18.78
CA ASP B 52 12.42 18.89 18.69
C ASP B 52 12.99 18.83 17.29
N PHE B 53 12.84 17.71 16.59
CA PHE B 53 13.40 17.59 15.25
C PHE B 53 12.50 16.72 14.38
N VAL B 54 12.77 16.78 13.08
CA VAL B 54 12.05 15.98 12.09
C VAL B 54 12.91 15.92 10.84
N PRO B 55 12.90 14.81 10.10
CA PRO B 55 13.59 14.79 8.81
C PRO B 55 12.90 15.71 7.80
N VAL B 56 13.68 16.13 6.80
CA VAL B 56 13.21 17.07 5.79
C VAL B 56 13.97 16.83 4.49
N ASP B 57 13.25 16.95 3.40
CA ASP B 57 13.83 17.22 2.11
C ASP B 57 14.20 18.70 2.02
N PRO B 58 15.07 19.07 1.09
CA PRO B 58 15.30 20.51 0.85
C PRO B 58 14.00 21.29 0.70
N GLU B 59 13.04 20.74 -0.05
CA GLU B 59 11.74 21.38 -0.20
C GLU B 59 11.09 21.66 1.15
N ASP B 60 11.29 20.75 2.11
CA ASP B 60 10.69 20.95 3.44
C ASP B 60 11.47 21.99 4.24
N MET B 61 12.79 22.04 4.06
CA MET B 61 13.54 23.14 4.66
C MET B 61 12.98 24.48 4.21
N TYR B 62 12.61 24.59 2.94
CA TYR B 62 12.02 25.83 2.45
C TYR B 62 10.75 26.16 3.22
N VAL B 63 9.81 25.22 3.26
CA VAL B 63 8.61 25.43 4.06
C VAL B 63 8.98 25.91 5.46
N ALA B 64 9.83 25.14 6.13
CA ALA B 64 10.27 25.49 7.48
C ALA B 64 10.87 26.89 7.55
N SER B 65 11.68 27.26 6.56
CA SER B 65 12.28 28.58 6.64
C SER B 65 11.24 29.68 6.51
N LYS B 66 10.07 29.38 5.97
CA LYS B 66 9.04 30.40 5.75
C LYS B 66 8.00 30.44 6.85
N ILE B 67 8.21 29.69 7.93
CA ILE B 67 7.23 29.62 9.02
C ILE B 67 7.34 30.90 9.85
N PRO B 68 6.21 31.48 10.29
CA PRO B 68 6.27 32.68 11.13
C PRO B 68 7.27 32.59 12.28
N ASN B 69 8.22 33.53 12.32
CA ASN B 69 9.14 33.70 13.44
C ASN B 69 9.88 32.40 13.77
N GLN B 70 10.26 31.66 12.73
CA GLN B 70 10.96 30.41 12.93
C GLN B 70 12.42 30.66 13.28
N ASP B 71 13.02 29.66 13.92
CA ASP B 71 14.43 29.68 14.29
C ASP B 71 15.06 28.32 14.00
N PHE B 72 14.61 27.71 12.91
CA PHE B 72 15.05 26.37 12.57
C PHE B 72 16.54 26.32 12.32
N VAL B 73 17.07 25.12 12.44
CA VAL B 73 18.44 24.83 12.01
C VAL B 73 18.46 23.45 11.36
N VAL B 74 19.30 23.32 10.36
CA VAL B 74 19.58 22.04 9.74
C VAL B 74 20.88 21.56 10.38
N PHE B 75 20.76 20.63 11.33
CA PHE B 75 21.90 20.16 12.11
C PHE B 75 22.42 18.82 11.63
N GLN B 76 21.71 18.17 10.73
CA GLN B 76 22.12 16.89 10.21
C GLN B 76 21.91 16.86 8.70
N GLU B 77 22.89 16.34 7.99
CA GLU B 77 22.77 16.03 6.58
C GLU B 77 22.78 14.52 6.43
N TYR B 78 22.01 14.04 5.46
CA TYR B 78 22.00 12.62 5.05
C TYR B 78 22.62 12.54 3.67
N ARG B 79 23.79 11.92 3.60
CA ARG B 79 24.56 11.77 2.37
C ARG B 79 24.71 10.30 2.02
N THR B 80 25.47 10.03 0.96
CA THR B 80 25.73 8.69 0.47
C THR B 80 27.12 8.23 0.87
N ASP B 81 27.28 6.91 1.02
CA ASP B 81 28.60 6.33 1.28
C ASP B 81 29.58 6.60 0.15
N GLU B 82 29.09 6.88 -1.07
CA GLU B 82 29.96 7.17 -2.18
C GLU B 82 30.43 8.62 -2.19
N GLU B 83 29.68 9.52 -1.57
CA GLU B 83 30.04 10.93 -1.46
C GLU B 83 29.76 11.38 -0.03
N PRO B 84 30.46 10.80 0.96
CA PRO B 84 30.19 11.18 2.35
C PRO B 84 30.68 12.58 2.70
N ASP B 85 31.54 13.18 1.89
CA ASP B 85 32.10 14.50 2.17
C ASP B 85 31.72 15.52 1.11
N ALA B 86 30.79 15.18 0.25
CA ALA B 86 30.26 16.13 -0.71
C ALA B 86 29.33 17.09 0.01
N PRO B 87 29.48 18.41 -0.17
CA PRO B 87 28.51 19.35 0.44
C PRO B 87 27.10 19.22 -0.10
N PHE B 88 26.92 18.69 -1.31
CA PHE B 88 25.62 18.64 -1.96
C PHE B 88 25.31 17.21 -2.40
N ARG B 89 24.02 16.90 -2.48
CA ARG B 89 23.60 15.64 -3.07
C ARG B 89 24.14 15.51 -4.49
N TYR B 90 23.91 16.50 -5.33
CA TYR B 90 24.51 16.47 -6.69
C TYR B 90 24.60 17.87 -7.26
N GLU B 91 25.65 18.07 -8.03
CA GLU B 91 25.92 19.33 -8.68
C GLU B 91 25.41 19.25 -10.10
N ALA B 92 24.60 20.23 -10.49
CA ALA B 92 24.15 20.33 -11.86
C ALA B 92 25.29 20.88 -12.71
N VAL B 93 25.38 20.39 -13.93
CA VAL B 93 26.40 20.83 -14.88
C VAL B 93 25.80 20.92 -16.27
N ILE B 94 26.33 21.85 -17.07
CA ILE B 94 26.15 21.92 -18.52
C ILE B 94 27.37 21.29 -19.16
N VAL B 95 27.16 20.46 -20.16
CA VAL B 95 28.25 19.77 -20.83
C VAL B 95 28.09 19.96 -22.34
N VAL B 96 29.21 20.19 -23.01
CA VAL B 96 29.22 20.49 -24.43
C VAL B 96 30.39 19.77 -25.07
N HIS B 97 30.43 19.81 -26.40
CA HIS B 97 31.66 19.48 -27.10
C HIS B 97 32.67 20.61 -26.93
N LYS B 98 33.94 20.25 -26.83
CA LYS B 98 34.99 21.26 -26.73
C LYS B 98 34.79 22.39 -27.74
N ASP B 99 34.72 22.05 -29.02
CA ASP B 99 34.79 23.02 -30.09
C ASP B 99 33.49 23.80 -30.30
N LEU B 100 32.57 23.74 -29.36
CA LEU B 100 31.31 24.44 -29.57
C LEU B 100 31.58 25.95 -29.60
N PRO B 101 31.31 26.64 -30.70
CA PRO B 101 31.42 28.10 -30.68
C PRO B 101 30.51 28.72 -29.64
N ILE B 102 30.88 28.62 -28.37
CA ILE B 102 30.10 29.16 -27.26
C ILE B 102 31.01 29.99 -26.36
N ASN B 103 30.64 31.24 -26.14
CA ASN B 103 31.38 32.12 -25.25
C ASN B 103 30.55 32.62 -24.08
N ASN B 104 29.25 32.82 -24.27
CA ASN B 104 28.32 33.21 -23.22
C ASN B 104 27.07 32.35 -23.36
N LEU B 105 26.46 32.01 -22.22
CA LEU B 105 25.35 31.06 -22.25
C LEU B 105 24.23 31.50 -23.16
N ASP B 106 24.14 32.79 -23.48
CA ASP B 106 23.17 33.27 -24.46
C ASP B 106 23.26 32.48 -25.76
N GLN B 107 24.44 31.96 -26.08
CA GLN B 107 24.65 31.20 -27.31
C GLN B 107 24.30 29.72 -27.15
N LEU B 108 23.54 29.37 -26.13
CA LEU B 108 22.85 28.08 -26.13
C LEU B 108 21.57 28.14 -26.96
N LYS B 109 21.10 29.34 -27.31
CA LYS B 109 19.92 29.45 -28.16
C LYS B 109 20.12 28.67 -29.44
N GLY B 110 19.03 28.07 -29.94
CA GLY B 110 19.04 27.29 -31.17
C GLY B 110 19.85 26.01 -31.16
N LEU B 111 20.42 25.58 -30.02
CA LEU B 111 21.19 24.35 -29.98
C LEU B 111 20.29 23.13 -29.75
N ARG B 112 20.92 21.96 -29.77
CA ARG B 112 20.26 20.67 -29.60
C ARG B 112 20.60 20.14 -28.21
N SER B 113 19.63 20.21 -27.30
CA SER B 113 19.86 19.99 -25.88
C SER B 113 19.44 18.59 -25.46
N CYS B 114 20.20 18.04 -24.52
CA CYS B 114 19.96 16.73 -23.93
C CYS B 114 19.67 16.92 -22.45
N HIS B 115 18.48 16.52 -22.01
CA HIS B 115 18.08 16.63 -20.62
C HIS B 115 17.86 15.25 -19.97
N THR B 116 17.73 15.25 -18.65
CA THR B 116 17.39 14.02 -17.94
C THR B 116 15.93 13.64 -18.15
N GLY B 117 15.04 14.58 -17.90
CA GLY B 117 13.62 14.34 -17.94
C GLY B 117 12.92 15.56 -17.39
N VAL B 118 11.60 15.59 -17.61
CA VAL B 118 10.84 16.75 -17.17
C VAL B 118 10.76 16.77 -15.66
N ASN B 119 10.60 17.98 -15.11
CA ASN B 119 10.42 18.19 -13.67
C ASN B 119 11.56 17.65 -12.85
N ARG B 120 12.69 17.38 -13.47
CA ARG B 120 13.85 16.90 -12.76
C ARG B 120 14.82 18.06 -12.53
N ASN B 121 15.76 17.86 -11.59
CA ASN B 121 16.55 18.95 -11.04
C ASN B 121 17.64 19.43 -12.01
N VAL B 122 18.71 18.63 -12.18
CA VAL B 122 19.82 19.09 -13.01
C VAL B 122 19.39 19.18 -14.46
N GLY B 123 18.48 18.31 -14.90
CA GLY B 123 18.10 18.27 -16.31
C GLY B 123 17.03 19.25 -16.73
N TYR B 124 16.30 19.81 -15.77
CA TYR B 124 15.15 20.60 -16.16
C TYR B 124 14.95 21.81 -15.26
N LYS B 125 14.81 21.60 -13.96
CA LYS B 125 14.44 22.72 -13.10
C LYS B 125 15.59 23.70 -12.97
N ILE B 126 16.79 23.21 -12.71
CA ILE B 126 17.95 24.10 -12.65
C ILE B 126 18.16 24.81 -13.99
N PRO B 127 18.20 24.12 -15.13
CA PRO B 127 18.23 24.85 -16.42
C PRO B 127 17.20 25.95 -16.54
N LEU B 128 15.92 25.68 -16.25
CA LEU B 128 14.92 26.72 -16.40
C LEU B 128 15.16 27.89 -15.45
N THR B 129 15.60 27.61 -14.21
CA THR B 129 15.90 28.67 -13.25
C THR B 129 16.97 29.61 -13.80
N MET B 130 18.11 29.06 -14.21
CA MET B 130 19.22 29.91 -14.65
C MET B 130 18.94 30.53 -16.00
N LEU B 131 18.63 29.71 -17.01
CA LEU B 131 18.41 30.22 -18.34
C LEU B 131 17.43 31.38 -18.36
N MET B 132 16.35 31.30 -17.57
CA MET B 132 15.27 32.27 -17.68
C MET B 132 15.71 33.69 -17.36
N LYS B 133 16.86 33.88 -16.72
CA LYS B 133 17.34 35.23 -16.45
C LYS B 133 18.39 35.69 -17.47
N ARG B 134 18.60 34.92 -18.55
CA ARG B 134 19.18 35.45 -19.76
C ARG B 134 18.04 36.04 -20.59
N ALA B 135 18.21 37.28 -21.05
CA ALA B 135 17.13 37.92 -21.79
C ALA B 135 16.89 37.29 -23.15
N VAL B 136 17.83 36.47 -23.64
CA VAL B 136 17.58 35.74 -24.88
C VAL B 136 16.77 34.46 -24.66
N PHE B 137 16.41 34.14 -23.37
CA PHE B 137 15.54 32.99 -23.15
C PHE B 137 14.10 33.43 -23.23
N PRO B 138 13.25 32.74 -24.00
CA PRO B 138 11.87 33.22 -24.17
C PRO B 138 11.17 33.54 -22.87
N LYS B 139 10.17 34.39 -22.94
CA LYS B 139 9.38 34.69 -21.77
C LYS B 139 8.35 33.59 -21.54
N MET B 140 7.87 33.50 -20.29
CA MET B 140 7.02 32.41 -19.83
C MET B 140 5.78 32.93 -19.11
N ASN B 141 5.42 34.18 -19.35
CA ASN B 141 4.28 34.81 -18.70
C ASN B 141 3.11 35.01 -19.66
N ASP B 142 2.98 34.12 -20.65
CA ASP B 142 1.85 34.15 -21.57
C ASP B 142 0.67 33.49 -20.85
N HIS B 143 -0.20 34.30 -20.28
CA HIS B 143 -1.25 33.76 -19.40
C HIS B 143 -2.47 33.25 -20.17
N SER B 144 -2.35 33.01 -21.49
CA SER B 144 -3.35 32.24 -22.22
C SER B 144 -3.10 30.74 -22.12
N ILE B 145 -1.87 30.34 -21.82
CA ILE B 145 -1.52 28.96 -21.51
C ILE B 145 -1.03 28.91 -20.07
N SER B 146 -1.04 27.69 -19.52
CA SER B 146 -0.63 27.46 -18.15
C SER B 146 0.85 27.75 -17.95
N PRO B 147 1.30 27.91 -16.70
CA PRO B 147 2.75 28.02 -16.47
C PRO B 147 3.52 26.85 -17.01
N LYS B 148 2.99 25.62 -16.90
CA LYS B 148 3.75 24.47 -17.37
C LYS B 148 4.00 24.56 -18.86
N GLU B 149 2.94 24.83 -19.62
CA GLU B 149 3.07 24.97 -21.08
C GLU B 149 4.13 26.02 -21.43
N ASN B 150 4.09 27.17 -20.73
CA ASN B 150 5.08 28.23 -20.95
C ASN B 150 6.51 27.70 -20.86
N GLU B 151 6.79 26.85 -19.88
CA GLU B 151 8.10 26.24 -19.82
C GLU B 151 8.36 25.40 -21.06
N LEU B 152 7.38 24.58 -21.44
CA LEU B 152 7.51 23.78 -22.65
C LEU B 152 7.69 24.66 -23.88
N LYS B 153 6.79 25.64 -24.05
CA LYS B 153 6.93 26.63 -25.11
C LYS B 153 8.34 27.19 -25.15
N ALA B 154 8.83 27.70 -24.01
CA ALA B 154 10.11 28.41 -23.99
C ALA B 154 11.25 27.51 -24.42
N LEU B 155 11.35 26.32 -23.81
CA LEU B 155 12.42 25.41 -24.18
C LEU B 155 12.33 25.04 -25.66
N SER B 156 11.09 24.92 -26.16
CA SER B 156 10.84 24.49 -27.53
C SER B 156 11.14 25.60 -28.53
N THR B 157 11.03 26.85 -28.09
CA THR B 157 11.39 28.01 -28.88
C THR B 157 12.83 28.46 -28.67
N PHE B 158 13.50 27.96 -27.63
CA PHE B 158 14.87 28.34 -27.33
C PHE B 158 15.89 27.33 -27.88
N PHE B 159 15.66 26.04 -27.66
CA PHE B 159 16.50 25.00 -28.26
C PHE B 159 15.89 24.53 -29.57
N ALA B 160 16.76 24.11 -30.50
CA ALA B 160 16.29 23.61 -31.78
C ALA B 160 15.63 22.25 -31.63
N LYS B 161 16.24 21.38 -30.82
CA LYS B 161 15.66 20.10 -30.47
C LYS B 161 16.12 19.74 -29.06
N SER B 162 15.33 18.92 -28.37
CA SER B 162 15.66 18.44 -27.05
C SER B 162 15.24 16.99 -26.91
N CYS B 163 15.70 16.38 -25.82
CA CYS B 163 15.08 15.18 -25.26
C CYS B 163 14.72 15.46 -23.80
N ILE B 164 13.43 15.61 -23.53
CA ILE B 164 12.92 15.84 -22.18
C ILE B 164 11.74 14.88 -21.99
N VAL B 165 12.01 13.66 -21.56
CA VAL B 165 10.96 12.65 -21.57
C VAL B 165 10.10 12.78 -20.31
N GLY B 166 9.00 12.06 -20.27
CA GLY B 166 8.23 11.93 -19.06
C GLY B 166 6.83 12.48 -19.22
N LYS B 167 6.10 12.48 -18.12
CA LYS B 167 4.73 12.99 -18.09
C LYS B 167 4.80 14.49 -17.85
N TRP B 168 4.62 15.26 -18.92
CA TRP B 168 4.63 16.71 -18.86
C TRP B 168 3.45 17.25 -18.08
N SER B 169 2.34 16.50 -18.04
CA SER B 169 1.15 16.93 -17.34
C SER B 169 0.56 15.75 -16.55
N PRO B 170 0.01 16.00 -15.37
CA PRO B 170 -0.70 14.93 -14.65
C PRO B 170 -1.97 14.47 -15.35
N ASP B 171 -2.44 15.20 -16.36
CA ASP B 171 -3.64 14.80 -17.10
C ASP B 171 -3.26 14.10 -18.39
N PRO B 172 -3.59 12.81 -18.57
CA PRO B 172 -3.22 12.12 -19.82
C PRO B 172 -3.60 12.88 -21.09
N LYS B 173 -4.85 13.37 -21.19
CA LYS B 173 -5.28 14.06 -22.39
C LYS B 173 -4.47 15.32 -22.62
N THR B 174 -4.28 16.13 -21.58
CA THR B 174 -3.38 17.27 -21.71
C THR B 174 -1.99 16.81 -22.09
N ASN B 175 -1.52 15.72 -21.49
CA ASN B 175 -0.15 15.29 -21.75
C ASN B 175 0.06 14.92 -23.20
N SER B 176 -0.94 14.28 -23.82
CA SER B 176 -0.79 13.90 -25.22
C SER B 176 -0.78 15.12 -26.14
N ALA B 177 -1.65 16.09 -25.89
CA ALA B 177 -1.69 17.29 -26.72
C ALA B 177 -0.33 17.98 -26.74
N TRP B 178 0.25 18.20 -25.57
CA TRP B 178 1.53 18.89 -25.48
C TRP B 178 2.63 18.08 -26.15
N LYS B 179 2.60 16.75 -25.96
CA LYS B 179 3.66 15.92 -26.49
C LYS B 179 3.76 16.10 -28.00
N SER B 180 2.62 16.25 -28.66
CA SER B 180 2.62 16.58 -30.08
C SER B 180 2.86 18.06 -30.32
N GLN B 181 2.16 18.94 -29.59
CA GLN B 181 2.32 20.38 -29.78
C GLN B 181 3.79 20.81 -29.76
N TYR B 182 4.58 20.28 -28.81
CA TYR B 182 5.99 20.64 -28.65
C TYR B 182 6.85 19.40 -28.87
N SER B 183 6.62 18.73 -29.99
CA SER B 183 7.23 17.45 -30.28
C SER B 183 8.74 17.52 -30.40
N HIS B 184 9.28 18.70 -30.73
CA HIS B 184 10.72 18.81 -30.91
C HIS B 184 11.45 18.69 -29.57
N LEU B 185 10.74 18.84 -28.46
CA LEU B 185 11.29 18.52 -27.15
C LEU B 185 11.61 17.05 -27.00
N CYS B 186 11.21 16.23 -27.99
CA CYS B 186 11.48 14.80 -27.97
C CYS B 186 12.44 14.35 -29.07
N SER B 187 12.78 15.22 -30.02
CA SER B 187 13.45 14.73 -31.23
C SER B 187 14.80 14.08 -30.92
N MET B 188 15.48 14.50 -29.85
CA MET B 188 16.77 13.94 -29.48
C MET B 188 16.68 12.63 -28.71
N CYS B 189 15.49 12.16 -28.40
CA CYS B 189 15.38 10.96 -27.58
C CYS B 189 15.63 9.72 -28.43
N GLU B 190 16.07 8.64 -27.77
CA GLU B 190 16.16 7.35 -28.46
C GLU B 190 14.85 6.98 -29.12
N HIS B 191 13.72 7.27 -28.47
CA HIS B 191 12.39 6.91 -28.99
C HIS B 191 11.52 8.17 -29.06
N PRO B 192 11.77 9.02 -30.06
CA PRO B 192 10.98 10.25 -30.20
C PRO B 192 9.49 10.02 -30.22
N GLU B 193 9.03 8.98 -30.93
CA GLU B 193 7.60 8.70 -31.05
C GLU B 193 6.92 8.49 -29.71
N ARG B 194 7.70 8.27 -28.67
CA ARG B 194 7.18 7.88 -27.37
C ARG B 194 7.50 8.89 -26.29
N CYS B 195 8.72 9.42 -26.28
CA CYS B 195 9.13 10.51 -25.41
C CYS B 195 8.81 10.19 -23.96
N ASP B 196 9.34 9.07 -23.48
CA ASP B 196 8.99 8.61 -22.14
C ASP B 196 9.99 7.56 -21.71
N TYR B 197 10.06 7.33 -20.40
CA TYR B 197 10.93 6.30 -19.89
C TYR B 197 10.37 4.95 -20.32
N PRO B 198 11.24 3.94 -20.51
CA PRO B 198 12.70 4.08 -20.54
C PRO B 198 13.19 4.63 -21.87
N ASP B 199 14.24 5.43 -21.85
CA ASP B 199 14.78 5.99 -23.09
C ASP B 199 16.27 6.16 -22.89
N ASN B 200 17.05 5.40 -23.67
CA ASN B 200 18.51 5.33 -23.49
C ASN B 200 19.21 6.69 -23.65
N TYR B 201 18.51 7.72 -24.12
CA TYR B 201 19.04 9.08 -24.22
C TYR B 201 18.41 10.04 -23.20
N SER B 202 17.72 9.52 -22.20
CA SER B 202 17.16 10.32 -21.12
C SER B 202 17.92 10.02 -19.83
N GLY B 203 17.61 10.76 -18.77
CA GLY B 203 18.26 10.51 -17.51
C GLY B 203 19.65 11.12 -17.48
N TYR B 204 20.35 10.90 -16.38
CA TYR B 204 21.70 11.51 -16.17
C TYR B 204 22.71 11.00 -17.21
N GLU B 205 22.91 9.69 -17.27
CA GLU B 205 23.80 9.15 -18.28
C GLU B 205 23.27 9.41 -19.69
N GLY B 206 21.98 9.18 -19.91
CA GLY B 206 21.41 9.29 -21.24
C GLY B 206 21.49 10.67 -21.84
N ALA B 207 21.55 11.71 -21.02
CA ALA B 207 21.87 13.02 -21.57
C ALA B 207 23.25 12.99 -22.20
N LEU B 208 24.17 12.23 -21.60
CA LEU B 208 25.55 12.23 -22.06
C LEU B 208 25.68 11.44 -23.35
N ARG B 209 25.12 10.22 -23.38
CA ARG B 209 25.00 9.46 -24.62
C ARG B 209 24.36 10.31 -25.71
N CYS B 210 23.21 10.93 -25.41
CA CYS B 210 22.58 11.87 -26.32
C CYS B 210 23.59 12.88 -26.85
N LEU B 211 24.49 13.34 -25.98
CA LEU B 211 25.49 14.30 -26.40
C LEU B 211 26.61 13.60 -27.19
N ALA B 212 27.12 12.50 -26.66
CA ALA B 212 28.29 11.84 -27.22
C ALA B 212 27.97 10.89 -28.37
N HIS B 213 26.70 10.63 -28.64
CA HIS B 213 26.35 9.61 -29.63
C HIS B 213 25.26 10.02 -30.59
N ASN B 214 24.45 11.02 -30.26
CA ASN B 214 23.22 11.31 -30.98
C ASN B 214 23.20 12.76 -31.44
N ASN B 215 24.38 13.36 -31.63
CA ASN B 215 24.51 14.67 -32.23
C ASN B 215 23.87 15.75 -31.37
N GLY B 216 23.77 15.52 -30.07
CA GLY B 216 23.44 16.61 -29.17
C GLY B 216 24.50 17.70 -29.20
N GLU B 217 24.11 18.88 -28.74
CA GLU B 217 25.05 19.99 -28.61
C GLU B 217 25.15 20.54 -27.19
N VAL B 218 24.24 20.17 -26.29
CA VAL B 218 24.37 20.57 -24.89
C VAL B 218 23.62 19.56 -24.02
N ALA B 219 24.26 19.17 -22.92
CA ALA B 219 23.80 18.13 -22.01
C ALA B 219 23.66 18.72 -20.62
N PHE B 220 22.43 18.72 -20.11
CA PHE B 220 22.11 19.21 -18.77
C PHE B 220 22.03 18.00 -17.86
N THR B 221 23.08 17.78 -17.07
CA THR B 221 23.17 16.59 -16.25
C THR B 221 23.92 16.86 -14.95
N LYS B 222 24.56 15.81 -14.44
CA LYS B 222 25.06 15.70 -13.10
C LYS B 222 26.55 15.40 -13.13
N VAL B 223 27.32 16.09 -12.28
CA VAL B 223 28.75 15.84 -12.21
C VAL B 223 29.05 14.35 -12.12
N ILE B 224 28.43 13.67 -11.16
CA ILE B 224 28.90 12.32 -10.84
C ILE B 224 28.80 11.39 -12.05
N PHE B 225 27.80 11.59 -12.91
CA PHE B 225 27.63 10.77 -14.11
C PHE B 225 28.51 11.27 -15.26
N THR B 226 28.64 12.59 -15.43
CA THR B 226 29.65 13.10 -16.35
C THR B 226 31.00 12.48 -16.07
N ARG B 227 31.37 12.37 -14.79
CA ARG B 227 32.64 11.75 -14.44
C ARG B 227 32.65 10.28 -14.79
N LYS B 228 31.59 9.56 -14.41
CA LYS B 228 31.53 8.12 -14.70
C LYS B 228 31.36 7.86 -16.19
N PHE B 229 30.76 8.79 -16.93
CA PHE B 229 30.66 8.62 -18.38
C PHE B 229 32.06 8.40 -18.98
N PHE B 230 33.10 8.90 -18.33
CA PHE B 230 34.46 8.71 -18.80
C PHE B 230 35.29 7.87 -17.83
N GLY B 231 34.62 7.09 -16.97
CA GLY B 231 35.32 6.16 -16.11
C GLY B 231 36.28 6.82 -15.14
N LEU B 232 36.07 8.09 -14.81
CA LEU B 232 36.86 8.78 -13.81
C LEU B 232 36.49 8.28 -12.41
N PRO B 233 37.29 8.61 -11.40
CA PRO B 233 36.87 8.36 -10.02
C PRO B 233 35.93 9.46 -9.55
N VAL B 234 35.04 9.08 -8.62
CA VAL B 234 34.16 10.04 -7.97
C VAL B 234 33.94 9.57 -6.56
N GLY B 235 34.06 10.48 -5.61
CA GLY B 235 33.98 10.16 -4.21
C GLY B 235 34.90 9.04 -3.81
N THR B 236 34.33 7.89 -3.43
CA THR B 236 35.08 6.69 -3.11
C THR B 236 34.98 5.65 -4.22
N THR B 237 34.66 6.07 -5.43
CA THR B 237 34.58 5.11 -6.51
C THR B 237 35.85 5.16 -7.33
N PRO B 238 36.50 4.00 -7.56
CA PRO B 238 37.78 4.02 -8.29
C PRO B 238 37.58 4.41 -9.73
N ALA B 239 38.63 4.26 -10.54
CA ALA B 239 38.51 4.52 -11.96
C ALA B 239 37.74 3.39 -12.64
N SER B 240 37.31 3.66 -13.86
CA SER B 240 36.63 2.66 -14.62
C SER B 240 37.11 2.81 -16.06
N PRO B 241 37.36 1.70 -16.76
CA PRO B 241 37.64 1.83 -18.19
C PRO B 241 36.46 2.45 -18.88
N SER B 242 36.72 3.28 -19.87
CA SER B 242 35.67 3.92 -20.64
C SER B 242 36.12 4.02 -22.08
N ASN B 243 35.14 4.11 -22.97
CA ASN B 243 35.41 4.28 -24.40
C ASN B 243 35.23 5.72 -24.86
N GLU B 244 34.75 6.60 -23.98
CA GLU B 244 34.60 8.01 -24.29
C GLU B 244 35.77 8.78 -23.70
N ASN B 245 36.14 9.87 -24.38
CA ASN B 245 37.37 10.60 -24.04
C ASN B 245 37.03 11.96 -23.47
N PRO B 246 37.33 12.24 -22.20
CA PRO B 246 36.95 13.55 -21.63
C PRO B 246 37.36 14.75 -22.47
N GLU B 247 38.42 14.62 -23.27
CA GLU B 247 38.93 15.74 -24.05
C GLU B 247 37.95 16.22 -25.10
N GLU B 248 36.96 15.40 -25.47
CA GLU B 248 35.97 15.83 -26.46
C GLU B 248 35.00 16.85 -25.87
N PHE B 249 34.82 16.84 -24.56
CA PHE B 249 33.77 17.62 -23.92
C PHE B 249 34.34 18.52 -22.83
N ARG B 250 33.67 19.65 -22.64
CA ARG B 250 33.96 20.57 -21.57
C ARG B 250 32.68 20.90 -20.82
N TYR B 251 32.81 21.16 -19.53
CA TYR B 251 31.75 21.85 -18.81
C TYR B 251 31.56 23.23 -19.42
N LEU B 252 30.31 23.62 -19.62
CA LEU B 252 30.00 24.99 -19.99
C LEU B 252 29.57 25.71 -18.71
N CYS B 253 30.35 26.69 -18.30
CA CYS B 253 30.17 27.34 -17.02
C CYS B 253 29.19 28.49 -17.14
N VAL B 254 28.77 28.98 -15.97
CA VAL B 254 27.85 30.11 -15.93
C VAL B 254 28.52 31.33 -16.52
N ASP B 255 29.85 31.42 -16.38
CA ASP B 255 30.67 32.33 -17.17
C ASP B 255 30.24 32.37 -18.63
N GLY B 256 30.31 31.21 -19.28
CA GLY B 256 30.48 31.11 -20.71
C GLY B 256 31.83 30.54 -21.07
N SER B 257 32.65 30.23 -20.07
CA SER B 257 33.92 29.55 -20.27
C SER B 257 33.67 28.05 -20.40
N LYS B 258 34.72 27.33 -20.78
CA LYS B 258 34.74 25.88 -20.66
C LYS B 258 35.72 25.51 -19.56
N ALA B 259 35.46 24.38 -18.93
CA ALA B 259 36.37 23.81 -17.96
C ALA B 259 36.55 22.34 -18.29
N PRO B 260 37.76 21.80 -18.17
CA PRO B 260 37.95 20.38 -18.43
C PRO B 260 36.88 19.56 -17.75
N ILE B 261 36.66 18.33 -18.22
CA ILE B 261 35.88 17.38 -17.43
C ILE B 261 36.72 16.84 -16.28
N THR B 262 38.03 16.68 -16.47
CA THR B 262 38.82 15.97 -15.48
C THR B 262 39.01 16.77 -14.19
N GLY B 263 39.02 18.11 -14.28
CA GLY B 263 39.23 18.96 -13.13
C GLY B 263 37.98 19.15 -12.29
N LYS B 264 37.94 20.27 -11.57
CA LYS B 264 36.82 20.61 -10.69
C LYS B 264 35.67 21.15 -11.54
N ALA B 265 34.53 20.49 -11.46
CA ALA B 265 33.38 20.91 -12.24
C ALA B 265 33.03 22.35 -11.94
N CYS B 266 32.75 23.13 -12.99
CA CYS B 266 32.00 24.35 -12.82
C CYS B 266 30.51 23.99 -12.87
N SER B 267 29.77 24.41 -11.86
CA SER B 267 28.39 23.98 -11.65
C SER B 267 27.57 25.19 -11.26
N TRP B 268 26.48 25.43 -11.96
CA TRP B 268 25.69 26.61 -11.65
C TRP B 268 24.74 26.42 -10.47
N ALA B 269 24.65 25.22 -9.91
CA ALA B 269 23.72 24.96 -8.80
C ALA B 269 23.82 23.48 -8.42
N ALA B 270 23.27 23.19 -7.25
CA ALA B 270 23.36 21.86 -6.70
C ALA B 270 22.04 21.52 -6.04
N ARG B 271 21.73 20.24 -6.02
CA ARG B 271 20.62 19.74 -5.23
C ARG B 271 21.11 19.45 -3.82
N PRO B 272 20.57 20.11 -2.78
CA PRO B 272 21.05 19.86 -1.43
C PRO B 272 20.71 18.46 -0.92
N TRP B 273 21.49 18.02 0.06
CA TRP B 273 21.17 16.79 0.76
C TRP B 273 19.96 16.99 1.65
N GLN B 274 19.20 15.90 1.80
CA GLN B 274 18.22 15.80 2.85
C GLN B 274 18.93 15.76 4.20
N GLY B 275 18.13 15.88 5.26
CA GLY B 275 18.64 15.59 6.58
C GLY B 275 17.60 15.82 7.66
N LEU B 276 18.05 16.42 8.77
CA LEU B 276 17.22 16.68 9.92
C LEU B 276 17.24 18.17 10.24
N ILE B 277 16.08 18.68 10.61
CA ILE B 277 15.89 20.06 11.02
C ILE B 277 15.40 20.07 12.46
N GLY B 278 15.81 21.09 13.20
CA GLY B 278 15.33 21.29 14.55
C GLY B 278 15.25 22.76 14.87
N HIS B 279 14.52 23.06 15.95
CA HIS B 279 14.49 24.40 16.48
C HIS B 279 15.84 24.75 17.09
N ASN B 280 16.03 26.05 17.37
CA ASN B 280 17.36 26.54 17.75
C ASN B 280 17.87 25.86 19.01
N ASP B 281 16.99 25.67 20.00
CA ASP B 281 17.41 25.19 21.32
C ASP B 281 18.01 23.79 21.27
N VAL B 282 18.01 23.14 20.09
CA VAL B 282 18.66 21.84 19.99
C VAL B 282 20.18 21.98 19.91
N LEU B 283 20.70 23.14 19.48
CA LEU B 283 22.14 23.27 19.23
C LEU B 283 22.95 23.02 20.48
N ALA B 284 22.49 23.54 21.63
CA ALA B 284 23.25 23.38 22.86
C ALA B 284 23.42 21.90 23.21
N LYS B 285 22.33 21.14 23.18
CA LYS B 285 22.37 19.72 23.52
C LYS B 285 22.39 18.85 22.27
N LEU B 286 23.23 19.21 21.29
CA LEU B 286 23.17 18.66 19.94
C LEU B 286 24.02 17.42 19.73
N ALA B 287 25.17 17.32 20.36
CA ALA B 287 26.13 16.28 19.99
C ALA B 287 25.65 14.87 20.34
N PRO B 288 24.92 14.68 21.44
CA PRO B 288 24.37 13.33 21.72
C PRO B 288 23.30 12.92 20.72
N LEU B 289 22.52 13.87 20.23
CA LEU B 289 21.44 13.54 19.30
C LEU B 289 21.98 13.08 17.96
N ARG B 290 23.07 13.67 17.50
CA ARG B 290 23.65 13.27 16.21
C ARG B 290 24.23 11.86 16.32
N GLU B 291 24.87 11.56 17.45
CA GLU B 291 25.41 10.23 17.67
C GLU B 291 24.30 9.18 17.66
N LYS B 292 23.19 9.46 18.33
CA LYS B 292 22.06 8.53 18.35
C LYS B 292 21.49 8.31 16.95
N VAL B 293 21.43 9.36 16.12
CA VAL B 293 20.88 9.21 14.78
C VAL B 293 21.85 8.41 13.91
N LYS B 294 23.15 8.65 14.05
CA LYS B 294 24.11 7.80 13.36
C LYS B 294 23.92 6.34 13.74
N GLN B 295 23.73 6.06 15.02
CA GLN B 295 23.68 4.67 15.45
C GLN B 295 22.47 3.99 14.85
N LEU B 296 21.32 4.68 14.87
CA LEU B 296 20.10 4.16 14.26
C LEU B 296 20.24 4.00 12.75
N ALA B 297 20.88 4.95 12.08
CA ALA B 297 21.03 4.84 10.63
C ALA B 297 21.87 3.62 10.27
N ASP B 298 23.01 3.47 10.94
CA ASP B 298 23.95 2.45 10.51
C ASP B 298 23.46 1.05 10.86
N SER B 299 22.83 0.88 12.03
CA SER B 299 22.33 -0.43 12.42
C SER B 299 21.08 -0.82 11.64
N GLY B 300 20.24 0.16 11.30
CA GLY B 300 19.10 -0.04 10.45
C GLY B 300 19.39 -0.05 8.97
N ALA B 301 20.67 -0.02 8.55
CA ALA B 301 20.98 -0.07 7.13
C ALA B 301 20.94 -1.50 6.60
N ALA B 302 21.06 -2.49 7.47
CA ALA B 302 20.77 -3.87 7.11
C ALA B 302 19.27 -4.10 7.26
N ASP B 303 18.62 -4.53 6.18
CA ASP B 303 17.18 -4.80 6.19
C ASP B 303 16.34 -3.53 6.07
N LYS B 304 16.74 -2.47 6.76
CA LYS B 304 16.04 -1.20 6.63
C LYS B 304 14.57 -1.35 7.05
N PRO B 305 14.27 -1.45 8.34
CA PRO B 305 12.88 -1.40 8.78
C PRO B 305 12.20 -0.13 8.31
N GLU B 306 10.89 -0.09 8.50
CA GLU B 306 10.12 1.03 7.96
C GLU B 306 10.47 2.33 8.65
N TRP B 307 10.85 2.30 9.94
CA TRP B 307 11.27 3.55 10.58
C TRP B 307 12.53 4.11 9.96
N PHE B 308 13.31 3.27 9.28
CA PHE B 308 14.47 3.74 8.52
C PHE B 308 14.06 4.82 7.52
N THR B 309 13.05 4.55 6.70
CA THR B 309 12.63 5.55 5.71
C THR B 309 11.52 6.45 6.23
N LYS B 310 10.47 5.86 6.82
CA LYS B 310 9.26 6.62 7.08
C LYS B 310 9.33 7.46 8.36
N VAL B 311 10.27 7.17 9.27
CA VAL B 311 10.41 7.92 10.52
C VAL B 311 11.68 8.78 10.51
N LEU B 312 12.82 8.20 10.11
CA LEU B 312 14.08 8.95 10.17
C LEU B 312 14.40 9.70 8.87
N GLY B 313 13.74 9.37 7.77
CA GLY B 313 14.01 10.10 6.55
C GLY B 313 15.31 9.72 5.88
N LEU B 314 15.82 8.54 6.18
CA LEU B 314 16.94 7.96 5.44
C LEU B 314 16.39 7.11 4.30
N SER B 315 17.28 6.65 3.43
CA SER B 315 16.91 5.80 2.32
C SER B 315 18.03 4.79 2.08
N GLU B 316 17.75 3.82 1.22
CA GLU B 316 18.74 2.78 0.94
C GLU B 316 20.01 3.39 0.39
N LYS B 317 19.88 4.40 -0.47
CA LYS B 317 21.02 5.04 -1.11
C LYS B 317 21.60 6.16 -0.26
N ILE B 318 20.75 6.87 0.48
CA ILE B 318 21.16 8.06 1.22
C ILE B 318 20.90 7.79 2.70
N HIS B 319 21.91 7.22 3.39
CA HIS B 319 21.76 7.00 4.83
C HIS B 319 23.07 7.18 5.59
N HIS B 320 24.01 7.95 5.07
CA HIS B 320 25.26 8.23 5.77
C HIS B 320 25.09 9.55 6.52
N VAL B 321 25.00 9.47 7.84
CA VAL B 321 24.69 10.61 8.67
C VAL B 321 25.97 11.44 8.82
N ALA B 322 26.09 12.48 8.01
CA ALA B 322 27.22 13.38 8.10
C ALA B 322 27.00 14.36 9.24
N ASP B 323 28.10 14.69 9.94
CA ASP B 323 28.11 15.81 10.87
C ASP B 323 28.55 17.04 10.07
N ASN B 324 27.56 17.73 9.53
CA ASN B 324 27.73 19.06 8.96
C ASN B 324 27.78 20.08 10.09
N ILE B 325 28.11 21.32 9.73
CA ILE B 325 27.98 22.42 10.69
C ILE B 325 26.52 22.84 10.73
N PRO B 326 25.94 23.08 11.91
CA PRO B 326 24.59 23.63 11.94
C PRO B 326 24.48 24.83 11.02
N ILE B 327 23.28 25.04 10.49
CA ILE B 327 23.04 26.09 9.50
C ILE B 327 21.54 26.33 9.43
N LYS B 328 21.17 27.59 9.23
CA LYS B 328 19.78 27.93 9.03
C LYS B 328 19.31 27.30 7.73
N PRO B 329 18.03 26.92 7.63
CA PRO B 329 17.57 26.23 6.42
C PRO B 329 17.81 27.02 5.15
N ILE B 330 17.37 28.28 5.11
CA ILE B 330 17.48 29.07 3.90
C ILE B 330 18.94 29.33 3.54
N ASP B 331 19.81 29.43 4.54
CA ASP B 331 21.23 29.55 4.22
C ASP B 331 21.74 28.25 3.62
N TYR B 332 21.32 27.12 4.20
CA TYR B 332 21.65 25.81 3.65
C TYR B 332 21.27 25.73 2.18
N LEU B 333 20.06 26.19 1.84
CA LEU B 333 19.58 26.11 0.45
C LEU B 333 20.30 27.12 -0.43
N ASN B 334 20.54 28.33 0.09
CA ASN B 334 21.26 29.35 -0.70
C ASN B 334 22.65 28.87 -1.07
N LYS B 335 23.36 28.28 -0.12
CA LYS B 335 24.66 27.64 -0.31
C LYS B 335 24.70 26.93 -1.64
N ALA B 336 23.61 26.26 -1.99
CA ALA B 336 23.53 25.44 -3.18
C ALA B 336 22.90 26.17 -4.36
N ASN B 337 22.61 27.47 -4.24
CA ASN B 337 21.80 28.17 -5.24
C ASN B 337 20.46 27.47 -5.45
N TYR B 338 20.04 26.65 -4.49
CA TYR B 338 18.80 25.89 -4.65
C TYR B 338 17.57 26.69 -4.27
N THR B 339 17.69 27.65 -3.35
CA THR B 339 16.56 28.51 -3.05
C THR B 339 15.94 29.07 -4.31
N GLU B 340 16.78 29.45 -5.29
CA GLU B 340 16.27 30.00 -6.56
C GLU B 340 15.46 28.97 -7.33
N VAL B 341 15.93 27.71 -7.32
CA VAL B 341 15.20 26.65 -8.02
C VAL B 341 13.83 26.48 -7.40
N ILE B 342 13.75 26.37 -6.08
CA ILE B 342 12.48 26.16 -5.41
C ILE B 342 11.54 27.32 -5.71
N GLU B 343 12.05 28.54 -5.58
CA GLU B 343 11.30 29.77 -5.82
C GLU B 343 11.10 30.08 -7.30
N ARG B 344 11.65 29.26 -8.20
CA ARG B 344 11.53 29.51 -9.62
C ARG B 344 10.09 29.81 -10.00
N GLY B 345 9.90 30.83 -10.83
CA GLY B 345 8.58 31.19 -11.32
C GLY B 345 8.64 31.48 -12.80
N HIS B 346 7.75 32.29 -13.34
CA HIS B 346 7.66 32.51 -14.78
C HIS B 346 7.52 33.98 -15.13
N GLY B 347 8.27 34.84 -14.44
CA GLY B 347 8.19 36.26 -14.70
C GLY B 347 6.98 36.88 -14.06
N ALA B 348 7.19 37.91 -13.23
CA ALA B 348 6.09 38.51 -12.50
C ALA B 348 5.14 39.25 -13.44
N PRO B 349 3.85 39.35 -13.10
CA PRO B 349 3.25 38.69 -11.93
C PRO B 349 3.16 37.16 -12.12
N GLU B 350 3.69 36.40 -11.16
CA GLU B 350 3.50 34.94 -11.19
C GLU B 350 2.01 34.63 -11.16
N LEU B 351 1.59 33.66 -11.97
CA LEU B 351 0.19 33.29 -12.06
C LEU B 351 -0.29 32.57 -10.79
N VAL B 352 -1.58 32.73 -10.49
CA VAL B 352 -2.22 32.09 -9.35
C VAL B 352 -3.47 31.36 -9.81
N VAL B 353 -3.86 30.38 -9.01
CA VAL B 353 -5.19 29.79 -9.07
C VAL B 353 -5.81 30.00 -7.71
N ARG B 354 -6.97 30.63 -7.67
CA ARG B 354 -7.66 30.95 -6.42
C ARG B 354 -8.72 29.88 -6.19
N LEU B 355 -8.45 28.98 -5.25
CA LEU B 355 -9.45 28.01 -4.82
C LEU B 355 -10.41 28.68 -3.85
N CYS B 356 -11.69 28.60 -4.12
CA CYS B 356 -12.67 29.05 -3.14
C CYS B 356 -12.81 27.96 -2.08
N VAL B 357 -12.57 28.30 -0.82
CA VAL B 357 -12.90 27.45 0.30
C VAL B 357 -14.00 28.13 1.11
N THR B 358 -14.62 27.37 2.02
CA THR B 358 -15.84 27.83 2.67
C THR B 358 -15.81 27.76 4.19
N SER B 359 -14.64 27.61 4.80
CA SER B 359 -14.57 27.48 6.24
C SER B 359 -13.22 28.00 6.70
N ASN B 360 -13.13 28.32 7.98
CA ASN B 360 -11.84 28.73 8.52
C ASN B 360 -10.84 27.59 8.38
N VAL B 361 -11.26 26.37 8.72
CA VAL B 361 -10.35 25.24 8.67
C VAL B 361 -9.94 24.94 7.23
N ALA B 362 -10.83 25.17 6.27
CA ALA B 362 -10.48 24.95 4.87
C ALA B 362 -9.47 25.99 4.39
N LEU B 363 -9.64 27.25 4.79
CA LEU B 363 -8.59 28.24 4.57
C LEU B 363 -7.24 27.74 5.07
N SER B 364 -7.19 27.31 6.34
CA SER B 364 -5.93 26.79 6.88
C SER B 364 -5.37 25.69 5.97
N LYS B 365 -6.22 24.74 5.58
CA LYS B 365 -5.74 23.61 4.77
C LYS B 365 -5.29 24.07 3.39
N CYS B 366 -6.13 24.85 2.72
CA CYS B 366 -5.73 25.45 1.45
C CYS B 366 -4.41 26.23 1.57
N ARG B 367 -4.24 26.99 2.65
CA ARG B 367 -2.98 27.72 2.79
C ARG B 367 -1.84 26.76 3.05
N ALA B 368 -2.07 25.67 3.80
CA ALA B 368 -0.99 24.71 4.02
C ALA B 368 -0.66 23.99 2.73
N MET B 369 -1.69 23.57 2.00
CA MET B 369 -1.54 23.01 0.67
C MET B 369 -0.71 23.91 -0.23
N SER B 370 -0.88 25.24 -0.09
CA SER B 370 -0.32 26.13 -1.09
C SER B 370 1.20 26.21 -0.96
N VAL B 371 1.71 26.33 0.28
CA VAL B 371 3.16 26.39 0.48
C VAL B 371 3.79 25.04 0.18
N PHE B 372 3.14 23.93 0.56
CA PHE B 372 3.69 22.64 0.19
C PHE B 372 3.80 22.53 -1.31
N ALA B 373 2.72 22.88 -2.02
CA ALA B 373 2.72 22.95 -3.49
C ALA B 373 3.86 23.80 -4.03
N PHE B 374 3.99 25.04 -3.53
CA PHE B 374 5.06 25.92 -4.01
C PHE B 374 6.42 25.30 -3.75
N SER B 375 6.63 24.78 -2.54
CA SER B 375 7.94 24.24 -2.19
C SER B 375 8.35 23.10 -3.13
N ARG B 376 7.38 22.37 -3.66
CA ARG B 376 7.62 21.17 -4.44
C ARG B 376 7.47 21.41 -5.92
N ASP B 377 7.63 22.67 -6.34
CA ASP B 377 7.73 23.05 -7.74
C ASP B 377 6.44 22.83 -8.52
N ILE B 378 5.30 23.03 -7.88
CA ILE B 378 4.02 23.03 -8.57
C ILE B 378 3.61 24.47 -8.84
N ARG B 379 3.25 24.75 -10.08
CA ARG B 379 2.77 26.06 -10.49
C ARG B 379 1.61 25.78 -11.44
N PRO B 380 0.53 26.58 -11.40
CA PRO B 380 0.29 27.84 -10.69
C PRO B 380 0.36 27.80 -9.18
N ILE B 381 0.91 28.88 -8.64
CA ILE B 381 0.75 29.17 -7.23
C ILE B 381 -0.72 29.05 -6.88
N LEU B 382 -1.01 28.52 -5.70
CA LEU B 382 -2.37 28.30 -5.24
C LEU B 382 -2.73 29.38 -4.22
N ASP B 383 -3.72 30.20 -4.54
CA ASP B 383 -4.26 31.14 -3.57
C ASP B 383 -5.62 30.64 -3.06
N CYS B 384 -6.01 31.16 -1.90
CA CYS B 384 -7.17 30.67 -1.17
C CYS B 384 -8.16 31.79 -0.86
N VAL B 385 -9.41 31.59 -1.26
CA VAL B 385 -10.50 32.53 -1.07
C VAL B 385 -11.52 31.91 -0.13
N GLN B 386 -11.96 32.67 0.87
CA GLN B 386 -12.94 32.21 1.85
C GLN B 386 -14.22 33.01 1.69
N GLU B 387 -15.22 32.40 1.06
CA GLU B 387 -16.60 32.84 1.12
C GLU B 387 -17.38 31.91 2.02
N ASN B 388 -18.55 32.35 2.48
CA ASN B 388 -19.18 31.67 3.59
C ASN B 388 -20.00 30.45 3.19
N SER B 389 -20.16 30.17 1.90
CA SER B 389 -20.95 29.01 1.51
C SER B 389 -20.57 28.56 0.12
N GLU B 390 -21.00 27.34 -0.21
CA GLU B 390 -21.00 26.90 -1.59
C GLU B 390 -21.44 28.01 -2.54
N ASP B 391 -22.59 28.63 -2.25
CA ASP B 391 -23.17 29.63 -3.15
C ASP B 391 -22.28 30.86 -3.27
N ALA B 392 -22.00 31.52 -2.15
CA ALA B 392 -21.07 32.65 -2.17
C ALA B 392 -19.83 32.29 -2.97
N CYS B 393 -19.35 31.05 -2.79
CA CYS B 393 -18.19 30.60 -3.54
C CYS B 393 -18.53 30.41 -5.00
N LEU B 394 -19.67 29.80 -5.30
CA LEU B 394 -20.06 29.66 -6.70
C LEU B 394 -20.23 31.02 -7.37
N LYS B 395 -20.64 32.04 -6.60
CA LYS B 395 -20.74 33.40 -7.11
C LYS B 395 -19.52 34.25 -6.76
N SER B 396 -18.50 33.66 -6.15
CA SER B 396 -17.16 34.25 -6.23
C SER B 396 -16.48 33.83 -7.52
N VAL B 397 -16.65 32.56 -7.90
CA VAL B 397 -16.22 32.11 -9.22
C VAL B 397 -16.97 32.86 -10.30
N GLN B 398 -18.19 33.31 -10.00
CA GLN B 398 -18.94 34.13 -10.95
C GLN B 398 -18.41 35.55 -10.97
N ASP B 399 -18.27 36.17 -9.79
CA ASP B 399 -17.69 37.50 -9.72
C ASP B 399 -16.19 37.47 -9.97
N ASN B 400 -15.71 36.47 -10.70
CA ASN B 400 -14.29 36.19 -10.86
C ASN B 400 -13.47 36.59 -9.65
N GLY B 401 -14.01 36.44 -8.45
CA GLY B 401 -13.29 36.69 -7.21
C GLY B 401 -12.51 35.50 -6.73
N SER B 402 -12.61 34.39 -7.45
CA SER B 402 -11.93 33.13 -7.19
C SER B 402 -12.11 32.30 -8.46
N ASP B 403 -11.21 31.35 -8.67
CA ASP B 403 -11.17 30.67 -9.96
C ASP B 403 -11.81 29.30 -9.94
N LEU B 404 -11.94 28.69 -8.76
CA LEU B 404 -12.64 27.43 -8.68
C LEU B 404 -13.25 27.29 -7.29
N ALA B 405 -14.24 26.41 -7.21
CA ALA B 405 -15.02 26.21 -6.00
C ALA B 405 -15.75 24.90 -6.19
N SER B 406 -15.98 24.16 -5.11
CA SER B 406 -16.43 22.79 -5.19
C SER B 406 -17.94 22.69 -4.98
N VAL B 407 -18.51 21.61 -5.52
CA VAL B 407 -19.94 21.32 -5.45
C VAL B 407 -20.09 19.82 -5.30
N ASP B 408 -21.06 19.40 -4.50
CA ASP B 408 -21.33 18.00 -4.25
C ASP B 408 -22.65 17.55 -4.86
N ASP B 409 -22.67 16.32 -5.35
CA ASP B 409 -23.93 15.63 -5.66
C ASP B 409 -24.66 16.25 -6.84
N MET B 410 -25.98 16.06 -6.89
CA MET B 410 -26.78 16.68 -7.94
C MET B 410 -26.52 18.18 -8.06
N ARG B 411 -26.02 18.81 -6.99
CA ARG B 411 -25.78 20.25 -7.06
C ARG B 411 -24.77 20.64 -8.14
N VAL B 412 -24.02 19.69 -8.70
CA VAL B 412 -23.03 20.04 -9.73
C VAL B 412 -23.74 20.68 -10.92
N ALA B 413 -24.67 19.96 -11.53
CA ALA B 413 -25.40 20.53 -12.66
C ALA B 413 -26.19 21.76 -12.24
N ALA B 414 -26.99 21.63 -11.18
CA ALA B 414 -27.69 22.76 -10.59
C ALA B 414 -26.76 23.96 -10.46
N ALA B 415 -25.52 23.72 -10.03
CA ALA B 415 -24.54 24.79 -9.99
C ALA B 415 -24.09 25.17 -11.40
N ALA B 416 -23.98 24.19 -12.29
CA ALA B 416 -23.57 24.45 -13.67
C ALA B 416 -24.55 25.37 -14.39
N LYS B 417 -25.85 25.09 -14.27
CA LYS B 417 -26.82 25.85 -15.05
C LYS B 417 -27.19 27.17 -14.38
N LYS B 418 -27.13 27.24 -13.05
CA LYS B 418 -27.44 28.49 -12.37
C LYS B 418 -26.39 29.56 -12.68
N TYR B 419 -25.11 29.23 -12.48
CA TYR B 419 -24.02 30.20 -12.60
C TYR B 419 -23.27 30.09 -13.91
N ASN B 420 -23.74 29.25 -14.84
CA ASN B 420 -23.06 29.04 -16.12
C ASN B 420 -21.60 28.66 -15.90
N LEU B 421 -21.38 27.75 -14.95
CA LEU B 421 -20.06 27.25 -14.62
C LEU B 421 -19.92 25.83 -15.16
N HIS B 422 -18.68 25.41 -15.38
CA HIS B 422 -18.41 24.08 -15.87
C HIS B 422 -17.43 23.35 -14.97
N PRO B 423 -17.52 22.03 -14.88
CA PRO B 423 -16.60 21.26 -14.04
C PRO B 423 -15.22 21.18 -14.68
N VAL B 424 -14.19 21.43 -13.87
CA VAL B 424 -12.82 21.22 -14.31
C VAL B 424 -12.31 19.84 -13.92
N PHE B 425 -12.49 19.45 -12.66
CA PHE B 425 -12.05 18.14 -12.21
C PHE B 425 -12.91 17.71 -11.03
N HIS B 426 -12.83 16.42 -10.72
CA HIS B 426 -13.65 15.82 -9.69
C HIS B 426 -12.85 14.76 -8.93
N GLU B 427 -13.34 14.42 -7.74
CA GLU B 427 -12.76 13.35 -6.93
C GLU B 427 -13.09 11.98 -7.50
N VAL B 428 -12.18 11.04 -7.31
CA VAL B 428 -12.47 9.65 -7.56
C VAL B 428 -12.29 8.90 -6.25
N TYR B 429 -12.85 7.69 -6.19
CA TYR B 429 -12.88 6.91 -4.96
C TYR B 429 -12.54 5.46 -5.26
N GLY B 430 -12.53 4.66 -4.20
CA GLY B 430 -12.40 3.22 -4.33
C GLY B 430 -11.05 2.81 -4.84
N GLU B 431 -10.74 1.51 -4.75
CA GLU B 431 -9.51 1.00 -5.34
C GLU B 431 -9.49 1.23 -6.85
N LEU B 432 -10.65 1.11 -7.51
CA LEU B 432 -10.68 1.35 -8.95
C LEU B 432 -10.35 2.78 -9.30
N LYS B 433 -10.29 3.69 -8.32
CA LYS B 433 -9.94 5.09 -8.56
C LYS B 433 -10.94 5.74 -9.53
N THR B 434 -12.22 5.40 -9.35
CA THR B 434 -13.30 5.84 -10.21
C THR B 434 -14.34 6.61 -9.41
N PRO B 435 -15.18 7.39 -10.07
CA PRO B 435 -16.37 7.92 -9.38
C PRO B 435 -17.25 6.76 -8.97
N ASN B 436 -18.22 7.04 -8.11
CA ASN B 436 -19.18 6.00 -7.80
C ASN B 436 -20.23 5.93 -8.91
N TYR B 437 -20.93 4.80 -8.96
CA TYR B 437 -21.90 4.52 -10.02
C TYR B 437 -23.22 4.04 -9.44
N ALA B 438 -24.30 4.63 -9.94
CA ALA B 438 -25.62 4.06 -9.75
C ALA B 438 -25.71 2.73 -10.49
N VAL B 439 -26.08 1.66 -9.79
CA VAL B 439 -26.15 0.33 -10.35
C VAL B 439 -27.51 -0.27 -10.03
N ALA B 440 -27.74 -1.47 -10.55
CA ALA B 440 -28.99 -2.21 -10.38
C ALA B 440 -28.63 -3.66 -10.10
N VAL B 441 -28.79 -4.09 -8.86
CA VAL B 441 -28.35 -5.40 -8.43
C VAL B 441 -29.51 -6.36 -8.56
N VAL B 442 -29.23 -7.55 -9.11
CA VAL B 442 -30.22 -8.62 -9.18
C VAL B 442 -29.58 -9.88 -8.66
N LYS B 443 -30.43 -10.85 -8.32
CA LYS B 443 -29.97 -12.15 -7.87
C LYS B 443 -29.37 -12.93 -9.05
N LYS B 444 -28.40 -13.80 -8.73
CA LYS B 444 -27.68 -14.55 -9.75
C LYS B 444 -28.56 -15.66 -10.34
N THR B 446 -31.97 -15.68 -12.35
CA THR B 446 -32.89 -14.59 -12.71
C THR B 446 -32.60 -14.09 -14.12
N ALA B 447 -33.66 -14.09 -14.92
CA ALA B 447 -33.54 -13.82 -16.36
C ALA B 447 -33.89 -12.36 -16.65
N TYR B 448 -33.12 -11.46 -16.04
CA TYR B 448 -33.24 -10.03 -16.28
C TYR B 448 -32.05 -9.61 -17.12
N ASN B 449 -32.33 -9.14 -18.34
CA ASN B 449 -31.28 -8.77 -19.28
C ASN B 449 -31.47 -7.39 -19.88
N LYS B 450 -32.66 -6.81 -19.82
CA LYS B 450 -32.90 -5.44 -20.24
C LYS B 450 -34.00 -4.87 -19.36
N ILE B 451 -34.19 -3.55 -19.46
CA ILE B 451 -35.11 -2.85 -18.56
C ILE B 451 -36.53 -3.42 -18.69
N ASP B 452 -36.94 -3.76 -19.89
CA ASP B 452 -38.31 -4.22 -20.09
C ASP B 452 -38.60 -5.50 -19.32
N ASP B 453 -37.56 -6.30 -19.03
CA ASP B 453 -37.76 -7.51 -18.24
C ASP B 453 -38.23 -7.16 -16.83
N LEU B 454 -37.88 -5.97 -16.33
CA LEU B 454 -38.25 -5.56 -15.00
C LEU B 454 -39.60 -4.89 -14.94
N ARG B 455 -40.19 -4.55 -16.08
CA ARG B 455 -41.53 -3.97 -16.09
C ARG B 455 -42.50 -4.85 -15.32
N GLY B 456 -43.25 -4.23 -14.41
CA GLY B 456 -44.21 -4.95 -13.60
C GLY B 456 -43.62 -5.82 -12.52
N LYS B 457 -42.29 -5.79 -12.33
CA LYS B 457 -41.66 -6.48 -11.21
C LYS B 457 -41.59 -5.52 -10.02
N LYS B 458 -40.78 -5.85 -9.01
CA LYS B 458 -40.65 -5.10 -7.77
C LYS B 458 -39.24 -4.57 -7.67
N SER B 459 -39.07 -3.43 -7.00
CA SER B 459 -37.77 -2.79 -6.95
C SER B 459 -37.45 -2.32 -5.54
N CYS B 460 -36.20 -2.48 -5.15
CA CYS B 460 -35.66 -1.98 -3.89
C CYS B 460 -34.76 -0.79 -4.20
N HIS B 461 -34.73 0.17 -3.28
CA HIS B 461 -34.04 1.42 -3.54
C HIS B 461 -33.22 1.84 -2.34
N SER B 462 -32.07 2.45 -2.61
CA SER B 462 -31.48 3.33 -1.61
C SER B 462 -32.41 4.52 -1.41
N SER B 463 -32.08 5.33 -0.40
CA SER B 463 -33.02 6.35 0.05
C SER B 463 -33.50 7.23 -1.11
N TYR B 464 -34.72 7.76 -0.94
CA TYR B 464 -35.29 8.68 -1.93
C TYR B 464 -34.42 9.91 -2.12
N SER B 465 -33.64 10.27 -1.11
CA SER B 465 -32.82 11.46 -1.19
C SER B 465 -31.51 11.24 -1.93
N THR B 466 -31.29 10.05 -2.49
CA THR B 466 -30.00 9.71 -3.07
C THR B 466 -30.07 9.64 -4.60
N PHE B 467 -28.90 9.89 -5.23
CA PHE B 467 -28.76 9.77 -6.67
C PHE B 467 -29.06 8.35 -7.14
N SER B 468 -28.35 7.36 -6.57
CA SER B 468 -28.52 5.99 -7.06
C SER B 468 -29.90 5.46 -6.71
N GLY B 469 -30.49 5.89 -5.60
CA GLY B 469 -31.75 5.33 -5.18
C GLY B 469 -32.93 5.87 -5.98
N LEU B 470 -32.90 7.16 -6.29
CA LEU B 470 -34.02 7.82 -6.96
C LEU B 470 -33.58 8.40 -8.30
N HIS B 471 -32.71 9.42 -8.32
CA HIS B 471 -32.41 10.10 -9.57
C HIS B 471 -32.10 9.13 -10.69
N ALA B 472 -31.15 8.22 -10.48
CA ALA B 472 -30.65 7.40 -11.58
C ALA B 472 -31.72 6.47 -12.14
N PRO B 473 -32.42 5.65 -11.35
CA PRO B 473 -33.50 4.85 -11.94
C PRO B 473 -34.55 5.72 -12.59
N LEU B 474 -34.84 6.87 -11.98
CA LEU B 474 -35.83 7.80 -12.53
C LEU B 474 -35.39 8.27 -13.90
N PHE B 475 -34.22 8.90 -13.95
CA PHE B 475 -33.71 9.42 -15.21
C PHE B 475 -33.60 8.32 -16.25
N TYR B 476 -33.03 7.17 -15.87
CA TYR B 476 -32.84 6.11 -16.85
C TYR B 476 -34.17 5.77 -17.50
N LEU B 477 -35.23 5.72 -16.71
CA LEU B 477 -36.53 5.33 -17.24
C LEU B 477 -37.14 6.46 -18.07
N ILE B 478 -37.05 7.70 -17.58
CA ILE B 478 -37.57 8.84 -18.32
C ILE B 478 -36.84 9.01 -19.65
N ASN B 479 -35.53 8.79 -19.63
CA ASN B 479 -34.71 9.00 -20.81
C ASN B 479 -34.99 7.92 -21.85
N LYS B 480 -35.18 6.68 -21.40
CA LYS B 480 -35.59 5.58 -22.28
C LYS B 480 -37.04 5.67 -22.71
N ARG B 481 -37.80 6.62 -22.19
CA ARG B 481 -39.23 6.75 -22.50
C ARG B 481 -40.01 5.52 -22.08
N ALA B 482 -39.56 4.85 -21.00
CA ALA B 482 -40.29 3.71 -20.44
C ALA B 482 -41.44 4.15 -19.56
N ILE B 483 -41.34 5.34 -18.97
CA ILE B 483 -42.42 5.94 -18.21
C ILE B 483 -42.52 7.38 -18.69
N GLN B 484 -43.68 7.99 -18.43
CA GLN B 484 -43.84 9.40 -18.76
C GLN B 484 -42.78 10.24 -18.05
N SER B 485 -42.60 11.48 -18.51
CA SER B 485 -41.68 12.42 -17.89
C SER B 485 -42.39 13.34 -16.91
N ASP B 486 -43.71 13.19 -16.77
CA ASP B 486 -44.56 13.80 -15.76
C ASP B 486 -44.61 12.89 -14.53
N HIS B 487 -45.20 13.41 -13.44
CA HIS B 487 -45.55 12.64 -12.25
C HIS B 487 -44.61 11.46 -12.09
N CYS B 488 -43.32 11.78 -11.89
CA CYS B 488 -42.29 10.78 -12.11
C CYS B 488 -42.33 9.70 -11.04
N VAL B 489 -42.52 10.07 -9.78
CA VAL B 489 -42.49 9.07 -8.72
C VAL B 489 -43.67 8.11 -8.88
N LYS B 490 -44.87 8.64 -9.11
CA LYS B 490 -46.00 7.74 -9.35
C LYS B 490 -45.74 6.85 -10.55
N ASN B 491 -45.13 7.40 -11.62
CA ASN B 491 -44.88 6.58 -12.81
C ASN B 491 -43.80 5.54 -12.52
N LEU B 492 -42.85 5.86 -11.66
CA LEU B 492 -41.94 4.83 -11.17
C LEU B 492 -42.71 3.64 -10.61
N GLY B 493 -43.61 3.90 -9.65
CA GLY B 493 -44.40 2.80 -9.08
C GLY B 493 -45.15 2.02 -10.14
N GLU B 494 -45.73 2.72 -11.13
CA GLU B 494 -46.51 2.05 -12.17
C GLU B 494 -45.64 1.10 -12.98
N PHE B 495 -44.39 1.50 -13.25
CA PHE B 495 -43.48 0.62 -13.97
C PHE B 495 -43.15 -0.61 -13.14
N PHE B 496 -42.69 -0.42 -11.90
CA PHE B 496 -42.56 -1.50 -10.93
C PHE B 496 -43.90 -1.69 -10.21
N SER B 497 -44.90 -2.05 -11.02
CA SER B 497 -46.28 -2.17 -10.56
C SER B 497 -46.45 -3.19 -9.44
N GLY B 498 -45.55 -4.17 -9.33
CA GLY B 498 -45.56 -5.09 -8.22
C GLY B 498 -45.30 -4.45 -6.88
N GLY B 499 -44.97 -3.16 -6.87
CA GLY B 499 -44.66 -2.43 -5.66
C GLY B 499 -43.15 -2.27 -5.48
N SER B 500 -42.78 -1.25 -4.71
CA SER B 500 -41.38 -0.91 -4.49
C SER B 500 -41.11 -0.65 -3.01
N CYS B 501 -39.83 -0.57 -2.66
CA CYS B 501 -39.37 0.02 -1.41
C CYS B 501 -38.45 1.18 -1.75
N LEU B 502 -38.99 2.39 -1.62
CA LEU B 502 -38.27 3.63 -1.88
C LEU B 502 -38.13 4.37 -0.55
N PRO B 503 -37.10 4.09 0.23
CA PRO B 503 -37.02 4.66 1.59
C PRO B 503 -37.10 6.18 1.57
N GLY B 504 -37.94 6.71 2.46
CA GLY B 504 -38.11 8.13 2.56
C GLY B 504 -39.15 8.73 1.64
N VAL B 505 -39.85 7.91 0.84
CA VAL B 505 -40.71 8.46 -0.20
C VAL B 505 -41.95 9.09 0.40
N ASP B 506 -42.43 8.57 1.53
CA ASP B 506 -43.58 9.11 2.23
C ASP B 506 -43.20 10.15 3.30
N LYS B 507 -41.93 10.47 3.46
CA LYS B 507 -41.58 11.55 4.36
C LYS B 507 -42.26 12.85 3.89
N PRO B 508 -42.53 13.81 4.81
CA PRO B 508 -42.94 15.16 4.39
C PRO B 508 -41.97 15.76 3.38
N GLU B 509 -42.28 15.52 2.11
CA GLU B 509 -41.36 15.73 0.98
C GLU B 509 -41.98 15.08 -0.24
N ASN B 510 -42.94 14.20 0.02
CA ASN B 510 -43.91 13.78 -0.98
C ASN B 510 -44.96 14.88 -1.13
N GLY B 514 -48.52 16.57 -0.36
CA GLY B 514 -48.53 15.40 -1.22
C GLY B 514 -49.29 14.22 -0.64
N ASP B 515 -49.41 13.14 -1.40
CA ASP B 515 -50.10 11.95 -0.89
C ASP B 515 -50.00 10.84 -1.93
N ASP B 516 -50.40 9.63 -1.51
CA ASP B 516 -50.61 8.52 -2.43
C ASP B 516 -49.30 7.91 -2.94
N VAL B 517 -48.48 7.36 -2.04
CA VAL B 517 -47.17 6.80 -2.41
C VAL B 517 -47.02 5.38 -1.85
N SER B 518 -48.10 4.83 -1.31
CA SER B 518 -48.04 3.52 -0.68
C SER B 518 -47.39 2.47 -1.58
N LYS B 519 -47.56 2.58 -2.90
CA LYS B 519 -47.03 1.54 -3.77
C LYS B 519 -45.52 1.49 -3.71
N LEU B 520 -44.88 2.62 -3.38
CA LEU B 520 -43.44 2.71 -3.41
C LEU B 520 -42.78 2.38 -2.09
N LYS B 521 -43.56 2.20 -1.02
CA LYS B 521 -43.06 1.68 0.24
C LYS B 521 -43.72 0.36 0.60
N LYS B 522 -44.59 -0.14 -0.29
CA LYS B 522 -45.30 -1.40 -0.12
C LYS B 522 -44.37 -2.59 0.06
N GLN B 523 -43.06 -2.45 -0.25
CA GLN B 523 -42.13 -3.57 -0.19
C GLN B 523 -41.06 -3.39 0.87
N CYS B 524 -41.16 -2.36 1.72
CA CYS B 524 -40.10 -2.09 2.68
C CYS B 524 -40.13 -3.06 3.85
N GLY B 525 -41.30 -3.65 4.14
CA GLY B 525 -41.37 -4.73 5.10
C GLY B 525 -40.82 -4.32 6.45
N SER B 526 -40.00 -5.20 7.04
CA SER B 526 -39.40 -4.95 8.35
C SER B 526 -38.06 -4.22 8.27
N ASP B 527 -37.41 -4.24 7.12
CA ASP B 527 -36.06 -3.70 6.97
C ASP B 527 -35.96 -3.11 5.57
N SER B 528 -35.97 -1.79 5.48
CA SER B 528 -36.05 -1.10 4.19
C SER B 528 -34.70 -1.01 3.48
N SER B 529 -33.67 -1.66 3.97
CA SER B 529 -32.38 -1.64 3.28
C SER B 529 -32.50 -2.30 1.91
N ALA B 530 -31.84 -1.70 0.93
CA ALA B 530 -31.93 -2.20 -0.44
C ALA B 530 -31.49 -3.66 -0.51
N TRP B 531 -30.44 -4.01 0.22
CA TRP B 531 -29.92 -5.37 0.13
C TRP B 531 -30.84 -6.37 0.81
N LYS B 532 -31.34 -6.04 2.00
CA LYS B 532 -32.26 -6.95 2.67
C LYS B 532 -33.57 -7.05 1.88
N CYS B 533 -34.01 -5.94 1.29
CA CYS B 533 -35.19 -5.96 0.44
C CYS B 533 -35.02 -6.91 -0.73
N LEU B 534 -33.82 -6.93 -1.33
CA LEU B 534 -33.58 -7.85 -2.45
C LEU B 534 -33.36 -9.26 -1.94
N GLU B 535 -32.63 -9.40 -0.83
CA GLU B 535 -32.36 -10.71 -0.25
C GLU B 535 -33.65 -11.47 0.01
N GLU B 536 -34.67 -10.76 0.50
CA GLU B 536 -35.92 -11.39 0.90
C GLU B 536 -36.91 -11.50 -0.25
N ASP B 537 -36.49 -11.17 -1.46
CA ASP B 537 -37.35 -11.13 -2.65
C ASP B 537 -38.52 -10.19 -2.47
N ARG B 538 -38.41 -9.24 -1.54
CA ARG B 538 -39.33 -8.12 -1.50
C ARG B 538 -39.12 -7.20 -2.68
N GLY B 539 -37.99 -7.32 -3.36
CA GLY B 539 -37.84 -6.77 -4.68
C GLY B 539 -37.15 -7.79 -5.58
N ASP B 540 -37.16 -7.48 -6.87
CA ASP B 540 -36.38 -8.23 -7.85
C ASP B 540 -35.16 -7.45 -8.35
N VAL B 541 -35.12 -6.15 -8.14
CA VAL B 541 -33.97 -5.33 -8.46
C VAL B 541 -33.74 -4.38 -7.29
N ALA B 542 -32.48 -4.05 -7.06
CA ALA B 542 -32.09 -3.07 -6.06
C ALA B 542 -31.28 -1.98 -6.75
N PHE B 543 -31.72 -0.73 -6.61
CA PHE B 543 -31.00 0.42 -7.16
C PHE B 543 -30.21 1.06 -6.02
N VAL B 544 -28.91 0.82 -6.00
CA VAL B 544 -28.03 1.30 -4.94
C VAL B 544 -26.82 1.94 -5.60
N SER B 545 -25.99 2.56 -4.77
CA SER B 545 -24.71 3.04 -5.23
C SER B 545 -23.67 1.92 -5.27
N SER B 546 -22.73 2.08 -6.20
CA SER B 546 -21.54 1.22 -6.24
C SER B 546 -20.88 1.11 -4.87
N ALA B 547 -20.84 2.20 -4.12
CA ALA B 547 -20.19 2.23 -2.82
C ALA B 547 -20.89 1.35 -1.79
N ASP B 548 -22.11 0.89 -2.05
CA ASP B 548 -22.84 0.04 -1.12
C ASP B 548 -22.84 -1.42 -1.52
N LEU B 549 -22.05 -1.79 -2.53
CA LEU B 549 -22.09 -3.13 -3.06
C LEU B 549 -21.50 -4.18 -2.11
N SER B 550 -20.72 -3.77 -1.10
CA SER B 550 -20.19 -4.71 -0.11
C SER B 550 -21.29 -5.37 0.72
N HIS B 551 -22.48 -4.77 0.77
CA HIS B 551 -23.63 -5.38 1.38
C HIS B 551 -24.21 -6.56 0.57
N PHE B 552 -23.70 -6.83 -0.62
CA PHE B 552 -24.19 -7.92 -1.44
C PHE B 552 -23.10 -8.97 -1.62
N ASP B 553 -23.42 -10.22 -1.28
CA ASP B 553 -22.52 -11.34 -1.54
C ASP B 553 -22.29 -11.49 -3.05
N ALA B 554 -21.05 -11.22 -3.48
CA ALA B 554 -20.73 -11.29 -4.91
C ALA B 554 -20.93 -12.68 -5.50
N ASN B 555 -20.93 -13.71 -4.66
CA ASN B 555 -21.16 -15.07 -5.14
C ASN B 555 -22.62 -15.34 -5.47
N GLN B 556 -23.52 -14.42 -5.07
CA GLN B 556 -24.96 -14.62 -5.21
C GLN B 556 -25.66 -13.47 -5.92
N TYR B 557 -24.96 -12.40 -6.25
CA TYR B 557 -25.58 -11.26 -6.89
C TYR B 557 -24.78 -10.83 -8.11
N GLU B 558 -25.47 -10.21 -9.06
CA GLU B 558 -24.83 -9.64 -10.24
C GLU B 558 -25.48 -8.30 -10.56
N LEU B 559 -24.72 -7.45 -11.22
CA LEU B 559 -25.25 -6.18 -11.68
C LEU B 559 -25.98 -6.36 -13.01
N LEU B 560 -27.04 -5.58 -13.18
CA LEU B 560 -27.77 -5.51 -14.44
C LEU B 560 -27.18 -4.37 -15.25
N CYS B 561 -26.75 -4.68 -16.46
CA CYS B 561 -26.00 -3.74 -17.29
C CYS B 561 -26.98 -2.94 -18.16
N LEU B 562 -27.72 -2.08 -17.47
CA LEU B 562 -28.68 -1.20 -18.10
C LEU B 562 -28.01 -0.17 -19.01
N ASN B 563 -26.70 -0.01 -18.90
CA ASN B 563 -25.99 0.87 -19.83
C ASN B 563 -25.58 0.16 -21.10
N ARG B 564 -25.55 -1.18 -21.10
CA ARG B 564 -25.05 -1.92 -22.25
C ARG B 564 -26.15 -2.05 -23.32
N ASP B 565 -25.77 -1.80 -24.59
CA ASP B 565 -26.76 -1.82 -25.65
C ASP B 565 -27.52 -3.15 -25.70
N ALA B 566 -26.84 -4.26 -25.45
CA ALA B 566 -27.49 -5.58 -25.41
C ALA B 566 -27.83 -6.01 -23.99
N GLY B 567 -27.51 -5.21 -22.98
CA GLY B 567 -27.89 -5.52 -21.62
C GLY B 567 -27.15 -6.69 -21.02
N GLY B 568 -27.90 -7.71 -20.61
CA GLY B 568 -27.34 -8.81 -19.86
C GLY B 568 -26.90 -8.38 -18.47
N ARG B 569 -26.11 -9.25 -17.83
CA ARG B 569 -25.61 -8.99 -16.48
C ARG B 569 -24.09 -9.17 -16.41
N ASP B 570 -23.53 -8.78 -15.26
CA ASP B 570 -22.10 -8.91 -15.00
C ASP B 570 -21.89 -8.92 -13.48
N VAL B 571 -20.65 -9.12 -13.07
CA VAL B 571 -20.33 -9.30 -11.66
C VAL B 571 -20.37 -7.96 -10.93
N LEU B 572 -20.49 -8.06 -9.60
CA LEU B 572 -20.65 -6.88 -8.75
C LEU B 572 -19.51 -5.89 -8.92
N SER B 573 -18.29 -6.36 -9.21
CA SER B 573 -17.19 -5.43 -9.37
C SER B 573 -17.18 -4.72 -10.72
N SER B 574 -18.14 -5.01 -11.61
CA SER B 574 -18.18 -4.48 -12.97
C SER B 574 -18.98 -3.20 -13.08
N PHE B 575 -19.09 -2.42 -11.99
CA PHE B 575 -20.04 -1.31 -11.97
C PHE B 575 -19.64 -0.17 -12.91
N ALA B 576 -18.35 0.04 -13.15
CA ALA B 576 -17.99 1.12 -14.06
C ALA B 576 -18.50 0.88 -15.47
N THR B 577 -18.83 -0.37 -15.82
CA THR B 577 -19.34 -0.69 -17.15
C THR B 577 -20.65 -1.47 -17.14
N CYS B 578 -21.32 -1.54 -15.99
CA CYS B 578 -22.57 -2.30 -15.85
C CYS B 578 -23.35 -1.58 -14.76
N ASN B 579 -24.32 -0.77 -15.16
CA ASN B 579 -24.78 0.28 -14.28
C ASN B 579 -26.00 0.94 -14.86
N VAL B 580 -26.57 1.83 -14.07
CA VAL B 580 -27.60 2.74 -14.49
C VAL B 580 -27.03 4.09 -14.91
N ALA B 581 -26.13 4.64 -14.10
CA ALA B 581 -25.55 5.92 -14.47
C ALA B 581 -24.40 6.23 -13.54
N MET B 582 -23.45 7.01 -14.04
CA MET B 582 -22.35 7.42 -13.20
C MET B 582 -22.83 8.43 -12.18
N ALA B 583 -22.38 8.28 -10.98
CA ALA B 583 -22.77 9.24 -9.96
C ALA B 583 -21.83 10.44 -9.98
N PRO B 584 -22.34 11.63 -9.67
CA PRO B 584 -21.44 12.80 -9.57
C PRO B 584 -20.67 12.76 -8.26
N SER B 585 -19.35 12.82 -8.36
CA SER B 585 -18.48 13.02 -7.21
C SER B 585 -18.31 14.51 -6.93
N ARG B 586 -17.70 14.83 -5.79
CA ARG B 586 -17.38 16.22 -5.51
C ARG B 586 -16.59 16.80 -6.68
N THR B 587 -16.92 18.03 -7.05
CA THR B 587 -16.49 18.60 -8.32
C THR B 587 -16.15 20.07 -8.13
N TRP B 588 -15.00 20.48 -8.63
CA TRP B 588 -14.63 21.88 -8.64
C TRP B 588 -14.99 22.48 -9.99
N VAL B 589 -15.50 23.69 -9.98
CA VAL B 589 -16.08 24.31 -11.16
C VAL B 589 -15.53 25.72 -11.30
N ALA B 590 -15.40 26.16 -12.55
CA ALA B 590 -14.90 27.48 -12.89
C ALA B 590 -15.83 28.13 -13.92
N ALA B 591 -15.64 29.43 -14.12
CA ALA B 591 -16.38 30.19 -15.13
C ALA B 591 -15.80 29.95 -16.52
N LYS B 592 -16.56 30.38 -17.54
CA LYS B 592 -16.09 30.27 -18.92
C LYS B 592 -15.07 31.34 -19.26
N ASP B 593 -15.30 32.57 -18.83
CA ASP B 593 -14.35 33.66 -19.06
C ASP B 593 -13.44 33.73 -17.85
N PHE B 594 -12.27 33.10 -17.96
CA PHE B 594 -11.28 33.10 -16.89
C PHE B 594 -10.08 32.24 -17.27
N LEU B 595 -9.38 31.75 -16.26
CA LEU B 595 -8.29 30.80 -16.46
C LEU B 595 -8.79 29.57 -17.19
N SER B 596 -7.93 29.02 -18.04
CA SER B 596 -8.26 27.80 -18.75
C SER B 596 -8.38 26.64 -17.78
N ASP B 597 -8.97 25.56 -18.27
CA ASP B 597 -9.19 24.38 -17.42
C ASP B 597 -7.88 23.69 -17.09
N VAL B 598 -6.97 23.60 -18.06
CA VAL B 598 -5.64 23.06 -17.79
C VAL B 598 -4.97 23.82 -16.65
N SER B 599 -4.93 25.15 -16.75
CA SER B 599 -4.28 25.95 -15.73
C SER B 599 -5.00 25.82 -14.40
N ILE B 600 -6.30 25.56 -14.42
CA ILE B 600 -7.04 25.40 -13.19
C ILE B 600 -6.79 24.03 -12.57
N ALA B 601 -6.72 22.98 -13.40
CA ALA B 601 -6.59 21.62 -12.91
C ALA B 601 -5.17 21.25 -12.51
N HIS B 602 -4.16 21.95 -13.03
CA HIS B 602 -2.81 21.40 -13.00
C HIS B 602 -2.30 21.25 -11.57
N THR B 603 -2.53 22.24 -10.72
CA THR B 603 -1.94 22.19 -9.40
C THR B 603 -2.70 21.21 -8.52
N PRO B 604 -4.03 21.22 -8.51
CA PRO B 604 -4.74 20.11 -7.85
C PRO B 604 -4.29 18.73 -8.31
N LEU B 605 -4.30 18.46 -9.61
CA LEU B 605 -3.95 17.12 -10.07
C LEU B 605 -2.51 16.78 -9.74
N SER B 606 -1.58 17.73 -9.98
CA SER B 606 -0.18 17.48 -9.66
C SER B 606 0.00 17.16 -8.18
N LEU B 607 -0.74 17.88 -7.33
CA LEU B 607 -0.58 17.73 -5.89
C LEU B 607 -1.13 16.40 -5.43
N ALA B 608 -2.29 16.01 -5.95
CA ALA B 608 -2.86 14.73 -5.58
C ALA B 608 -1.97 13.59 -6.09
N GLN B 609 -1.44 13.72 -7.30
CA GLN B 609 -0.56 12.69 -7.79
C GLN B 609 0.76 12.68 -7.00
N MET B 610 1.20 13.83 -6.50
CA MET B 610 2.40 13.84 -5.68
C MET B 610 2.16 13.16 -4.34
N LEU B 611 1.04 13.46 -3.69
CA LEU B 611 0.78 12.92 -2.36
C LEU B 611 0.08 11.56 -2.43
N ALA B 612 -0.16 11.05 -3.63
CA ALA B 612 -0.75 9.74 -3.79
C ALA B 612 -0.01 8.72 -2.93
N THR B 613 1.31 8.70 -3.05
CA THR B 613 2.15 7.77 -2.29
C THR B 613 2.84 8.42 -1.10
N ARG B 614 2.95 9.75 -1.04
CA ARG B 614 3.58 10.41 0.10
C ARG B 614 2.57 11.19 0.93
N PRO B 615 1.51 10.55 1.45
CA PRO B 615 0.61 11.27 2.36
C PRO B 615 1.27 11.66 3.68
N ASP B 616 2.44 11.10 3.99
CA ASP B 616 3.16 11.54 5.18
C ASP B 616 3.75 12.94 5.02
N LEU B 617 4.05 13.35 3.78
CA LEU B 617 4.48 14.73 3.56
C LEU B 617 3.35 15.70 3.87
N PHE B 618 2.18 15.45 3.30
CA PHE B 618 1.00 16.27 3.54
C PHE B 618 -0.22 15.38 3.31
N ASN B 619 -1.05 15.21 4.33
CA ASN B 619 -2.20 14.31 4.24
C ASN B 619 -3.35 15.09 3.63
N ILE B 620 -3.45 14.98 2.31
CA ILE B 620 -4.36 15.80 1.55
C ILE B 620 -5.81 15.35 1.73
N TYR B 621 -6.03 14.07 2.00
CA TYR B 621 -7.36 13.54 2.21
C TYR B 621 -7.69 13.29 3.67
N GLY B 622 -6.74 13.45 4.57
CA GLY B 622 -6.97 13.09 5.96
C GLY B 622 -7.55 14.23 6.80
N GLU B 623 -7.91 13.88 8.04
CA GLU B 623 -8.38 14.86 9.01
C GLU B 623 -7.41 16.03 9.12
N PHE B 624 -7.95 17.24 9.15
CA PHE B 624 -7.17 18.45 9.23
C PHE B 624 -7.73 19.29 10.37
N LEU B 625 -6.89 19.62 11.34
CA LEU B 625 -7.30 20.42 12.50
C LEU B 625 -8.62 19.92 13.08
N LYS B 626 -8.71 18.60 13.24
CA LYS B 626 -9.83 17.94 13.89
C LYS B 626 -11.11 18.02 13.07
N ASN B 627 -11.01 18.40 11.79
CA ASN B 627 -12.14 18.37 10.86
C ASN B 627 -11.88 17.36 9.76
N ASN B 628 -12.95 16.69 9.34
CA ASN B 628 -12.92 15.73 8.25
C ASN B 628 -13.61 16.29 7.01
N ASN B 629 -13.23 15.74 5.86
CA ASN B 629 -13.81 16.13 4.57
C ASN B 629 -13.54 17.60 4.25
N VAL B 630 -12.37 18.07 4.64
CA VAL B 630 -11.99 19.46 4.43
C VAL B 630 -11.43 19.56 3.01
N ILE B 631 -12.10 20.38 2.18
CA ILE B 631 -11.75 20.59 0.77
C ILE B 631 -12.01 19.31 0.00
N PHE B 632 -11.26 18.25 0.30
CA PHE B 632 -11.50 16.93 -0.26
C PHE B 632 -12.16 16.04 0.79
N ASN B 633 -12.93 15.06 0.33
CA ASN B 633 -13.52 14.14 1.28
C ASN B 633 -12.47 13.15 1.74
N ASN B 634 -12.61 12.68 2.98
CA ASN B 634 -11.61 11.75 3.47
C ASN B 634 -11.48 10.53 2.57
N ALA B 635 -12.52 10.21 1.80
CA ALA B 635 -12.53 9.03 0.94
C ALA B 635 -11.93 9.27 -0.44
N ALA B 636 -11.70 10.51 -0.83
CA ALA B 636 -11.11 10.76 -2.15
C ALA B 636 -9.82 9.96 -2.30
N LYS B 637 -9.75 9.18 -3.37
CA LYS B 637 -8.53 8.48 -3.74
C LYS B 637 -7.71 9.22 -4.80
N GLY B 638 -8.24 10.31 -5.34
CA GLY B 638 -7.53 11.03 -6.38
C GLY B 638 -8.47 12.00 -7.05
N LEU B 639 -7.93 12.64 -8.09
CA LEU B 639 -8.66 13.63 -8.86
C LEU B 639 -8.55 13.25 -10.32
N ALA B 640 -9.57 13.62 -11.10
CA ALA B 640 -9.59 13.38 -12.52
C ALA B 640 -10.32 14.53 -13.20
N THR B 641 -9.99 14.76 -14.46
CA THR B 641 -10.68 15.78 -15.22
C THR B 641 -12.08 15.28 -15.58
N THR B 642 -13.09 16.12 -15.36
CA THR B 642 -14.46 15.82 -15.73
C THR B 642 -14.61 15.85 -17.26
N GLU B 643 -14.74 14.67 -17.88
CA GLU B 643 -14.82 14.61 -19.33
C GLU B 643 -16.09 15.31 -19.83
N LYS B 644 -16.03 15.82 -21.06
CA LYS B 644 -17.13 16.59 -21.63
C LYS B 644 -18.40 15.75 -21.73
N LEU B 645 -18.29 14.54 -22.29
CA LEU B 645 -19.46 13.70 -22.46
C LEU B 645 -20.08 13.30 -21.12
N ASP B 646 -19.27 13.22 -20.07
CA ASP B 646 -19.83 12.93 -18.74
C ASP B 646 -20.50 14.17 -18.16
N PHE B 647 -19.96 15.36 -18.43
CA PHE B 647 -20.63 16.59 -18.02
C PHE B 647 -21.94 16.80 -18.80
N GLU B 648 -22.08 16.16 -19.95
CA GLU B 648 -23.34 16.26 -20.68
C GLU B 648 -24.43 15.42 -20.02
N LYS B 649 -24.08 14.19 -19.62
CA LYS B 649 -25.05 13.31 -18.99
C LYS B 649 -25.57 13.92 -17.68
N PHE B 650 -24.68 14.48 -16.86
CA PHE B 650 -25.12 15.03 -15.59
C PHE B 650 -26.16 16.14 -15.81
N LYS B 651 -25.86 17.08 -16.71
CA LYS B 651 -26.83 18.15 -17.01
C LYS B 651 -28.14 17.56 -17.52
N THR B 652 -28.07 16.53 -18.36
CA THR B 652 -29.29 15.93 -18.86
C THR B 652 -30.05 15.27 -17.71
N ILE B 653 -29.34 14.57 -16.83
CA ILE B 653 -29.97 14.01 -15.63
C ILE B 653 -30.67 15.12 -14.86
N HIS B 654 -29.92 16.17 -14.51
CA HIS B 654 -30.48 17.21 -13.64
C HIS B 654 -31.70 17.88 -14.27
N ASP B 655 -31.69 18.13 -15.59
CA ASP B 655 -32.86 18.81 -16.14
C ASP B 655 -34.05 17.86 -16.22
N VAL B 656 -33.79 16.55 -16.38
CA VAL B 656 -34.85 15.54 -16.25
C VAL B 656 -35.42 15.55 -14.84
N ILE B 657 -34.55 15.64 -13.83
CA ILE B 657 -35.02 15.60 -12.45
C ILE B 657 -35.63 16.94 -12.03
N SER B 658 -35.20 18.04 -12.63
CA SER B 658 -35.92 19.31 -12.44
C SER B 658 -37.31 19.23 -13.05
N SER B 659 -37.41 18.76 -14.29
CA SER B 659 -38.69 18.55 -14.97
C SER B 659 -39.73 17.96 -14.02
N CYS B 660 -39.29 17.06 -13.13
CA CYS B 660 -40.16 16.32 -12.22
C CYS B 660 -40.53 17.11 -10.98
N GLY B 661 -39.82 18.20 -10.68
CA GLY B 661 -39.99 18.91 -9.43
C GLY B 661 -39.19 18.27 -8.32
#